data_4RK1
#
_entry.id   4RK1
#
_cell.length_a   123.371
_cell.length_b   95.243
_cell.length_c   123.602
_cell.angle_alpha   90.00
_cell.angle_beta   119.47
_cell.angle_gamma   90.00
#
_symmetry.space_group_name_H-M   'P 1 21 1'
#
loop_
_entity.id
_entity.type
_entity.pdbx_description
1 polymer 'Ribose transcriptional regulator'
2 non-polymer alpha-D-ribofuranose
3 non-polymer 'CHLORIDE ION'
4 water water
#
_entity_poly.entity_id   1
_entity_poly.type   'polypeptide(L)'
_entity_poly.pdbx_seq_one_letter_code
;S(MSE)ITKETKTIGVLVPDITNPFFSTL(MSE)RGIEDILYKQNFVTILCNADSDHQKEIEYLAELTRRGVDGFIIATS
AVSTDAINENLKKQGRPFIVLDQKKSEGFSDAVRTDDFRGGYLAG(MSE)HLLSLGHQTIALVYPENPPENVHARIEGFK
SALDVYQIPHDQLILLPTQFSKQGGYQITAELLDSAATGVFALNDELAFGLYRGLEEAGKSIPEDYSIIGYDNID(MSE)
CEYIKPKLTTIAQPIFELGQTSAKLLLDRIQFPEKEWEEKRLPVRFEKRFSTAPLK
;
_entity_poly.pdbx_strand_id   A,B,C,D,E,F
#
loop_
_chem_comp.id
_chem_comp.type
_chem_comp.name
_chem_comp.formula
CL non-polymer 'CHLORIDE ION' 'Cl -1'
RIB D-saccharide, alpha linking alpha-D-ribofuranose 'C5 H10 O5'
#
# COMPACT_ATOMS: atom_id res chain seq x y z
N LYS A 8 -1.73 -23.77 -38.94
CA LYS A 8 -1.31 -22.38 -39.29
C LYS A 8 -0.23 -21.76 -38.37
N THR A 9 0.39 -22.59 -37.51
CA THR A 9 1.46 -22.13 -36.63
C THR A 9 2.71 -22.96 -36.89
N ILE A 10 3.84 -22.28 -37.06
CA ILE A 10 5.13 -22.92 -37.26
C ILE A 10 6.03 -22.58 -36.08
N GLY A 11 6.70 -23.58 -35.54
CA GLY A 11 7.59 -23.38 -34.40
C GLY A 11 9.05 -23.35 -34.81
N VAL A 12 9.75 -22.31 -34.38
CA VAL A 12 11.17 -22.17 -34.66
C VAL A 12 11.93 -22.35 -33.37
N LEU A 13 12.83 -23.33 -33.33
CA LEU A 13 13.59 -23.63 -32.13
C LEU A 13 15.04 -23.22 -32.33
N VAL A 14 15.53 -22.26 -31.54
CA VAL A 14 16.89 -21.78 -31.66
C VAL A 14 17.66 -21.98 -30.35
N PRO A 15 19.00 -22.06 -30.44
CA PRO A 15 19.76 -22.26 -29.22
C PRO A 15 19.92 -20.99 -28.37
N ASP A 16 19.74 -19.82 -28.97
CA ASP A 16 20.08 -18.56 -28.28
C ASP A 16 19.44 -17.33 -28.94
N ILE A 17 18.26 -16.95 -28.47
CA ILE A 17 17.54 -15.79 -29.02
C ILE A 17 18.24 -14.43 -28.79
N THR A 18 19.16 -14.36 -27.83
CA THR A 18 19.92 -13.13 -27.57
C THR A 18 21.00 -12.87 -28.60
N ASN A 19 21.32 -13.85 -29.43
CA ASN A 19 22.28 -13.67 -30.50
C ASN A 19 21.59 -13.11 -31.75
N PRO A 20 22.04 -11.95 -32.24
CA PRO A 20 21.44 -11.34 -33.42
C PRO A 20 21.35 -12.26 -34.65
N PHE A 21 22.26 -13.24 -34.75
CA PHE A 21 22.15 -14.26 -35.77
C PHE A 21 20.79 -14.94 -35.76
N PHE A 22 20.33 -15.37 -34.58
CA PHE A 22 19.07 -16.10 -34.50
C PHE A 22 17.83 -15.23 -34.62
N SER A 23 17.89 -13.98 -34.17
CA SER A 23 16.77 -13.07 -34.39
C SER A 23 16.65 -12.67 -35.86
N THR A 24 17.78 -12.52 -36.56
CA THR A 24 17.76 -12.24 -38.00
C THR A 24 17.27 -13.45 -38.80
N LEU A 25 17.75 -14.64 -38.42
CA LEU A 25 17.21 -15.88 -38.96
C LEU A 25 15.70 -15.91 -38.85
N MSE A 26 15.20 -15.61 -37.66
CA MSE A 26 13.75 -15.56 -37.42
C MSE A 26 13.05 -14.61 -38.33
O MSE A 26 11.95 -14.91 -38.82
CB MSE A 26 13.48 -15.12 -35.99
CG MSE A 26 12.87 -16.28 -35.25
SE MSE A 26 11.00 -16.32 -35.82
CE MSE A 26 10.63 -14.99 -34.40
N ARG A 27 13.64 -13.44 -38.54
CA ARG A 27 13.04 -12.45 -39.46
C ARG A 27 12.92 -12.97 -40.89
N GLY A 28 13.92 -13.73 -41.35
CA GLY A 28 13.89 -14.31 -42.69
C GLY A 28 12.80 -15.37 -42.83
N ILE A 29 12.66 -16.19 -41.78
CA ILE A 29 11.58 -17.18 -41.71
C ILE A 29 10.22 -16.50 -41.74
N GLU A 30 10.02 -15.53 -40.85
CA GLU A 30 8.77 -14.77 -40.79
C GLU A 30 8.42 -14.13 -42.13
N ASP A 31 9.43 -13.58 -42.79
CA ASP A 31 9.26 -12.91 -44.10
C ASP A 31 8.52 -13.79 -45.09
N ILE A 32 8.85 -15.08 -45.10
CA ILE A 32 8.22 -16.02 -46.01
C ILE A 32 6.90 -16.54 -45.44
N LEU A 33 6.88 -16.93 -44.17
CA LEU A 33 5.71 -17.54 -43.58
C LEU A 33 4.53 -16.58 -43.50
N TYR A 34 4.82 -15.31 -43.23
CA TYR A 34 3.81 -14.27 -43.12
C TYR A 34 2.95 -14.22 -44.38
N LYS A 35 3.59 -14.32 -45.55
CA LYS A 35 2.90 -14.24 -46.83
C LYS A 35 1.92 -15.38 -47.10
N GLN A 36 2.07 -16.50 -46.39
CA GLN A 36 1.11 -17.61 -46.48
C GLN A 36 0.21 -17.69 -45.25
N ASN A 37 0.08 -16.57 -44.54
CA ASN A 37 -0.76 -16.46 -43.34
C ASN A 37 -0.42 -17.45 -42.24
N PHE A 38 0.85 -17.82 -42.12
CA PHE A 38 1.30 -18.62 -40.99
C PHE A 38 1.75 -17.71 -39.86
N VAL A 39 1.50 -18.17 -38.64
CA VAL A 39 2.02 -17.53 -37.45
C VAL A 39 3.32 -18.23 -37.12
N THR A 40 4.37 -17.43 -36.90
CA THR A 40 5.68 -17.94 -36.51
C THR A 40 5.93 -17.70 -35.03
N ILE A 41 6.26 -18.76 -34.32
CA ILE A 41 6.58 -18.65 -32.92
C ILE A 41 8.00 -19.13 -32.72
N LEU A 42 8.67 -18.54 -31.74
CA LEU A 42 10.04 -18.88 -31.45
C LEU A 42 10.23 -19.38 -30.02
N CYS A 43 11.02 -20.45 -29.90
CA CYS A 43 11.45 -21.00 -28.62
C CYS A 43 12.96 -20.95 -28.53
N ASN A 44 13.44 -20.56 -27.36
CA ASN A 44 14.84 -20.58 -27.01
C ASN A 44 15.06 -21.90 -26.28
N ALA A 45 15.74 -22.85 -26.91
CA ALA A 45 15.93 -24.18 -26.34
C ALA A 45 17.41 -24.56 -26.30
N ASP A 46 17.98 -24.71 -25.10
CA ASP A 46 19.40 -25.03 -24.94
C ASP A 46 19.69 -26.19 -23.98
N ILE A 53 13.26 -28.86 -20.42
CA ILE A 53 11.90 -29.39 -20.49
C ILE A 53 11.51 -29.78 -21.92
N GLU A 54 10.32 -30.36 -22.06
CA GLU A 54 9.89 -30.99 -23.32
C GLU A 54 9.23 -30.01 -24.29
N TYR A 55 10.05 -29.28 -25.03
CA TYR A 55 9.56 -28.28 -25.99
C TYR A 55 8.66 -28.91 -27.04
N LEU A 56 9.16 -29.95 -27.70
CA LEU A 56 8.46 -30.57 -28.82
C LEU A 56 7.17 -31.23 -28.40
N ALA A 57 7.21 -31.96 -27.29
CA ALA A 57 6.01 -32.65 -26.80
C ALA A 57 4.91 -31.62 -26.53
N GLU A 58 5.25 -30.55 -25.82
CA GLU A 58 4.25 -29.56 -25.48
C GLU A 58 3.72 -28.85 -26.72
N LEU A 59 4.60 -28.40 -27.59
CA LEU A 59 4.18 -27.66 -28.79
C LEU A 59 3.43 -28.55 -29.79
N THR A 60 3.80 -29.83 -29.84
CA THR A 60 3.07 -30.78 -30.66
C THR A 60 1.64 -30.93 -30.16
N ARG A 61 1.48 -31.09 -28.84
CA ARG A 61 0.14 -31.12 -28.21
C ARG A 61 -0.65 -29.83 -28.48
N ARG A 62 0.03 -28.70 -28.60
CA ARG A 62 -0.63 -27.44 -28.92
C ARG A 62 -1.02 -27.35 -30.41
N GLY A 63 -0.71 -28.38 -31.21
CA GLY A 63 -1.11 -28.39 -32.61
C GLY A 63 -0.22 -27.56 -33.52
N VAL A 64 1.01 -27.27 -33.09
CA VAL A 64 1.98 -26.61 -33.97
C VAL A 64 2.15 -27.49 -35.20
N ASP A 65 2.03 -26.89 -36.37
CA ASP A 65 1.86 -27.66 -37.59
CA ASP A 65 1.87 -27.59 -37.65
C ASP A 65 3.19 -28.14 -38.20
N GLY A 66 4.27 -27.41 -37.96
CA GLY A 66 5.58 -27.78 -38.48
C GLY A 66 6.67 -27.06 -37.73
N PHE A 67 7.90 -27.53 -37.86
CA PHE A 67 9.00 -26.98 -37.08
C PHE A 67 10.24 -26.68 -37.93
N ILE A 68 10.98 -25.67 -37.50
CA ILE A 68 12.29 -25.34 -38.04
C ILE A 68 13.23 -25.40 -36.84
N ILE A 69 14.16 -26.35 -36.87
CA ILE A 69 14.96 -26.70 -35.71
C ILE A 69 16.44 -26.41 -35.95
N ALA A 70 16.96 -25.42 -35.23
CA ALA A 70 18.33 -24.94 -35.39
C ALA A 70 19.22 -25.29 -34.21
N THR A 71 18.64 -25.99 -33.23
CA THR A 71 19.34 -26.34 -32.00
C THR A 71 19.57 -27.84 -31.90
N SER A 72 20.73 -28.23 -31.36
CA SER A 72 21.02 -29.64 -31.06
C SER A 72 20.35 -30.11 -29.77
N ALA A 73 19.73 -29.22 -29.01
CA ALA A 73 19.10 -29.58 -27.73
C ALA A 73 17.80 -30.38 -27.91
N VAL A 74 17.31 -30.44 -29.14
CA VAL A 74 16.16 -31.26 -29.49
C VAL A 74 16.67 -32.61 -29.99
N SER A 75 16.32 -33.68 -29.30
CA SER A 75 16.87 -35.01 -29.60
C SER A 75 16.12 -35.74 -30.72
N THR A 76 16.79 -36.72 -31.31
CA THR A 76 16.20 -37.62 -32.27
C THR A 76 14.94 -38.30 -31.69
N ASP A 77 15.04 -38.76 -30.44
CA ASP A 77 13.91 -39.41 -29.77
C ASP A 77 12.68 -38.52 -29.63
N ALA A 78 12.91 -37.29 -29.19
CA ALA A 78 11.82 -36.34 -29.07
C ALA A 78 11.20 -36.07 -30.43
N ILE A 79 12.02 -35.99 -31.47
CA ILE A 79 11.51 -35.77 -32.83
C ILE A 79 10.68 -36.96 -33.27
N ASN A 80 11.20 -38.17 -33.08
CA ASN A 80 10.48 -39.38 -33.47
C ASN A 80 9.14 -39.47 -32.75
N GLU A 81 9.19 -39.31 -31.43
CA GLU A 81 8.04 -39.53 -30.57
C GLU A 81 6.95 -38.52 -30.80
N ASN A 82 7.33 -37.30 -31.18
CA ASN A 82 6.35 -36.21 -31.29
C ASN A 82 6.07 -35.78 -32.70
N LEU A 83 7.12 -35.44 -33.45
CA LEU A 83 6.92 -34.93 -34.79
C LEU A 83 6.55 -36.04 -35.77
N LYS A 84 7.32 -37.12 -35.80
CA LYS A 84 7.08 -38.17 -36.77
C LYS A 84 5.76 -38.89 -36.50
N LYS A 85 5.51 -39.25 -35.24
CA LYS A 85 4.25 -39.91 -34.89
C LYS A 85 3.03 -39.07 -35.24
N GLN A 86 3.13 -37.75 -35.11
CA GLN A 86 1.99 -36.86 -35.31
C GLN A 86 2.00 -36.17 -36.66
N GLY A 87 2.91 -36.58 -37.55
CA GLY A 87 2.95 -36.09 -38.92
C GLY A 87 3.24 -34.61 -39.05
N ARG A 88 4.13 -34.09 -38.22
CA ARG A 88 4.51 -32.68 -38.28
C ARG A 88 5.85 -32.58 -39.02
N PRO A 89 5.84 -32.02 -40.24
CA PRO A 89 7.09 -31.92 -40.97
C PRO A 89 8.06 -30.94 -40.30
N PHE A 90 9.35 -31.14 -40.55
CA PHE A 90 10.33 -30.24 -39.97
C PHE A 90 11.59 -30.08 -40.83
N ILE A 91 12.25 -28.96 -40.59
CA ILE A 91 13.49 -28.59 -41.23
C ILE A 91 14.58 -28.53 -40.19
N VAL A 92 15.76 -29.03 -40.54
CA VAL A 92 16.92 -28.92 -39.64
C VAL A 92 17.95 -27.99 -40.26
N LEU A 93 18.66 -27.28 -39.40
CA LEU A 93 19.75 -26.42 -39.84
C LEU A 93 20.68 -26.13 -38.70
N ASP A 94 21.77 -25.44 -39.04
CA ASP A 94 22.64 -24.81 -38.07
C ASP A 94 23.25 -25.82 -37.08
N GLN A 95 22.94 -25.73 -35.79
CA GLN A 95 23.54 -26.65 -34.82
C GLN A 95 22.91 -28.05 -34.81
N LYS A 96 21.77 -28.23 -35.49
CA LYS A 96 21.02 -29.49 -35.43
C LYS A 96 21.47 -30.46 -36.52
N LYS A 97 21.76 -31.69 -36.10
CA LYS A 97 22.20 -32.72 -37.05
C LYS A 97 21.05 -33.18 -37.91
N SER A 98 21.41 -33.74 -39.06
CA SER A 98 20.42 -34.25 -40.01
C SER A 98 19.58 -35.40 -39.42
N GLU A 99 18.35 -35.50 -39.91
CA GLU A 99 17.39 -36.53 -39.47
C GLU A 99 16.72 -37.10 -40.71
N GLY A 100 16.44 -38.40 -40.68
CA GLY A 100 15.71 -39.04 -41.77
C GLY A 100 14.36 -38.40 -41.97
N PHE A 101 13.96 -38.26 -43.22
CA PHE A 101 12.67 -37.69 -43.60
C PHE A 101 12.50 -36.27 -43.07
N SER A 102 13.55 -35.49 -43.27
CA SER A 102 13.50 -34.04 -43.06
C SER A 102 14.30 -33.38 -44.17
N ASP A 103 14.01 -32.11 -44.43
CA ASP A 103 14.83 -31.31 -45.31
C ASP A 103 15.80 -30.51 -44.43
N ALA A 104 16.94 -30.11 -45.00
CA ALA A 104 17.93 -29.34 -44.26
C ALA A 104 18.39 -28.17 -45.10
N VAL A 105 18.84 -27.11 -44.43
CA VAL A 105 19.61 -26.07 -45.09
C VAL A 105 20.81 -25.71 -44.23
N ARG A 106 21.97 -25.67 -44.86
CA ARG A 106 23.23 -25.46 -44.17
C ARG A 106 24.03 -24.40 -44.87
N THR A 107 25.01 -23.84 -44.18
CA THR A 107 25.96 -22.95 -44.81
C THR A 107 27.31 -23.63 -44.81
N ASP A 108 28.25 -23.14 -45.61
CA ASP A 108 29.52 -23.85 -45.80
C ASP A 108 30.54 -23.49 -44.71
N ASP A 109 30.38 -24.11 -43.54
CA ASP A 109 31.20 -23.82 -42.37
C ASP A 109 32.70 -24.12 -42.57
N PHE A 110 33.01 -25.25 -43.19
CA PHE A 110 34.41 -25.64 -43.41
C PHE A 110 35.10 -24.59 -44.27
N ARG A 111 34.42 -24.20 -45.33
CA ARG A 111 34.93 -23.17 -46.23
C ARG A 111 35.17 -21.84 -45.51
N GLY A 112 34.21 -21.44 -44.66
CA GLY A 112 34.29 -20.18 -43.95
C GLY A 112 35.49 -20.15 -43.01
N GLY A 113 35.71 -21.25 -42.30
CA GLY A 113 36.88 -21.36 -41.44
C GLY A 113 38.16 -21.31 -42.25
N TYR A 114 38.14 -21.96 -43.40
CA TYR A 114 39.29 -21.97 -44.30
C TYR A 114 39.58 -20.56 -44.77
N LEU A 115 38.55 -19.84 -45.19
CA LEU A 115 38.74 -18.46 -45.62
C LEU A 115 39.34 -17.59 -44.51
N ALA A 116 38.88 -17.77 -43.27
CA ALA A 116 39.37 -17.00 -42.14
C ALA A 116 40.85 -17.26 -41.90
N GLY A 117 41.22 -18.54 -41.88
CA GLY A 117 42.61 -18.93 -41.72
C GLY A 117 43.51 -18.39 -42.82
N MSE A 118 43.09 -18.56 -44.07
CA MSE A 118 43.89 -18.12 -45.21
C MSE A 118 44.09 -16.62 -45.19
O MSE A 118 45.15 -16.14 -45.56
CB MSE A 118 43.27 -18.55 -46.56
CG MSE A 118 43.21 -20.06 -46.80
SE MSE A 118 44.98 -20.95 -46.81
CE MSE A 118 45.40 -20.47 -48.67
N HIS A 119 43.08 -15.88 -44.76
CA HIS A 119 43.21 -14.42 -44.67
C HIS A 119 44.25 -14.01 -43.63
N LEU A 120 44.14 -14.56 -42.43
CA LEU A 120 45.09 -14.22 -41.37
C LEU A 120 46.50 -14.64 -41.76
N LEU A 121 46.62 -15.84 -42.33
CA LEU A 121 47.93 -16.35 -42.75
C LEU A 121 48.53 -15.53 -43.90
N SER A 122 47.72 -15.08 -44.84
CA SER A 122 48.24 -14.26 -45.93
C SER A 122 48.82 -12.95 -45.41
N LEU A 123 48.32 -12.48 -44.28
CA LEU A 123 48.79 -11.24 -43.67
C LEU A 123 50.07 -11.42 -42.86
N GLY A 124 50.56 -12.65 -42.76
CA GLY A 124 51.81 -12.92 -42.08
C GLY A 124 51.65 -13.39 -40.65
N HIS A 125 50.42 -13.54 -40.18
CA HIS A 125 50.21 -14.02 -38.80
C HIS A 125 50.52 -15.52 -38.77
N GLN A 126 51.41 -15.91 -37.86
CA GLN A 126 51.84 -17.30 -37.74
C GLN A 126 51.46 -17.90 -36.39
N THR A 127 51.29 -17.05 -35.39
CA THR A 127 50.79 -17.48 -34.10
C THR A 127 49.40 -16.87 -33.96
N ILE A 128 48.40 -17.73 -33.98
CA ILE A 128 47.04 -17.31 -34.03
C ILE A 128 46.26 -17.93 -32.90
N ALA A 129 45.36 -17.14 -32.33
CA ALA A 129 44.44 -17.60 -31.30
C ALA A 129 43.09 -17.93 -31.91
N LEU A 130 42.53 -19.02 -31.43
CA LEU A 130 41.19 -19.44 -31.76
C LEU A 130 40.34 -19.20 -30.53
N VAL A 131 39.36 -18.32 -30.68
CA VAL A 131 38.41 -18.03 -29.61
C VAL A 131 37.08 -18.68 -29.99
N TYR A 132 36.70 -19.71 -29.25
CA TYR A 132 35.58 -20.55 -29.64
C TYR A 132 34.77 -21.04 -28.44
N PRO A 133 33.54 -21.47 -28.70
CA PRO A 133 32.74 -21.96 -27.59
C PRO A 133 33.20 -23.30 -27.10
N GLU A 134 33.39 -23.43 -25.79
CA GLU A 134 33.57 -24.76 -25.17
C GLU A 134 32.42 -25.70 -25.63
N ASN A 135 32.73 -26.97 -25.86
CA ASN A 135 31.75 -27.95 -26.35
C ASN A 135 31.04 -27.44 -27.61
N PRO A 136 31.82 -27.14 -28.66
CA PRO A 136 31.22 -26.49 -29.83
C PRO A 136 30.24 -27.39 -30.56
N PRO A 137 29.14 -26.81 -31.06
CA PRO A 137 28.27 -27.60 -31.93
C PRO A 137 28.99 -28.00 -33.23
N GLU A 138 28.45 -28.98 -33.94
CA GLU A 138 29.18 -29.59 -35.06
C GLU A 138 29.47 -28.60 -36.19
N ASN A 139 28.54 -27.68 -36.44
CA ASN A 139 28.76 -26.68 -37.48
C ASN A 139 29.94 -25.75 -37.13
N VAL A 140 30.08 -25.42 -35.85
CA VAL A 140 31.18 -24.60 -35.38
C VAL A 140 32.48 -25.39 -35.47
N HIS A 141 32.43 -26.66 -35.07
CA HIS A 141 33.58 -27.57 -35.22
C HIS A 141 34.03 -27.64 -36.68
N ALA A 142 33.10 -27.70 -37.62
CA ALA A 142 33.48 -27.70 -39.05
C ALA A 142 34.28 -26.45 -39.45
N ARG A 143 33.89 -25.28 -38.93
CA ARG A 143 34.66 -24.04 -39.15
C ARG A 143 36.08 -24.20 -38.63
N ILE A 144 36.22 -24.82 -37.48
CA ILE A 144 37.54 -24.99 -36.88
C ILE A 144 38.38 -25.92 -37.74
N GLU A 145 37.75 -26.98 -38.25
CA GLU A 145 38.45 -27.90 -39.15
C GLU A 145 38.90 -27.20 -40.42
N GLY A 146 38.05 -26.33 -40.95
CA GLY A 146 38.43 -25.58 -42.15
C GLY A 146 39.60 -24.66 -41.89
N PHE A 147 39.55 -23.97 -40.75
CA PHE A 147 40.66 -23.14 -40.31
C PHE A 147 41.96 -23.94 -40.20
N LYS A 148 41.89 -25.12 -39.60
CA LYS A 148 43.07 -25.99 -39.48
C LYS A 148 43.61 -26.45 -40.84
N SER A 149 42.72 -26.63 -41.80
CA SER A 149 43.10 -26.95 -43.18
C SER A 149 43.98 -25.82 -43.75
N ALA A 150 43.61 -24.58 -43.48
CA ALA A 150 44.41 -23.43 -43.89
C ALA A 150 45.77 -23.44 -43.22
N LEU A 151 45.81 -23.70 -41.91
CA LEU A 151 47.08 -23.84 -41.21
C LEU A 151 47.95 -24.92 -41.84
N ASP A 152 47.33 -26.00 -42.32
CA ASP A 152 48.04 -27.07 -43.01
C ASP A 152 48.72 -26.58 -44.28
N VAL A 153 48.01 -25.77 -45.07
CA VAL A 153 48.59 -25.20 -46.29
C VAL A 153 49.85 -24.39 -45.97
N TYR A 154 49.85 -23.69 -44.84
CA TYR A 154 51.01 -22.89 -44.44
C TYR A 154 51.99 -23.64 -43.54
N GLN A 155 51.75 -24.94 -43.36
CA GLN A 155 52.56 -25.77 -42.49
C GLN A 155 52.81 -25.17 -41.12
N ILE A 156 51.77 -24.58 -40.54
CA ILE A 156 51.81 -24.14 -39.15
C ILE A 156 51.60 -25.39 -38.31
N PRO A 157 52.50 -25.75 -37.45
CA PRO A 157 52.16 -26.90 -36.62
C PRO A 157 50.73 -26.73 -36.11
N HIS A 158 50.19 -27.73 -35.44
CA HIS A 158 48.89 -27.53 -34.81
C HIS A 158 49.12 -27.07 -33.36
N ASP A 159 50.39 -26.86 -33.02
CA ASP A 159 50.77 -26.50 -31.65
C ASP A 159 50.62 -25.01 -31.35
N GLN A 160 51.36 -24.18 -32.08
CA GLN A 160 51.35 -22.74 -31.88
C GLN A 160 49.93 -22.20 -31.67
N LEU A 161 49.00 -22.70 -32.47
CA LEU A 161 47.59 -22.34 -32.35
C LEU A 161 47.30 -22.16 -30.87
N ILE A 162 46.88 -20.95 -30.49
CA ILE A 162 46.48 -20.67 -29.12
C ILE A 162 44.99 -20.96 -28.97
N LEU A 163 44.65 -21.92 -28.12
CA LEU A 163 43.27 -22.36 -27.97
C LEU A 163 42.62 -21.70 -26.78
N LEU A 164 41.59 -20.91 -27.04
CA LEU A 164 40.90 -20.14 -26.00
C LEU A 164 39.39 -20.44 -25.98
N PRO A 165 39.02 -21.62 -25.48
CA PRO A 165 37.60 -21.93 -25.33
C PRO A 165 36.95 -21.05 -24.27
N THR A 166 35.68 -20.71 -24.47
CA THR A 166 34.99 -19.82 -23.56
C THR A 166 33.49 -19.95 -23.76
N GLN A 167 32.70 -19.12 -23.07
CA GLN A 167 31.24 -19.12 -23.25
C GLN A 167 30.93 -18.47 -24.59
N PHE A 168 29.87 -18.92 -25.26
CA PHE A 168 29.56 -18.48 -26.62
C PHE A 168 28.77 -17.17 -26.58
N SER A 169 29.46 -16.07 -26.30
CA SER A 169 28.79 -14.80 -25.99
C SER A 169 29.81 -13.69 -25.98
N LYS A 170 29.32 -12.45 -25.99
CA LYS A 170 30.18 -11.28 -25.83
C LYS A 170 30.98 -11.39 -24.54
N GLN A 171 30.30 -11.78 -23.47
CA GLN A 171 30.96 -11.89 -22.16
C GLN A 171 32.09 -12.93 -22.20
N GLY A 172 31.84 -14.07 -22.87
CA GLY A 172 32.83 -15.11 -23.06
C GLY A 172 34.07 -14.61 -23.77
N GLY A 173 33.88 -13.82 -24.83
CA GLY A 173 35.00 -13.22 -25.54
C GLY A 173 35.78 -12.26 -24.66
N TYR A 174 35.04 -11.42 -23.93
CA TYR A 174 35.62 -10.48 -22.98
C TYR A 174 36.50 -11.20 -21.95
N GLN A 175 36.00 -12.31 -21.43
CA GLN A 175 36.64 -13.01 -20.32
C GLN A 175 37.92 -13.75 -20.69
N ILE A 176 38.15 -14.08 -21.96
CA ILE A 176 39.41 -14.75 -22.34
C ILE A 176 40.48 -13.76 -22.80
N THR A 177 40.20 -12.46 -22.70
CA THR A 177 41.18 -11.46 -23.10
C THR A 177 42.49 -11.54 -22.34
N ALA A 178 42.43 -11.78 -21.03
CA ALA A 178 43.68 -11.83 -20.24
C ALA A 178 44.54 -13.02 -20.72
N GLU A 179 43.90 -14.15 -21.02
CA GLU A 179 44.60 -15.31 -21.60
C GLU A 179 45.22 -14.96 -22.95
N LEU A 180 44.50 -14.23 -23.78
CA LEU A 180 45.04 -13.82 -25.06
C LEU A 180 46.29 -12.94 -24.90
N LEU A 181 46.21 -11.93 -24.03
CA LEU A 181 47.28 -10.94 -23.86
C LEU A 181 48.67 -11.46 -23.50
N ASP A 182 48.76 -12.56 -22.78
CA ASP A 182 50.07 -13.13 -22.45
C ASP A 182 50.43 -14.33 -23.34
N SER A 183 49.65 -14.56 -24.39
CA SER A 183 50.06 -15.49 -25.44
C SER A 183 50.92 -14.70 -26.41
N ALA A 184 51.57 -15.41 -27.32
CA ALA A 184 52.33 -14.76 -28.38
C ALA A 184 51.47 -14.49 -29.63
N ALA A 185 50.16 -14.70 -29.55
CA ALA A 185 49.30 -14.53 -30.73
C ALA A 185 49.24 -13.09 -31.22
N THR A 186 49.25 -12.93 -32.54
CA THR A 186 49.10 -11.63 -33.18
C THR A 186 47.79 -11.51 -33.98
N GLY A 187 47.19 -12.64 -34.31
CA GLY A 187 45.93 -12.67 -35.03
C GLY A 187 44.96 -13.55 -34.28
N VAL A 188 43.67 -13.26 -34.42
CA VAL A 188 42.62 -14.00 -33.71
C VAL A 188 41.47 -14.33 -34.66
N PHE A 189 41.06 -15.59 -34.66
CA PHE A 189 39.81 -16.01 -35.30
C PHE A 189 38.80 -16.28 -34.20
N ALA A 190 37.78 -15.44 -34.12
CA ALA A 190 36.67 -15.60 -33.19
C ALA A 190 35.54 -16.32 -33.91
N LEU A 191 35.00 -17.37 -33.29
CA LEU A 191 34.10 -18.27 -34.01
C LEU A 191 32.69 -17.71 -34.21
N ASN A 192 32.42 -16.55 -33.62
CA ASN A 192 31.35 -15.67 -34.08
C ASN A 192 31.61 -14.23 -33.73
N ASP A 193 30.78 -13.35 -34.28
CA ASP A 193 30.93 -11.91 -34.11
C ASP A 193 30.74 -11.46 -32.67
N GLU A 194 29.83 -12.11 -31.95
CA GLU A 194 29.64 -11.79 -30.52
C GLU A 194 30.92 -12.01 -29.73
N LEU A 195 31.58 -13.14 -29.95
CA LEU A 195 32.89 -13.38 -29.33
C LEU A 195 33.88 -12.30 -29.69
N ALA A 196 33.89 -11.87 -30.95
CA ALA A 196 34.79 -10.83 -31.39
C ALA A 196 34.53 -9.51 -30.65
N PHE A 197 33.25 -9.17 -30.46
CA PHE A 197 32.90 -7.95 -29.74
C PHE A 197 33.42 -7.97 -28.30
N GLY A 198 33.38 -9.14 -27.67
CA GLY A 198 33.96 -9.32 -26.34
C GLY A 198 35.44 -8.99 -26.32
N LEU A 199 36.16 -9.47 -27.33
CA LEU A 199 37.58 -9.18 -27.47
C LEU A 199 37.84 -7.69 -27.68
N TYR A 200 37.02 -7.04 -28.50
CA TYR A 200 37.16 -5.59 -28.65
C TYR A 200 37.12 -4.90 -27.28
N ARG A 201 36.10 -5.19 -26.48
CA ARG A 201 35.95 -4.59 -25.17
C ARG A 201 37.17 -4.88 -24.29
N GLY A 202 37.59 -6.13 -24.27
CA GLY A 202 38.72 -6.54 -23.43
C GLY A 202 40.02 -5.86 -23.84
N LEU A 203 40.24 -5.79 -25.14
CA LEU A 203 41.48 -5.20 -25.66
C LEU A 203 41.49 -3.69 -25.46
N GLU A 204 40.33 -3.06 -25.65
CA GLU A 204 40.21 -1.62 -25.37
C GLU A 204 40.55 -1.29 -23.91
N GLU A 205 39.99 -2.04 -22.99
CA GLU A 205 40.23 -1.82 -21.57
C GLU A 205 41.68 -2.09 -21.17
N ALA A 206 42.36 -2.98 -21.90
CA ALA A 206 43.79 -3.26 -21.66
C ALA A 206 44.71 -2.26 -22.40
N GLY A 207 44.12 -1.26 -23.06
CA GLY A 207 44.88 -0.23 -23.77
C GLY A 207 45.48 -0.70 -25.08
N LYS A 208 44.98 -1.80 -25.62
CA LYS A 208 45.45 -2.30 -26.91
C LYS A 208 44.57 -1.74 -28.03
N SER A 209 45.09 -1.83 -29.25
CA SER A 209 44.41 -1.29 -30.44
C SER A 209 44.22 -2.40 -31.44
N ILE A 210 43.18 -2.25 -32.26
CA ILE A 210 42.86 -3.18 -33.33
C ILE A 210 42.83 -2.34 -34.61
N PRO A 211 43.59 -2.70 -35.64
CA PRO A 211 44.36 -3.93 -35.74
C PRO A 211 45.83 -3.84 -35.35
N GLU A 212 46.27 -2.71 -34.79
CA GLU A 212 47.71 -2.48 -34.56
C GLU A 212 48.33 -3.53 -33.64
N ASP A 213 47.61 -3.92 -32.59
CA ASP A 213 48.10 -4.95 -31.67
C ASP A 213 47.56 -6.36 -31.99
N TYR A 214 46.32 -6.43 -32.45
CA TYR A 214 45.70 -7.72 -32.80
C TYR A 214 44.86 -7.59 -34.06
N SER A 215 45.08 -8.49 -35.01
CA SER A 215 44.15 -8.64 -36.13
C SER A 215 43.04 -9.58 -35.69
N ILE A 216 41.79 -9.20 -35.92
CA ILE A 216 40.65 -10.04 -35.52
C ILE A 216 39.72 -10.25 -36.70
N ILE A 217 39.35 -11.52 -36.90
CA ILE A 217 38.29 -11.88 -37.85
C ILE A 217 37.23 -12.66 -37.10
N GLY A 218 35.96 -12.27 -37.30
CA GLY A 218 34.83 -12.92 -36.67
C GLY A 218 34.09 -13.86 -37.61
N TYR A 219 32.82 -14.10 -37.30
CA TYR A 219 32.01 -15.02 -38.09
C TYR A 219 30.53 -14.70 -37.91
N ASP A 220 29.86 -14.48 -39.05
CA ASP A 220 28.40 -14.39 -39.23
C ASP A 220 28.08 -13.21 -40.14
N ASN A 221 28.74 -12.09 -39.88
CA ASN A 221 28.37 -10.79 -40.43
C ASN A 221 27.01 -10.29 -39.94
N ILE A 222 26.79 -10.32 -38.63
CA ILE A 222 25.62 -9.65 -38.06
C ILE A 222 25.77 -8.15 -38.25
N ASP A 223 24.65 -7.44 -38.20
CA ASP A 223 24.61 -6.00 -38.52
C ASP A 223 25.60 -5.18 -37.71
N MSE A 224 25.75 -5.52 -36.43
CA MSE A 224 26.62 -4.76 -35.53
C MSE A 224 28.05 -4.64 -36.00
O MSE A 224 28.76 -3.70 -35.58
CB MSE A 224 26.52 -5.36 -34.10
CG MSE A 224 27.12 -4.49 -32.98
SE MSE A 224 25.97 -2.90 -32.66
CE MSE A 224 27.32 -1.66 -31.92
N CYS A 225 28.51 -5.55 -36.86
CA CYS A 225 29.88 -5.47 -37.42
C CYS A 225 30.19 -4.11 -38.06
N GLU A 226 29.16 -3.49 -38.60
CA GLU A 226 29.30 -2.19 -39.27
C GLU A 226 29.15 -0.99 -38.35
N TYR A 227 28.85 -1.22 -37.07
CA TYR A 227 28.61 -0.16 -36.11
C TYR A 227 29.69 -0.04 -35.05
N ILE A 228 30.60 -1.01 -35.00
CA ILE A 228 31.77 -0.90 -34.15
C ILE A 228 32.96 -0.35 -34.93
N LYS A 229 33.99 0.01 -34.19
CA LYS A 229 35.16 0.68 -34.77
C LYS A 229 36.42 0.09 -34.17
N PRO A 230 37.34 -0.42 -34.99
CA PRO A 230 37.16 -0.53 -36.43
C PRO A 230 36.09 -1.54 -36.80
N LYS A 231 35.49 -1.35 -37.97
CA LYS A 231 34.48 -2.27 -38.45
C LYS A 231 35.08 -3.67 -38.59
N LEU A 232 34.30 -4.67 -38.23
CA LEU A 232 34.80 -6.03 -38.08
C LEU A 232 34.84 -6.79 -39.40
N THR A 233 36.03 -7.28 -39.71
CA THR A 233 36.27 -8.22 -40.77
C THR A 233 35.72 -9.55 -40.32
N THR A 234 34.99 -10.21 -41.21
CA THR A 234 34.23 -11.39 -40.82
C THR A 234 33.85 -12.26 -42.02
N ILE A 235 33.47 -13.49 -41.73
CA ILE A 235 32.89 -14.41 -42.70
C ILE A 235 31.37 -14.28 -42.66
N ALA A 236 30.77 -13.82 -43.75
CA ALA A 236 29.35 -13.60 -43.82
C ALA A 236 28.60 -14.90 -44.10
N GLN A 237 27.66 -15.26 -43.23
CA GLN A 237 26.62 -16.21 -43.57
C GLN A 237 25.45 -15.42 -44.14
N PRO A 238 24.71 -16.01 -45.09
CA PRO A 238 23.54 -15.29 -45.63
C PRO A 238 22.36 -15.51 -44.68
N ILE A 239 22.35 -14.75 -43.58
CA ILE A 239 21.52 -15.10 -42.42
C ILE A 239 20.04 -15.00 -42.74
N PHE A 240 19.64 -13.86 -43.28
CA PHE A 240 18.25 -13.64 -43.61
C PHE A 240 17.80 -14.67 -44.64
N GLU A 241 18.62 -14.89 -45.67
CA GLU A 241 18.31 -15.86 -46.74
C GLU A 241 18.24 -17.27 -46.21
N LEU A 242 19.08 -17.59 -45.23
CA LEU A 242 19.02 -18.88 -44.57
C LEU A 242 17.64 -19.11 -43.95
N GLY A 243 17.13 -18.09 -43.26
CA GLY A 243 15.80 -18.18 -42.66
C GLY A 243 14.73 -18.34 -43.72
N GLN A 244 14.78 -17.52 -44.76
CA GLN A 244 13.85 -17.63 -45.88
C GLN A 244 13.84 -19.01 -46.53
N THR A 245 15.03 -19.55 -46.78
CA THR A 245 15.16 -20.84 -47.42
C THR A 245 14.57 -21.92 -46.55
N SER A 246 14.82 -21.85 -45.24
CA SER A 246 14.28 -22.84 -44.32
C SER A 246 12.75 -22.80 -44.34
N ALA A 247 12.18 -21.60 -44.39
CA ALA A 247 10.74 -21.46 -44.43
C ALA A 247 10.15 -21.96 -45.75
N LYS A 248 10.81 -21.66 -46.87
CA LYS A 248 10.34 -22.12 -48.19
C LYS A 248 10.37 -23.62 -48.29
N LEU A 249 11.44 -24.24 -47.79
CA LEU A 249 11.49 -25.70 -47.77
C LEU A 249 10.31 -26.28 -47.00
N LEU A 250 9.98 -25.69 -45.86
CA LEU A 250 8.92 -26.25 -45.01
C LEU A 250 7.56 -26.11 -45.67
N LEU A 251 7.30 -24.96 -46.27
CA LEU A 251 6.06 -24.73 -46.99
C LEU A 251 5.92 -25.71 -48.17
N ASP A 252 7.01 -25.90 -48.90
CA ASP A 252 7.02 -26.88 -49.99
C ASP A 252 6.76 -28.30 -49.50
N ARG A 253 7.30 -28.64 -48.34
CA ARG A 253 7.08 -29.97 -47.75
C ARG A 253 5.62 -30.12 -47.33
N ILE A 254 5.03 -29.04 -46.82
CA ILE A 254 3.62 -29.07 -46.44
C ILE A 254 2.74 -29.21 -47.70
N GLN A 255 3.07 -28.48 -48.76
CA GLN A 255 2.27 -28.53 -49.97
C GLN A 255 2.50 -29.83 -50.75
N PHE A 256 3.73 -30.35 -50.71
CA PHE A 256 4.12 -31.56 -51.43
C PHE A 256 4.83 -32.54 -50.50
N PRO A 257 4.05 -33.32 -49.73
CA PRO A 257 4.66 -34.17 -48.69
C PRO A 257 5.65 -35.20 -49.20
N GLU A 258 5.57 -35.55 -50.49
CA GLU A 258 6.45 -36.57 -51.05
C GLU A 258 7.49 -36.01 -52.03
N LYS A 259 7.67 -34.68 -52.04
CA LYS A 259 8.74 -34.07 -52.85
C LYS A 259 10.08 -34.58 -52.40
N GLU A 260 11.07 -34.41 -53.27
CA GLU A 260 12.46 -34.76 -52.99
C GLU A 260 12.96 -34.21 -51.64
N TRP A 261 13.62 -35.06 -50.86
CA TRP A 261 14.26 -34.65 -49.62
C TRP A 261 15.52 -33.87 -49.97
N GLU A 262 15.63 -32.65 -49.49
CA GLU A 262 16.73 -31.79 -49.89
C GLU A 262 17.66 -31.45 -48.72
N GLU A 263 18.94 -31.31 -49.02
CA GLU A 263 19.89 -30.70 -48.10
C GLU A 263 20.57 -29.58 -48.84
N LYS A 264 20.00 -28.39 -48.74
CA LYS A 264 20.53 -27.22 -49.44
C LYS A 264 21.75 -26.71 -48.71
N ARG A 265 22.71 -26.22 -49.46
CA ARG A 265 23.88 -25.61 -48.83
C ARG A 265 24.13 -24.27 -49.47
N LEU A 266 24.18 -23.25 -48.62
CA LEU A 266 24.35 -21.88 -49.07
C LEU A 266 25.79 -21.47 -48.85
N PRO A 267 26.34 -20.63 -49.73
CA PRO A 267 27.73 -20.22 -49.58
C PRO A 267 27.91 -19.17 -48.50
N VAL A 268 29.14 -19.06 -47.99
CA VAL A 268 29.55 -17.96 -47.15
C VAL A 268 30.42 -17.04 -47.98
N ARG A 269 30.81 -15.90 -47.42
CA ARG A 269 31.80 -15.06 -48.10
C ARG A 269 32.55 -14.14 -47.17
N PHE A 270 33.74 -13.81 -47.60
CA PHE A 270 34.63 -13.03 -46.81
C PHE A 270 34.17 -11.56 -46.88
N GLU A 271 34.05 -10.91 -45.74
CA GLU A 271 33.74 -9.47 -45.68
C GLU A 271 34.94 -8.76 -45.09
N LYS A 272 35.71 -8.14 -45.97
CA LYS A 272 36.94 -7.48 -45.58
C LYS A 272 36.61 -6.07 -45.13
N ARG A 273 36.93 -5.78 -43.87
CA ARG A 273 36.70 -4.46 -43.30
C ARG A 273 38.02 -3.97 -42.75
N PHE A 274 38.10 -3.63 -41.46
CA PHE A 274 39.26 -2.89 -40.97
C PHE A 274 39.88 -3.41 -39.66
N SER A 275 39.51 -4.63 -39.28
CA SER A 275 40.00 -5.22 -38.01
C SER A 275 41.18 -6.15 -38.21
N THR A 276 41.71 -6.23 -39.43
CA THR A 276 42.94 -7.00 -39.69
C THR A 276 43.95 -6.14 -40.44
N ALA A 277 45.22 -6.51 -40.34
CA ALA A 277 46.28 -5.82 -41.05
C ALA A 277 47.51 -6.72 -41.14
N PRO A 278 48.40 -6.43 -42.12
CA PRO A 278 49.62 -7.22 -42.23
C PRO A 278 50.47 -7.15 -40.97
N LEU A 279 51.11 -8.26 -40.61
CA LEU A 279 51.97 -8.27 -39.43
C LEU A 279 53.21 -7.43 -39.72
N LYS A 280 53.60 -6.59 -38.77
CA LYS A 280 54.81 -5.79 -38.87
C LYS A 280 55.93 -6.44 -38.07
N LYS B 8 0.46 -25.83 -20.59
CA LYS B 8 1.78 -25.43 -20.02
C LYS B 8 2.61 -24.48 -20.91
N THR B 9 1.97 -23.64 -21.72
CA THR B 9 2.65 -22.78 -22.68
C THR B 9 2.21 -21.35 -22.45
N ILE B 10 3.18 -20.44 -22.42
CA ILE B 10 2.92 -19.01 -22.26
C ILE B 10 3.46 -18.31 -23.50
N GLY B 11 2.65 -17.45 -24.11
CA GLY B 11 3.06 -16.66 -25.26
C GLY B 11 3.51 -15.25 -24.91
N VAL B 12 4.65 -14.84 -25.46
CA VAL B 12 5.20 -13.51 -25.26
C VAL B 12 5.14 -12.76 -26.58
N LEU B 13 4.45 -11.63 -26.60
CA LEU B 13 4.30 -10.86 -27.82
C LEU B 13 5.12 -9.59 -27.71
N VAL B 14 6.10 -9.43 -28.60
CA VAL B 14 6.96 -8.25 -28.57
C VAL B 14 6.92 -7.51 -29.91
N PRO B 15 7.26 -6.22 -29.89
CA PRO B 15 7.27 -5.44 -31.12
C PRO B 15 8.45 -5.77 -32.05
N ASP B 16 9.56 -6.23 -31.49
CA ASP B 16 10.80 -6.33 -32.27
C ASP B 16 11.82 -7.26 -31.60
N ILE B 17 11.82 -8.52 -32.01
CA ILE B 17 12.79 -9.51 -31.48
C ILE B 17 14.27 -9.20 -31.82
N THR B 18 14.52 -8.39 -32.84
CA THR B 18 15.91 -8.05 -33.18
C THR B 18 16.54 -7.04 -32.22
N ASN B 19 15.73 -6.41 -31.37
CA ASN B 19 16.25 -5.47 -30.38
C ASN B 19 16.66 -6.24 -29.14
N PRO B 20 17.93 -6.10 -28.70
CA PRO B 20 18.37 -6.83 -27.50
C PRO B 20 17.52 -6.61 -26.24
N PHE B 21 16.87 -5.45 -26.14
CA PHE B 21 15.92 -5.19 -25.06
C PHE B 21 14.89 -6.32 -24.97
N PHE B 22 14.29 -6.70 -26.09
CA PHE B 22 13.21 -7.68 -26.06
C PHE B 22 13.70 -9.10 -25.94
N SER B 23 14.90 -9.39 -26.43
CA SER B 23 15.46 -10.73 -26.24
C SER B 23 15.91 -10.90 -24.78
N THR B 24 16.45 -9.86 -24.16
CA THR B 24 16.79 -9.92 -22.74
C THR B 24 15.53 -10.01 -21.87
N LEU B 25 14.48 -9.29 -22.27
CA LEU B 25 13.19 -9.39 -21.59
C LEU B 25 12.71 -10.82 -21.58
N MSE B 26 12.75 -11.44 -22.76
CA MSE B 26 12.40 -12.84 -22.91
C MSE B 26 13.18 -13.76 -22.03
O MSE B 26 12.61 -14.65 -21.41
CB MSE B 26 12.62 -13.29 -24.34
CG MSE B 26 11.28 -13.51 -24.98
SE MSE B 26 10.70 -15.28 -24.36
CE MSE B 26 11.77 -16.11 -25.82
N ARG B 27 14.49 -13.55 -21.94
CA ARG B 27 15.33 -14.34 -21.04
C ARG B 27 14.88 -14.23 -19.57
N GLY B 28 14.48 -13.03 -19.15
CA GLY B 28 13.98 -12.84 -17.79
C GLY B 28 12.68 -13.59 -17.54
N ILE B 29 11.79 -13.54 -18.53
CA ILE B 29 10.54 -14.29 -18.49
C ILE B 29 10.80 -15.79 -18.39
N GLU B 30 11.63 -16.30 -19.30
CA GLU B 30 11.99 -17.73 -19.34
CA GLU B 30 11.98 -17.73 -19.35
C GLU B 30 12.60 -18.21 -18.04
N ASP B 31 13.42 -17.35 -17.43
CA ASP B 31 14.09 -17.65 -16.16
C ASP B 31 13.08 -18.06 -15.09
N ILE B 32 11.94 -17.39 -15.05
CA ILE B 32 10.91 -17.68 -14.08
C ILE B 32 10.02 -18.84 -14.53
N LEU B 33 9.57 -18.80 -15.77
CA LEU B 33 8.62 -19.79 -16.25
C LEU B 33 9.21 -21.20 -16.31
N TYR B 34 10.48 -21.30 -16.70
CA TYR B 34 11.21 -22.58 -16.77
C TYR B 34 11.12 -23.35 -15.45
N LYS B 35 11.21 -22.64 -14.34
CA LYS B 35 11.17 -23.27 -13.01
C LYS B 35 9.81 -23.87 -12.66
N GLN B 36 8.74 -23.44 -13.35
CA GLN B 36 7.42 -24.04 -13.15
C GLN B 36 7.01 -24.93 -14.33
N ASN B 37 8.00 -25.38 -15.10
CA ASN B 37 7.79 -26.26 -16.23
C ASN B 37 6.85 -25.69 -17.29
N PHE B 38 6.84 -24.37 -17.45
CA PHE B 38 6.15 -23.74 -18.57
C PHE B 38 7.10 -23.62 -19.74
N VAL B 39 6.55 -23.78 -20.94
CA VAL B 39 7.26 -23.51 -22.18
C VAL B 39 6.96 -22.06 -22.56
N THR B 40 8.01 -21.30 -22.85
CA THR B 40 7.85 -19.91 -23.28
C THR B 40 8.02 -19.84 -24.80
N ILE B 41 7.04 -19.25 -25.47
CA ILE B 41 7.13 -19.01 -26.89
C ILE B 41 7.03 -17.53 -27.16
N LEU B 42 7.72 -17.08 -28.20
CA LEU B 42 7.75 -15.67 -28.55
C LEU B 42 7.24 -15.41 -29.96
N CYS B 43 6.45 -14.35 -30.07
CA CYS B 43 5.93 -13.84 -31.32
C CYS B 43 6.42 -12.44 -31.51
N ASN B 44 6.80 -12.13 -32.74
CA ASN B 44 7.27 -10.82 -33.13
C ASN B 44 6.09 -10.18 -33.86
N ALA B 45 5.35 -9.34 -33.16
CA ALA B 45 4.13 -8.76 -33.68
C ALA B 45 4.24 -7.24 -33.76
N ASP B 46 4.32 -6.72 -34.98
CA ASP B 46 4.45 -5.28 -35.22
C ASP B 46 3.38 -4.78 -36.21
N SER B 47 3.45 -3.50 -36.57
CA SER B 47 2.58 -2.93 -37.62
C SER B 47 3.43 -2.30 -38.72
N ILE B 53 -1.86 -10.10 -39.25
CA ILE B 53 -2.25 -11.48 -39.03
C ILE B 53 -2.70 -11.66 -37.56
N GLU B 54 -3.71 -12.50 -37.35
CA GLU B 54 -4.28 -12.76 -36.03
C GLU B 54 -3.42 -13.67 -35.13
N TYR B 55 -2.42 -13.07 -34.50
CA TYR B 55 -1.57 -13.79 -33.54
C TYR B 55 -2.38 -14.40 -32.41
N LEU B 56 -3.15 -13.55 -31.72
CA LEU B 56 -3.89 -14.00 -30.53
C LEU B 56 -4.90 -15.09 -30.82
N ALA B 57 -5.66 -14.91 -31.91
CA ALA B 57 -6.69 -15.87 -32.28
C ALA B 57 -6.07 -17.24 -32.53
N GLU B 58 -5.02 -17.27 -33.35
CA GLU B 58 -4.35 -18.51 -33.65
C GLU B 58 -3.75 -19.13 -32.38
N LEU B 59 -3.02 -18.35 -31.61
CA LEU B 59 -2.35 -18.87 -30.41
C LEU B 59 -3.36 -19.34 -29.35
N THR B 60 -4.47 -18.61 -29.22
CA THR B 60 -5.56 -19.02 -28.35
C THR B 60 -6.13 -20.37 -28.78
N ARG B 61 -6.36 -20.54 -30.09
CA ARG B 61 -6.82 -21.84 -30.63
C ARG B 61 -5.82 -22.95 -30.36
N ARG B 62 -4.53 -22.63 -30.36
CA ARG B 62 -3.50 -23.61 -30.05
C ARG B 62 -3.43 -23.94 -28.55
N GLY B 63 -4.29 -23.34 -27.72
CA GLY B 63 -4.33 -23.66 -26.29
C GLY B 63 -3.26 -22.99 -25.45
N VAL B 64 -2.69 -21.88 -25.95
CA VAL B 64 -1.72 -21.13 -25.16
C VAL B 64 -2.41 -20.64 -23.88
N ASP B 65 -1.75 -20.88 -22.75
CA ASP B 65 -2.39 -20.77 -21.41
CA ASP B 65 -2.42 -20.78 -21.46
C ASP B 65 -2.50 -19.33 -20.92
N GLY B 66 -1.52 -18.51 -21.26
CA GLY B 66 -1.48 -17.12 -20.81
C GLY B 66 -0.53 -16.35 -21.68
N PHE B 67 -0.62 -15.03 -21.65
CA PHE B 67 0.17 -14.16 -22.50
C PHE B 67 0.84 -13.02 -21.77
N ILE B 68 2.00 -12.62 -22.27
CA ILE B 68 2.69 -11.43 -21.82
C ILE B 68 2.86 -10.56 -23.04
N ILE B 69 2.27 -9.38 -23.00
CA ILE B 69 2.05 -8.55 -24.17
C ILE B 69 2.76 -7.23 -24.01
N ALA B 70 3.81 -7.03 -24.80
CA ALA B 70 4.64 -5.83 -24.73
C ALA B 70 4.45 -4.92 -25.95
N THR B 71 3.58 -5.33 -26.89
CA THR B 71 3.36 -4.59 -28.12
C THR B 71 1.97 -3.95 -28.16
N SER B 72 1.89 -2.73 -28.71
CA SER B 72 0.61 -2.08 -28.97
C SER B 72 -0.11 -2.61 -30.22
N ALA B 73 0.54 -3.49 -30.97
CA ALA B 73 -0.08 -4.09 -32.17
C ALA B 73 -1.20 -5.07 -31.84
N VAL B 74 -1.32 -5.45 -30.57
CA VAL B 74 -2.39 -6.32 -30.10
C VAL B 74 -3.51 -5.43 -29.56
N SER B 75 -4.66 -5.45 -30.24
CA SER B 75 -5.76 -4.56 -29.93
C SER B 75 -6.61 -5.04 -28.74
N THR B 76 -7.33 -4.10 -28.15
CA THR B 76 -8.32 -4.39 -27.13
C THR B 76 -9.36 -5.41 -27.63
N ASP B 77 -9.86 -5.21 -28.84
CA ASP B 77 -10.84 -6.14 -29.43
C ASP B 77 -10.29 -7.56 -29.53
N ALA B 78 -9.06 -7.70 -30.02
CA ALA B 78 -8.45 -9.00 -30.14
C ALA B 78 -8.27 -9.66 -28.77
N ILE B 79 -7.95 -8.86 -27.75
CA ILE B 79 -7.80 -9.38 -26.39
C ILE B 79 -9.15 -9.86 -25.84
N ASN B 80 -10.17 -9.03 -26.00
CA ASN B 80 -11.53 -9.38 -25.56
C ASN B 80 -12.04 -10.63 -26.25
N GLU B 81 -11.93 -10.65 -27.57
CA GLU B 81 -12.49 -11.74 -28.37
C GLU B 81 -11.82 -13.07 -28.10
N ASN B 82 -10.51 -13.04 -27.82
CA ASN B 82 -9.75 -14.28 -27.70
C ASN B 82 -9.35 -14.61 -26.27
N LEU B 83 -8.65 -13.70 -25.60
CA LEU B 83 -8.12 -14.02 -24.27
C LEU B 83 -9.22 -14.06 -23.20
N LYS B 84 -10.04 -13.02 -23.16
CA LYS B 84 -11.06 -12.91 -22.13
C LYS B 84 -12.15 -13.96 -22.31
N LYS B 85 -12.67 -14.08 -23.53
CA LYS B 85 -13.65 -15.13 -23.82
C LYS B 85 -13.15 -16.52 -23.45
N GLN B 86 -11.87 -16.79 -23.66
CA GLN B 86 -11.34 -18.13 -23.41
C GLN B 86 -10.61 -18.27 -22.09
N GLY B 87 -10.71 -17.25 -21.22
CA GLY B 87 -10.12 -17.31 -19.88
C GLY B 87 -8.61 -17.46 -19.86
N ARG B 88 -7.92 -16.80 -20.79
CA ARG B 88 -6.45 -16.82 -20.81
C ARG B 88 -5.95 -15.52 -20.16
N PRO B 89 -5.34 -15.61 -18.97
CA PRO B 89 -4.89 -14.40 -18.31
C PRO B 89 -3.70 -13.79 -19.03
N PHE B 90 -3.49 -12.49 -18.84
CA PHE B 90 -2.38 -11.82 -19.51
C PHE B 90 -1.81 -10.67 -18.71
N ILE B 91 -0.56 -10.34 -19.04
CA ILE B 91 0.17 -9.24 -18.46
C ILE B 91 0.44 -8.24 -19.58
N VAL B 92 0.40 -6.96 -19.26
CA VAL B 92 0.73 -5.91 -20.23
C VAL B 92 1.93 -5.14 -19.71
N LEU B 93 2.76 -4.67 -20.64
CA LEU B 93 3.90 -3.87 -20.28
C LEU B 93 4.38 -3.10 -21.48
N ASP B 94 5.36 -2.25 -21.23
CA ASP B 94 6.14 -1.62 -22.27
C ASP B 94 5.28 -0.79 -23.23
N GLN B 95 5.18 -1.17 -24.51
CA GLN B 95 4.41 -0.36 -25.48
C GLN B 95 2.90 -0.59 -25.40
N LYS B 96 2.47 -1.63 -24.68
CA LYS B 96 1.04 -1.99 -24.61
C LYS B 96 0.30 -1.24 -23.50
N LYS B 97 -0.83 -0.62 -23.85
CA LYS B 97 -1.64 0.13 -22.88
CA LYS B 97 -1.61 0.14 -22.86
C LYS B 97 -2.34 -0.82 -21.92
N SER B 98 -2.71 -0.29 -20.76
CA SER B 98 -3.39 -1.08 -19.74
C SER B 98 -4.75 -1.56 -20.22
N GLU B 99 -5.19 -2.68 -19.65
CA GLU B 99 -6.43 -3.34 -20.02
C GLU B 99 -7.10 -3.77 -18.72
N GLY B 100 -8.43 -3.71 -18.68
CA GLY B 100 -9.17 -4.22 -17.55
C GLY B 100 -8.91 -5.69 -17.32
N PHE B 101 -8.82 -6.07 -16.04
CA PHE B 101 -8.61 -7.44 -15.63
C PHE B 101 -7.33 -8.04 -16.21
N SER B 102 -6.27 -7.24 -16.13
CA SER B 102 -4.92 -7.70 -16.40
C SER B 102 -4.00 -7.05 -15.39
N ASP B 103 -2.87 -7.68 -15.14
CA ASP B 103 -1.81 -7.06 -14.36
C ASP B 103 -0.84 -6.42 -15.33
N ALA B 104 -0.07 -5.46 -14.85
CA ALA B 104 0.88 -4.73 -15.67
C ALA B 104 2.19 -4.54 -14.93
N VAL B 105 3.28 -4.46 -15.68
CA VAL B 105 4.58 -4.05 -15.13
C VAL B 105 5.12 -2.96 -16.03
N ARG B 106 5.59 -1.87 -15.43
CA ARG B 106 6.10 -0.74 -16.16
C ARG B 106 7.37 -0.23 -15.52
N THR B 107 8.15 0.51 -16.29
CA THR B 107 9.31 1.17 -15.73
C THR B 107 9.04 2.67 -15.80
N ASP B 108 9.83 3.45 -15.09
CA ASP B 108 9.56 4.89 -14.93
C ASP B 108 10.14 5.70 -16.07
N ASP B 109 9.44 5.70 -17.20
CA ASP B 109 9.86 6.39 -18.41
C ASP B 109 10.01 7.89 -18.24
N PHE B 110 9.04 8.54 -17.60
CA PHE B 110 9.10 10.00 -17.38
C PHE B 110 10.37 10.36 -16.61
N ARG B 111 10.60 9.64 -15.52
CA ARG B 111 11.80 9.84 -14.72
C ARG B 111 13.06 9.65 -15.53
N GLY B 112 13.11 8.57 -16.32
CA GLY B 112 14.28 8.31 -17.14
C GLY B 112 14.59 9.43 -18.14
N GLY B 113 13.56 9.93 -18.80
CA GLY B 113 13.76 11.06 -19.73
C GLY B 113 14.22 12.32 -18.99
N TYR B 114 13.64 12.54 -17.82
CA TYR B 114 14.06 13.64 -16.96
C TYR B 114 15.52 13.51 -16.55
N LEU B 115 15.94 12.32 -16.14
CA LEU B 115 17.33 12.10 -15.81
C LEU B 115 18.26 12.38 -16.99
N ALA B 116 17.88 11.95 -18.19
CA ALA B 116 18.69 12.19 -19.38
C ALA B 116 18.85 13.69 -19.66
N GLY B 117 17.73 14.41 -19.61
CA GLY B 117 17.74 15.85 -19.79
C GLY B 117 18.60 16.57 -18.77
N MSE B 118 18.43 16.23 -17.49
CA MSE B 118 19.16 16.92 -16.41
C MSE B 118 20.64 16.69 -16.53
O MSE B 118 21.44 17.59 -16.25
CB MSE B 118 18.65 16.51 -15.02
CG MSE B 118 17.19 16.88 -14.76
SE MSE B 118 16.84 18.82 -14.71
CE MSE B 118 17.63 19.10 -12.91
N HIS B 119 21.03 15.50 -16.98
CA HIS B 119 22.45 15.20 -17.18
C HIS B 119 23.07 16.06 -18.28
N LEU B 120 22.46 16.09 -19.46
CA LEU B 120 22.96 16.91 -20.57
C LEU B 120 22.97 18.40 -20.23
N LEU B 121 21.92 18.87 -19.57
CA LEU B 121 21.82 20.28 -19.19
C LEU B 121 22.84 20.64 -18.10
N SER B 122 23.11 19.74 -17.15
CA SER B 122 24.14 19.98 -16.14
C SER B 122 25.51 20.15 -16.76
N LEU B 123 25.70 19.52 -17.93
CA LEU B 123 26.97 19.61 -18.65
C LEU B 123 27.09 20.87 -19.51
N GLY B 124 26.03 21.66 -19.59
CA GLY B 124 26.07 22.94 -20.30
C GLY B 124 25.53 22.88 -21.71
N HIS B 125 25.00 21.71 -22.12
CA HIS B 125 24.39 21.61 -23.45
C HIS B 125 23.05 22.31 -23.41
N GLN B 126 22.84 23.22 -24.35
CA GLN B 126 21.60 24.00 -24.40
C GLN B 126 20.85 23.80 -25.71
N THR B 127 21.56 23.43 -26.76
CA THR B 127 20.93 23.03 -28.01
C THR B 127 21.11 21.53 -28.11
N ILE B 128 20.00 20.83 -28.00
CA ILE B 128 20.01 19.39 -27.87
C ILE B 128 19.11 18.78 -28.93
N ALA B 129 19.59 17.69 -29.52
CA ALA B 129 18.84 16.92 -30.50
C ALA B 129 18.18 15.73 -29.83
N LEU B 130 16.95 15.48 -30.23
CA LEU B 130 16.17 14.34 -29.79
C LEU B 130 16.07 13.39 -30.97
N VAL B 131 16.63 12.19 -30.81
CA VAL B 131 16.57 11.15 -31.84
C VAL B 131 15.59 10.10 -31.37
N TYR B 132 14.47 9.98 -32.07
CA TYR B 132 13.35 9.19 -31.57
C TYR B 132 12.53 8.59 -32.70
N PRO B 133 11.74 7.55 -32.42
CA PRO B 133 10.92 6.93 -33.45
C PRO B 133 9.74 7.79 -33.85
N GLU B 134 9.56 8.01 -35.15
CA GLU B 134 8.36 8.71 -35.61
C GLU B 134 7.12 7.98 -35.09
N ASN B 135 6.13 8.74 -34.62
CA ASN B 135 4.94 8.17 -33.98
C ASN B 135 5.33 7.25 -32.83
N PRO B 136 5.96 7.80 -31.79
CA PRO B 136 6.48 6.96 -30.71
C PRO B 136 5.37 6.25 -29.94
N PRO B 137 5.65 5.05 -29.42
CA PRO B 137 4.69 4.47 -28.48
C PRO B 137 4.60 5.30 -27.20
N GLU B 138 3.56 5.07 -26.40
CA GLU B 138 3.25 5.92 -25.25
C GLU B 138 4.35 5.92 -24.19
N ASN B 139 5.02 4.80 -23.98
CA ASN B 139 6.13 4.75 -23.03
C ASN B 139 7.29 5.63 -23.48
N VAL B 140 7.56 5.60 -24.79
CA VAL B 140 8.62 6.42 -25.36
C VAL B 140 8.21 7.89 -25.28
N HIS B 141 6.94 8.17 -25.55
CA HIS B 141 6.41 9.53 -25.43
C HIS B 141 6.63 10.07 -24.01
N ALA B 142 6.41 9.23 -22.99
CA ALA B 142 6.59 9.65 -21.63
C ALA B 142 8.05 10.01 -21.33
N ARG B 143 9.01 9.31 -21.97
CA ARG B 143 10.43 9.68 -21.83
C ARG B 143 10.65 11.08 -22.36
N ILE B 144 10.06 11.37 -23.51
CA ILE B 144 10.22 12.67 -24.15
C ILE B 144 9.62 13.77 -23.25
N GLU B 145 8.47 13.49 -22.66
CA GLU B 145 7.83 14.44 -21.74
C GLU B 145 8.71 14.70 -20.52
N GLY B 146 9.32 13.66 -19.97
CA GLY B 146 10.21 13.84 -18.84
C GLY B 146 11.43 14.65 -19.21
N PHE B 147 11.93 14.43 -20.42
CA PHE B 147 13.04 15.21 -20.94
C PHE B 147 12.66 16.69 -21.08
N LYS B 148 11.45 16.95 -21.55
CA LYS B 148 10.95 18.33 -21.66
C LYS B 148 10.77 19.00 -20.30
N SER B 149 10.40 18.22 -19.29
CA SER B 149 10.34 18.70 -17.92
C SER B 149 11.70 19.19 -17.44
N ALA B 150 12.76 18.46 -17.78
CA ALA B 150 14.13 18.91 -17.49
C ALA B 150 14.45 20.23 -18.20
N LEU B 151 14.07 20.35 -19.47
CA LEU B 151 14.25 21.61 -20.19
C LEU B 151 13.54 22.77 -19.49
N ASP B 152 12.33 22.52 -18.98
CA ASP B 152 11.57 23.52 -18.22
C ASP B 152 12.33 23.99 -17.00
N VAL B 153 12.98 23.08 -16.30
CA VAL B 153 13.79 23.47 -15.15
C VAL B 153 14.88 24.46 -15.56
N TYR B 154 15.50 24.22 -16.70
CA TYR B 154 16.56 25.09 -17.21
C TYR B 154 16.00 26.24 -18.09
N GLN B 155 14.68 26.35 -18.16
CA GLN B 155 14.02 27.38 -18.96
C GLN B 155 14.56 27.42 -20.40
N ILE B 156 14.80 26.24 -20.96
CA ILE B 156 15.18 26.12 -22.35
C ILE B 156 13.85 26.20 -23.11
N PRO B 157 13.81 27.02 -24.17
CA PRO B 157 12.57 27.05 -24.95
C PRO B 157 12.40 25.75 -25.75
N HIS B 158 11.26 25.07 -25.60
CA HIS B 158 11.03 23.77 -26.25
C HIS B 158 11.32 23.75 -27.75
N ASP B 159 11.39 24.92 -28.38
CA ASP B 159 11.79 25.04 -29.80
C ASP B 159 13.29 25.30 -29.98
N GLN B 160 14.09 24.95 -28.98
CA GLN B 160 15.56 24.83 -29.11
C GLN B 160 15.95 23.33 -29.04
N LEU B 161 14.92 22.47 -29.01
CA LEU B 161 15.08 21.05 -29.21
C LEU B 161 15.14 20.82 -30.71
N ILE B 162 16.19 20.16 -31.17
CA ILE B 162 16.27 19.72 -32.56
C ILE B 162 15.62 18.35 -32.63
N LEU B 163 14.48 18.27 -33.29
CA LEU B 163 13.72 17.02 -33.40
C LEU B 163 14.21 16.21 -34.60
N LEU B 164 14.70 15.00 -34.33
CA LEU B 164 15.18 14.13 -35.40
C LEU B 164 14.44 12.79 -35.38
N PRO B 165 13.16 12.80 -35.83
CA PRO B 165 12.42 11.56 -35.91
C PRO B 165 13.01 10.62 -36.96
N THR B 166 12.98 9.32 -36.69
CA THR B 166 13.58 8.33 -37.57
C THR B 166 12.98 6.94 -37.31
N GLN B 167 13.51 5.92 -37.96
CA GLN B 167 13.08 4.54 -37.70
C GLN B 167 13.72 4.09 -36.39
N PHE B 168 13.01 3.26 -35.63
CA PHE B 168 13.46 2.87 -34.29
C PHE B 168 14.47 1.71 -34.41
N SER B 169 15.69 2.04 -34.81
CA SER B 169 16.69 1.00 -35.09
C SER B 169 18.06 1.63 -35.22
N LYS B 170 19.10 0.81 -35.24
CA LYS B 170 20.45 1.28 -35.53
C LYS B 170 20.49 2.03 -36.87
N GLN B 171 19.89 1.44 -37.90
CA GLN B 171 19.86 2.06 -39.23
C GLN B 171 19.20 3.44 -39.14
N GLY B 172 18.11 3.54 -38.39
CA GLY B 172 17.40 4.81 -38.22
C GLY B 172 18.29 5.88 -37.59
N GLY B 173 19.09 5.49 -36.61
CA GLY B 173 20.04 6.41 -35.97
C GLY B 173 21.12 6.85 -36.94
N TYR B 174 21.65 5.89 -37.67
CA TYR B 174 22.66 6.12 -38.70
C TYR B 174 22.17 7.11 -39.76
N GLN B 175 20.93 6.92 -40.20
CA GLN B 175 20.36 7.72 -41.28
C GLN B 175 20.10 9.19 -40.93
N ILE B 176 19.93 9.52 -39.65
CA ILE B 176 19.68 10.92 -39.27
C ILE B 176 20.94 11.70 -38.91
N THR B 177 22.10 11.05 -39.04
CA THR B 177 23.37 11.68 -38.72
C THR B 177 23.64 12.96 -39.52
N ALA B 178 23.33 12.95 -40.81
CA ALA B 178 23.54 14.12 -41.67
C ALA B 178 22.73 15.32 -41.15
N GLU B 179 21.47 15.08 -40.81
CA GLU B 179 20.64 16.12 -40.19
C GLU B 179 21.25 16.61 -38.88
N LEU B 180 21.77 15.70 -38.07
CA LEU B 180 22.41 16.10 -36.81
C LEU B 180 23.60 17.01 -37.09
N LEU B 181 24.43 16.61 -38.04
CA LEU B 181 25.64 17.39 -38.37
C LEU B 181 25.30 18.79 -38.91
N ASP B 182 24.18 18.90 -39.61
CA ASP B 182 23.75 20.20 -40.12
C ASP B 182 23.03 21.08 -39.09
N SER B 183 22.73 20.53 -37.92
CA SER B 183 22.09 21.30 -36.85
C SER B 183 23.14 21.97 -35.99
N ALA B 184 22.68 22.81 -35.06
CA ALA B 184 23.56 23.41 -34.05
C ALA B 184 23.61 22.58 -32.76
N ALA B 185 23.08 21.36 -32.75
CA ALA B 185 23.06 20.57 -31.51
C ALA B 185 24.47 20.17 -31.08
N THR B 186 24.72 20.25 -29.78
CA THR B 186 25.97 19.77 -29.19
C THR B 186 25.78 18.50 -28.35
N GLY B 187 24.54 18.26 -27.90
CA GLY B 187 24.19 17.06 -27.12
C GLY B 187 23.03 16.34 -27.76
N VAL B 188 22.94 15.03 -27.52
CA VAL B 188 21.92 14.19 -28.15
C VAL B 188 21.31 13.23 -27.13
N PHE B 189 19.98 13.20 -27.07
CA PHE B 189 19.25 12.15 -26.36
C PHE B 189 18.65 11.21 -27.39
N ALA B 190 19.19 10.01 -27.45
CA ALA B 190 18.67 8.93 -28.31
C ALA B 190 17.68 8.11 -27.50
N LEU B 191 16.49 7.89 -28.03
CA LEU B 191 15.42 7.30 -27.22
C LEU B 191 15.57 5.78 -26.97
N ASN B 192 16.54 5.16 -27.62
CA ASN B 192 17.07 3.87 -27.16
C ASN B 192 18.53 3.70 -27.57
N ASP B 193 19.16 2.68 -27.01
CA ASP B 193 20.57 2.43 -27.25
C ASP B 193 20.87 2.10 -28.72
N GLU B 194 19.96 1.39 -29.37
CA GLU B 194 20.13 1.04 -30.78
C GLU B 194 20.27 2.31 -31.65
N LEU B 195 19.37 3.25 -31.45
CA LEU B 195 19.49 4.56 -32.09
C LEU B 195 20.84 5.19 -31.82
N ALA B 196 21.31 5.14 -30.56
CA ALA B 196 22.61 5.71 -30.26
C ALA B 196 23.73 5.03 -31.05
N PHE B 197 23.68 3.69 -31.18
CA PHE B 197 24.71 2.96 -31.91
C PHE B 197 24.75 3.42 -33.38
N GLY B 198 23.58 3.63 -33.96
CA GLY B 198 23.47 4.23 -35.29
C GLY B 198 24.19 5.54 -35.42
N LEU B 199 24.03 6.41 -34.43
CA LEU B 199 24.72 7.69 -34.39
C LEU B 199 26.22 7.53 -34.28
N TYR B 200 26.68 6.59 -33.45
CA TYR B 200 28.09 6.35 -33.36
C TYR B 200 28.67 6.07 -34.74
N ARG B 201 28.00 5.19 -35.49
CA ARG B 201 28.48 4.81 -36.80
C ARG B 201 28.51 6.02 -37.73
N GLY B 202 27.40 6.75 -37.80
CA GLY B 202 27.33 7.95 -38.63
C GLY B 202 28.39 8.96 -38.30
N LEU B 203 28.62 9.21 -37.02
CA LEU B 203 29.60 10.23 -36.60
C LEU B 203 31.02 9.78 -36.87
N GLU B 204 31.31 8.51 -36.60
CA GLU B 204 32.61 7.93 -36.96
C GLU B 204 32.92 8.10 -38.46
N GLU B 205 31.95 7.77 -39.30
CA GLU B 205 32.13 7.87 -40.75
C GLU B 205 32.31 9.31 -41.24
N ALA B 206 31.74 10.27 -40.52
CA ALA B 206 31.90 11.69 -40.83
C ALA B 206 33.17 12.30 -40.21
N GLY B 207 33.98 11.49 -39.55
CA GLY B 207 35.22 11.98 -38.96
C GLY B 207 35.03 12.70 -37.64
N LYS B 208 33.88 12.51 -37.01
CA LYS B 208 33.60 13.16 -35.73
C LYS B 208 33.94 12.21 -34.58
N SER B 209 34.04 12.77 -33.38
CA SER B 209 34.43 12.02 -32.18
C SER B 209 33.38 12.19 -31.07
N ILE B 210 33.24 11.16 -30.25
CA ILE B 210 32.33 11.20 -29.09
C ILE B 210 33.23 11.01 -27.86
N PRO B 211 33.15 11.89 -26.86
CA PRO B 211 32.19 13.00 -26.74
C PRO B 211 32.66 14.37 -27.23
N GLU B 212 33.85 14.45 -27.84
CA GLU B 212 34.46 15.75 -28.15
C GLU B 212 33.57 16.61 -29.05
N ASP B 213 32.94 16.00 -30.06
CA ASP B 213 32.02 16.72 -30.95
C ASP B 213 30.57 16.62 -30.51
N TYR B 214 30.17 15.47 -29.99
CA TYR B 214 28.78 15.30 -29.56
C TYR B 214 28.72 14.51 -28.27
N SER B 215 27.96 15.01 -27.30
CA SER B 215 27.61 14.23 -26.12
C SER B 215 26.36 13.44 -26.47
N ILE B 216 26.37 12.14 -26.20
CA ILE B 216 25.24 11.29 -26.49
C ILE B 216 24.81 10.50 -25.26
N ILE B 217 23.52 10.55 -24.95
CA ILE B 217 22.93 9.66 -23.96
C ILE B 217 21.82 8.81 -24.61
N GLY B 218 21.86 7.51 -24.32
CA GLY B 218 20.89 6.56 -24.86
C GLY B 218 19.83 6.16 -23.84
N TYR B 219 19.22 5.01 -24.09
CA TYR B 219 18.15 4.51 -23.20
C TYR B 219 18.03 3.00 -23.34
N ASP B 220 18.09 2.33 -22.18
CA ASP B 220 17.82 0.89 -21.94
C ASP B 220 18.92 0.26 -21.09
N ASN B 221 20.18 0.57 -21.41
CA ASN B 221 21.34 -0.15 -20.92
C ASN B 221 21.38 -1.61 -21.36
N ILE B 222 21.19 -1.85 -22.65
CA ILE B 222 21.43 -3.19 -23.20
C ILE B 222 22.93 -3.49 -23.07
N ASP B 223 23.30 -4.76 -23.03
CA ASP B 223 24.69 -5.18 -22.79
C ASP B 223 25.72 -4.50 -23.71
N MSE B 224 25.35 -4.31 -24.98
CA MSE B 224 26.27 -3.72 -25.98
C MSE B 224 26.84 -2.37 -25.60
O MSE B 224 27.92 -1.99 -26.07
CB MSE B 224 25.57 -3.68 -27.34
CG MSE B 224 26.51 -3.42 -28.52
SE MSE B 224 27.66 -4.98 -28.87
CE MSE B 224 29.18 -4.10 -29.77
N CYS B 225 26.13 -1.63 -24.73
CA CYS B 225 26.62 -0.32 -24.24
C CYS B 225 28.05 -0.37 -23.68
N GLU B 226 28.42 -1.52 -23.11
CA GLU B 226 29.73 -1.68 -22.50
C GLU B 226 30.80 -2.21 -23.46
N TYR B 227 30.40 -2.53 -24.70
CA TYR B 227 31.31 -3.10 -25.68
C TYR B 227 31.69 -2.12 -26.77
N ILE B 228 30.98 -1.01 -26.89
CA ILE B 228 31.40 0.03 -27.82
C ILE B 228 32.33 1.02 -27.14
N LYS B 229 32.94 1.88 -27.94
CA LYS B 229 33.93 2.83 -27.44
C LYS B 229 33.67 4.19 -28.08
N PRO B 230 33.45 5.24 -27.27
CA PRO B 230 33.40 5.14 -25.82
C PRO B 230 32.15 4.38 -25.35
N LYS B 231 32.23 3.82 -24.14
CA LYS B 231 31.07 3.18 -23.55
C LYS B 231 29.93 4.18 -23.39
N LEU B 232 28.73 3.73 -23.69
CA LEU B 232 27.58 4.60 -23.80
C LEU B 232 26.94 4.89 -22.45
N THR B 233 26.82 6.19 -22.18
CA THR B 233 26.07 6.70 -21.07
C THR B 233 24.61 6.55 -21.43
N THR B 234 23.81 6.06 -20.49
CA THR B 234 22.44 5.67 -20.81
C THR B 234 21.55 5.60 -19.57
N ILE B 235 20.24 5.55 -19.79
CA ILE B 235 19.26 5.29 -18.72
C ILE B 235 18.97 3.80 -18.67
N ALA B 236 19.31 3.16 -17.57
CA ALA B 236 19.14 1.72 -17.46
C ALA B 236 17.70 1.39 -17.06
N GLN B 237 17.03 0.61 -17.89
CA GLN B 237 15.84 -0.12 -17.47
C GLN B 237 16.31 -1.43 -16.86
N PRO B 238 15.62 -1.94 -15.83
CA PRO B 238 16.01 -3.24 -15.28
C PRO B 238 15.36 -4.34 -16.13
N ILE B 239 15.99 -4.63 -17.27
CA ILE B 239 15.33 -5.34 -18.37
C ILE B 239 15.00 -6.78 -17.98
N PHE B 240 16.02 -7.48 -17.50
CA PHE B 240 15.87 -8.88 -17.12
C PHE B 240 14.84 -9.01 -16.01
N GLU B 241 14.93 -8.12 -15.01
CA GLU B 241 14.00 -8.12 -13.87
C GLU B 241 12.59 -7.81 -14.29
N LEU B 242 12.44 -6.92 -15.27
CA LEU B 242 11.14 -6.61 -15.86
C LEU B 242 10.50 -7.88 -16.43
N GLY B 243 11.29 -8.67 -17.13
CA GLY B 243 10.82 -9.96 -17.65
C GLY B 243 10.43 -10.92 -16.56
N GLN B 244 11.30 -11.08 -15.57
CA GLN B 244 11.00 -11.91 -14.40
C GLN B 244 9.70 -11.49 -13.71
N THR B 245 9.54 -10.18 -13.49
CA THR B 245 8.40 -9.66 -12.78
C THR B 245 7.11 -9.93 -13.54
N SER B 246 7.16 -9.71 -14.86
CA SER B 246 6.01 -10.03 -15.71
C SER B 246 5.64 -11.51 -15.63
N ALA B 247 6.65 -12.38 -15.60
CA ALA B 247 6.38 -13.82 -15.51
C ALA B 247 5.81 -14.21 -14.13
N LYS B 248 6.39 -13.65 -13.06
CA LYS B 248 5.90 -13.93 -11.69
C LYS B 248 4.45 -13.46 -11.52
N LEU B 249 4.13 -12.27 -12.00
CA LEU B 249 2.76 -11.80 -11.96
C LEU B 249 1.81 -12.76 -12.67
N LEU B 250 2.23 -13.28 -13.82
CA LEU B 250 1.37 -14.21 -14.58
C LEU B 250 1.17 -15.52 -13.83
N LEU B 251 2.23 -16.09 -13.29
CA LEU B 251 2.13 -17.34 -12.51
C LEU B 251 1.23 -17.18 -11.30
N ASP B 252 1.33 -16.02 -10.65
CA ASP B 252 0.48 -15.73 -9.48
C ASP B 252 -0.99 -15.60 -9.87
N ARG B 253 -1.22 -14.98 -11.01
CA ARG B 253 -2.58 -14.87 -11.56
C ARG B 253 -3.16 -16.22 -11.91
N ILE B 254 -2.33 -17.11 -12.44
CA ILE B 254 -2.78 -18.45 -12.78
C ILE B 254 -3.07 -19.22 -11.49
N GLN B 255 -2.17 -19.12 -10.51
CA GLN B 255 -2.40 -19.79 -9.23
C GLN B 255 -3.55 -19.19 -8.41
N PHE B 256 -3.69 -17.86 -8.43
CA PHE B 256 -4.69 -17.14 -7.66
C PHE B 256 -5.49 -16.23 -8.58
N PRO B 257 -6.49 -16.78 -9.27
CA PRO B 257 -7.19 -16.00 -10.30
C PRO B 257 -7.84 -14.72 -9.80
N GLU B 258 -8.11 -14.63 -8.50
CA GLU B 258 -8.80 -13.48 -7.93
C GLU B 258 -7.92 -12.62 -7.03
N LYS B 259 -6.61 -12.82 -7.08
CA LYS B 259 -5.68 -11.94 -6.36
C LYS B 259 -5.85 -10.50 -6.84
N GLU B 260 -5.36 -9.57 -6.03
CA GLU B 260 -5.35 -8.15 -6.36
C GLU B 260 -4.76 -7.89 -7.75
N TRP B 261 -5.42 -7.03 -8.53
CA TRP B 261 -4.89 -6.59 -9.81
C TRP B 261 -3.78 -5.58 -9.55
N GLU B 262 -2.62 -5.81 -10.15
CA GLU B 262 -1.45 -5.00 -9.86
C GLU B 262 -0.94 -4.27 -11.08
N GLU B 263 -0.44 -3.06 -10.85
CA GLU B 263 0.32 -2.32 -11.83
C GLU B 263 1.63 -1.94 -11.18
N LYS B 264 2.62 -2.80 -11.35
CA LYS B 264 3.91 -2.61 -10.70
C LYS B 264 4.71 -1.62 -11.51
N ARG B 265 5.50 -0.79 -10.83
CA ARG B 265 6.38 0.13 -11.54
C ARG B 265 7.78 -0.03 -10.99
N LEU B 266 8.74 -0.28 -11.89
CA LEU B 266 10.12 -0.49 -11.51
C LEU B 266 10.92 0.76 -11.86
N PRO B 267 11.93 1.08 -11.05
CA PRO B 267 12.69 2.28 -11.27
C PRO B 267 13.72 2.12 -12.37
N VAL B 268 14.14 3.24 -12.93
CA VAL B 268 15.24 3.27 -13.87
C VAL B 268 16.42 3.86 -13.12
N ARG B 269 17.57 3.90 -13.76
CA ARG B 269 18.70 4.63 -13.19
C ARG B 269 19.70 5.07 -14.21
N PHE B 270 20.42 6.10 -13.83
CA PHE B 270 21.36 6.72 -14.72
C PHE B 270 22.64 5.90 -14.70
N GLU B 271 23.15 5.56 -15.88
CA GLU B 271 24.40 4.81 -16.00
C GLU B 271 25.43 5.71 -16.68
N LYS B 272 26.30 6.30 -15.87
CA LYS B 272 27.23 7.28 -16.37
C LYS B 272 28.48 6.60 -16.89
N ARG B 273 28.73 6.78 -18.18
CA ARG B 273 29.91 6.18 -18.79
C ARG B 273 30.71 7.29 -19.46
N PHE B 274 31.01 7.18 -20.75
CA PHE B 274 32.03 8.05 -21.35
C PHE B 274 31.64 8.71 -22.65
N SER B 275 30.33 8.75 -22.92
CA SER B 275 29.82 9.31 -24.17
C SER B 275 29.29 10.72 -24.00
N THR B 276 29.44 11.30 -22.80
CA THR B 276 29.09 12.70 -22.57
C THR B 276 30.25 13.45 -21.93
N ALA B 277 30.26 14.77 -22.15
CA ALA B 277 31.26 15.63 -21.51
C ALA B 277 30.76 17.08 -21.40
N PRO B 278 31.33 17.86 -20.46
CA PRO B 278 30.95 19.27 -20.35
C PRO B 278 31.17 20.00 -21.67
N LEU B 279 30.23 20.87 -22.04
CA LEU B 279 30.40 21.69 -23.24
C LEU B 279 31.55 22.68 -23.03
N LYS B 280 32.42 22.79 -24.04
CA LYS B 280 33.56 23.71 -24.01
C LYS B 280 33.32 24.88 -24.95
N LYS C 8 -18.43 -2.98 25.90
CA LYS C 8 -18.73 -4.44 26.06
C LYS C 8 -19.84 -4.98 25.13
N THR C 9 -20.67 -4.09 24.55
CA THR C 9 -21.71 -4.52 23.60
C THR C 9 -21.51 -3.85 22.24
N ILE C 10 -21.61 -4.65 21.17
CA ILE C 10 -21.48 -4.18 19.79
C ILE C 10 -22.77 -4.46 19.04
N GLY C 11 -23.25 -3.48 18.30
CA GLY C 11 -24.50 -3.60 17.56
C GLY C 11 -24.28 -3.86 16.09
N VAL C 12 -24.90 -4.93 15.59
CA VAL C 12 -24.85 -5.26 14.17
C VAL C 12 -26.18 -4.95 13.53
N LEU C 13 -26.16 -4.10 12.51
CA LEU C 13 -27.38 -3.71 11.82
C LEU C 13 -27.40 -4.31 10.42
N VAL C 14 -28.37 -5.18 10.17
CA VAL C 14 -28.48 -5.84 8.89
C VAL C 14 -29.83 -5.55 8.24
N PRO C 15 -29.88 -5.63 6.90
CA PRO C 15 -31.16 -5.37 6.22
C PRO C 15 -32.21 -6.49 6.37
N ASP C 16 -31.76 -7.73 6.58
CA ASP C 16 -32.66 -8.89 6.50
C ASP C 16 -32.09 -10.08 7.24
N ILE C 17 -32.48 -10.26 8.49
CA ILE C 17 -31.98 -11.38 9.29
C ILE C 17 -32.47 -12.76 8.80
N THR C 18 -33.55 -12.80 8.01
CA THR C 18 -34.04 -14.05 7.45
C THR C 18 -33.17 -14.62 6.33
N ASN C 19 -32.27 -13.81 5.78
CA ASN C 19 -31.37 -14.28 4.74
C ASN C 19 -30.14 -14.92 5.39
N PRO C 20 -29.86 -16.19 5.07
CA PRO C 20 -28.70 -16.89 5.63
C PRO C 20 -27.38 -16.16 5.45
N PHE C 21 -27.24 -15.35 4.41
CA PHE C 21 -26.06 -14.50 4.27
C PHE C 21 -25.82 -13.66 5.54
N PHE C 22 -26.86 -13.00 6.03
CA PHE C 22 -26.70 -12.10 7.18
C PHE C 22 -26.56 -12.82 8.51
N SER C 23 -27.17 -14.00 8.65
CA SER C 23 -26.97 -14.80 9.86
C SER C 23 -25.56 -15.42 9.90
N THR C 24 -25.03 -15.80 8.74
CA THR C 24 -23.64 -16.29 8.66
C THR C 24 -22.64 -15.16 8.88
N LEU C 25 -22.92 -14.00 8.32
CA LEU C 25 -22.16 -12.78 8.65
C LEU C 25 -22.09 -12.58 10.16
N MSE C 26 -23.24 -12.65 10.82
CA MSE C 26 -23.32 -12.47 12.28
CA MSE C 26 -23.32 -12.46 12.28
C MSE C 26 -22.45 -13.48 12.97
O MSE C 26 -21.74 -13.14 13.93
CB MSE C 26 -24.78 -12.61 12.71
CB MSE C 26 -24.76 -12.56 12.80
CG MSE C 26 -24.93 -12.66 14.24
CG MSE C 26 -24.90 -11.96 14.20
SE MSE C 26 -24.31 -10.96 14.98
SE MSE C 26 -26.62 -12.45 15.04
CE MSE C 26 -25.33 -11.14 16.67
CE MSE C 26 -26.12 -12.02 16.89
N ARG C 27 -22.48 -14.73 12.53
CA ARG C 27 -21.62 -15.75 13.16
C ARG C 27 -20.14 -15.41 13.05
N GLY C 28 -19.72 -14.82 11.93
CA GLY C 28 -18.34 -14.42 11.72
C GLY C 28 -17.92 -13.31 12.65
N ILE C 29 -18.81 -12.34 12.81
CA ILE C 29 -18.60 -11.24 13.74
C ILE C 29 -18.46 -11.77 15.18
N GLU C 30 -19.39 -12.61 15.58
CA GLU C 30 -19.39 -13.19 16.94
C GLU C 30 -18.17 -14.01 17.25
N ASP C 31 -17.73 -14.78 16.26
CA ASP C 31 -16.51 -15.57 16.37
C ASP C 31 -15.35 -14.74 16.89
N ILE C 32 -15.23 -13.52 16.38
CA ILE C 32 -14.15 -12.61 16.76
C ILE C 32 -14.47 -11.89 18.07
N LEU C 33 -15.68 -11.35 18.19
CA LEU C 33 -16.02 -10.51 19.34
C LEU C 33 -16.12 -11.32 20.63
N TYR C 34 -16.58 -12.55 20.52
CA TYR C 34 -16.72 -13.45 21.67
C TYR C 34 -15.40 -13.62 22.43
N LYS C 35 -14.28 -13.69 21.70
CA LYS C 35 -12.96 -13.95 22.28
CA LYS C 35 -13.01 -13.98 22.37
C LYS C 35 -12.42 -12.74 23.05
N GLN C 36 -13.02 -11.57 22.83
CA GLN C 36 -12.65 -10.35 23.56
C GLN C 36 -13.72 -9.98 24.58
N ASN C 37 -14.61 -10.92 24.89
CA ASN C 37 -15.70 -10.72 25.85
C ASN C 37 -16.69 -9.61 25.47
N PHE C 38 -16.91 -9.42 24.17
CA PHE C 38 -17.95 -8.51 23.73
C PHE C 38 -19.22 -9.30 23.52
N VAL C 39 -20.34 -8.65 23.83
CA VAL C 39 -21.64 -9.18 23.52
C VAL C 39 -22.01 -8.65 22.15
N THR C 40 -22.47 -9.53 21.26
CA THR C 40 -22.93 -9.11 19.95
C THR C 40 -24.45 -9.13 19.91
N ILE C 41 -25.04 -8.00 19.51
CA ILE C 41 -26.48 -7.93 19.33
C ILE C 41 -26.78 -7.57 17.90
N LEU C 42 -27.91 -8.08 17.41
CA LEU C 42 -28.30 -7.88 16.03
C LEU C 42 -29.64 -7.18 15.90
N CYS C 43 -29.68 -6.26 14.96
CA CYS C 43 -30.86 -5.50 14.61
C CYS C 43 -31.17 -5.71 13.15
N ASN C 44 -32.43 -5.95 12.88
CA ASN C 44 -32.92 -6.05 11.52
C ASN C 44 -33.53 -4.69 11.20
N ALA C 45 -32.79 -3.87 10.49
CA ALA C 45 -33.23 -2.53 10.15
C ALA C 45 -33.37 -2.41 8.64
N ASP C 46 -34.62 -2.34 8.16
CA ASP C 46 -34.90 -2.23 6.74
C ASP C 46 -35.65 -0.94 6.40
N SER C 47 -35.81 -0.67 5.11
CA SER C 47 -36.50 0.53 4.63
C SER C 47 -37.98 0.26 4.40
N ILE C 53 -38.62 5.06 12.94
CA ILE C 53 -37.94 4.09 13.81
C ILE C 53 -36.44 4.43 13.93
N GLU C 54 -35.99 4.69 15.15
CA GLU C 54 -34.64 5.20 15.38
C GLU C 54 -33.73 4.24 16.09
N TYR C 55 -33.24 3.30 15.32
CA TYR C 55 -32.35 2.25 15.81
C TYR C 55 -31.13 2.82 16.51
N LEU C 56 -30.39 3.70 15.83
CA LEU C 56 -29.13 4.19 16.33
C LEU C 56 -29.29 5.05 17.57
N ALA C 57 -30.27 5.94 17.57
CA ALA C 57 -30.51 6.81 18.71
C ALA C 57 -30.77 5.96 19.94
N GLU C 58 -31.65 4.98 19.80
CA GLU C 58 -32.03 4.15 20.94
C GLU C 58 -30.85 3.32 21.42
N LEU C 59 -30.17 2.64 20.51
CA LEU C 59 -29.05 1.79 20.90
C LEU C 59 -27.89 2.62 21.44
N THR C 60 -27.70 3.82 20.90
CA THR C 60 -26.69 4.73 21.44
C THR C 60 -27.01 5.11 22.89
N ARG C 61 -28.29 5.38 23.19
CA ARG C 61 -28.75 5.65 24.57
CA ARG C 61 -28.72 5.66 24.57
C ARG C 61 -28.49 4.47 25.49
N ARG C 62 -28.67 3.26 24.96
CA ARG C 62 -28.41 2.03 25.72
C ARG C 62 -26.92 1.77 25.94
N GLY C 63 -26.05 2.63 25.40
CA GLY C 63 -24.61 2.54 25.66
C GLY C 63 -23.88 1.50 24.83
N VAL C 64 -24.46 1.11 23.70
CA VAL C 64 -23.81 0.21 22.77
C VAL C 64 -22.50 0.90 22.35
N ASP C 65 -21.41 0.13 22.41
CA ASP C 65 -20.09 0.72 22.35
CA ASP C 65 -20.04 0.65 22.35
C ASP C 65 -19.58 0.96 20.92
N GLY C 66 -20.00 0.13 19.98
CA GLY C 66 -19.60 0.28 18.57
C GLY C 66 -20.59 -0.44 17.68
N PHE C 67 -20.53 -0.14 16.39
CA PHE C 67 -21.52 -0.64 15.44
C PHE C 67 -20.91 -1.18 14.17
N ILE C 68 -21.54 -2.24 13.65
CA ILE C 68 -21.25 -2.80 12.35
C ILE C 68 -22.52 -2.68 11.53
N ILE C 69 -22.44 -1.92 10.45
CA ILE C 69 -23.61 -1.45 9.72
C ILE C 69 -23.58 -1.96 8.29
N ALA C 70 -24.50 -2.88 7.99
CA ALA C 70 -24.60 -3.50 6.67
C ALA C 70 -25.80 -3.04 5.86
N THR C 71 -26.58 -2.12 6.43
CA THR C 71 -27.84 -1.69 5.83
C THR C 71 -27.76 -0.23 5.45
N SER C 72 -28.36 0.11 4.32
CA SER C 72 -28.47 1.49 3.86
C SER C 72 -29.60 2.26 4.57
N ALA C 73 -30.39 1.59 5.40
CA ALA C 73 -31.51 2.21 6.12
C ALA C 73 -31.03 3.15 7.22
N VAL C 74 -29.79 3.00 7.64
CA VAL C 74 -29.16 3.90 8.60
C VAL C 74 -28.55 5.07 7.83
N SER C 75 -29.06 6.27 8.09
CA SER C 75 -28.66 7.46 7.36
C SER C 75 -27.38 8.10 7.93
N THR C 76 -26.74 8.90 7.09
CA THR C 76 -25.61 9.70 7.50
C THR C 76 -25.94 10.60 8.69
N ASP C 77 -27.10 11.26 8.65
CA ASP C 77 -27.53 12.14 9.75
C ASP C 77 -27.65 11.40 11.08
N ALA C 78 -28.25 10.22 11.04
CA ALA C 78 -28.39 9.41 12.25
C ALA C 78 -27.00 8.99 12.75
N ILE C 79 -26.09 8.70 11.83
CA ILE C 79 -24.72 8.34 12.21
C ILE C 79 -24.05 9.54 12.89
N ASN C 80 -24.14 10.71 12.27
CA ASN C 80 -23.51 11.93 12.82
C ASN C 80 -24.07 12.28 14.20
N GLU C 81 -25.40 12.31 14.28
CA GLU C 81 -26.08 12.75 15.50
C GLU C 81 -25.79 11.83 16.67
N ASN C 82 -25.70 10.52 16.41
CA ASN C 82 -25.62 9.55 17.47
C ASN C 82 -24.25 8.93 17.67
N LEU C 83 -23.64 8.42 16.61
CA LEU C 83 -22.40 7.69 16.76
C LEU C 83 -21.23 8.66 16.88
N LYS C 84 -21.18 9.63 15.98
CA LYS C 84 -20.05 10.53 15.94
C LYS C 84 -20.05 11.46 17.15
N LYS C 85 -21.19 12.06 17.50
CA LYS C 85 -21.25 12.91 18.69
C LYS C 85 -20.90 12.16 19.96
N GLN C 86 -21.27 10.88 20.04
CA GLN C 86 -21.05 10.09 21.26
C GLN C 86 -19.82 9.21 21.22
N GLY C 87 -18.96 9.42 20.22
CA GLY C 87 -17.69 8.68 20.12
C GLY C 87 -17.84 7.17 19.99
N ARG C 88 -18.85 6.72 19.25
CA ARG C 88 -19.03 5.28 19.03
C ARG C 88 -18.48 4.92 17.65
N PRO C 89 -17.34 4.20 17.61
CA PRO C 89 -16.78 3.83 16.31
C PRO C 89 -17.67 2.84 15.57
N PHE C 90 -17.56 2.84 14.23
CA PHE C 90 -18.36 1.93 13.42
C PHE C 90 -17.69 1.50 12.13
N ILE C 91 -18.17 0.36 11.65
CA ILE C 91 -17.76 -0.24 10.40
C ILE C 91 -18.94 -0.24 9.45
N VAL C 92 -18.66 0.05 8.19
CA VAL C 92 -19.65 -0.07 7.14
C VAL C 92 -19.30 -1.18 6.17
N LEU C 93 -20.33 -1.80 5.62
CA LEU C 93 -20.15 -2.85 4.65
C LEU C 93 -21.42 -3.08 3.86
N ASP C 94 -21.30 -3.95 2.86
CA ASP C 94 -22.43 -4.52 2.16
C ASP C 94 -23.33 -3.45 1.50
N GLN C 95 -24.56 -3.27 1.97
CA GLN C 95 -25.47 -2.30 1.32
C GLN C 95 -25.25 -0.86 1.80
N LYS C 96 -24.45 -0.67 2.86
CA LYS C 96 -24.24 0.66 3.44
C LYS C 96 -23.08 1.38 2.75
N LYS C 97 -23.32 2.61 2.32
CA LYS C 97 -22.29 3.41 1.66
C LYS C 97 -21.25 3.89 2.66
N SER C 98 -20.09 4.24 2.12
CA SER C 98 -18.98 4.74 2.94
C SER C 98 -19.32 6.05 3.70
N GLU C 99 -18.66 6.21 4.85
CA GLU C 99 -18.84 7.38 5.72
C GLU C 99 -17.46 7.83 6.17
N GLY C 100 -17.29 9.15 6.29
CA GLY C 100 -16.06 9.71 6.81
C GLY C 100 -15.76 9.17 8.20
N PHE C 101 -14.48 8.93 8.47
CA PHE C 101 -14.04 8.43 9.76
C PHE C 101 -14.79 7.15 10.17
N SER C 102 -14.88 6.23 9.22
CA SER C 102 -15.21 4.84 9.51
C SER C 102 -14.30 3.95 8.69
N ASP C 103 -14.16 2.72 9.13
CA ASP C 103 -13.52 1.70 8.33
C ASP C 103 -14.59 0.94 7.57
N ALA C 104 -14.19 0.32 6.46
CA ALA C 104 -15.12 -0.45 5.64
C ALA C 104 -14.55 -1.77 5.21
N VAL C 105 -15.44 -2.73 4.94
CA VAL C 105 -15.03 -3.96 4.27
C VAL C 105 -16.06 -4.36 3.23
N ARG C 106 -15.56 -4.59 2.03
CA ARG C 106 -16.41 -4.89 0.90
C ARG C 106 -15.92 -6.13 0.17
N THR C 107 -16.79 -6.71 -0.64
CA THR C 107 -16.41 -7.80 -1.52
C THR C 107 -16.52 -7.29 -2.94
N ASP C 108 -15.91 -7.97 -3.89
CA ASP C 108 -15.79 -7.39 -5.24
C ASP C 108 -17.03 -7.71 -6.08
N ASP C 109 -18.08 -6.90 -5.91
CA ASP C 109 -19.36 -7.12 -6.56
C ASP C 109 -19.28 -7.03 -8.08
N PHE C 110 -18.54 -6.03 -8.58
CA PHE C 110 -18.42 -5.87 -10.04
C PHE C 110 -17.82 -7.13 -10.61
N ARG C 111 -16.73 -7.58 -10.01
CA ARG C 111 -16.04 -8.77 -10.48
C ARG C 111 -16.97 -9.97 -10.48
N GLY C 112 -17.73 -10.16 -9.39
CA GLY C 112 -18.62 -11.29 -9.28
C GLY C 112 -19.66 -11.34 -10.37
N GLY C 113 -20.26 -10.19 -10.63
CA GLY C 113 -21.22 -10.08 -11.73
C GLY C 113 -20.60 -10.39 -13.07
N TYR C 114 -19.38 -9.90 -13.28
CA TYR C 114 -18.61 -10.20 -14.47
C TYR C 114 -18.38 -11.69 -14.62
N LEU C 115 -17.92 -12.34 -13.56
CA LEU C 115 -17.70 -13.79 -13.60
C LEU C 115 -18.98 -14.56 -13.94
N ALA C 116 -20.10 -14.14 -13.38
CA ALA C 116 -21.37 -14.81 -13.64
C ALA C 116 -21.75 -14.68 -15.12
N GLY C 117 -21.62 -13.47 -15.64
CA GLY C 117 -21.88 -13.20 -17.05
C GLY C 117 -20.96 -14.00 -17.96
N MSE C 118 -19.66 -13.95 -17.70
CA MSE C 118 -18.70 -14.67 -18.56
C MSE C 118 -18.98 -16.15 -18.57
O MSE C 118 -18.84 -16.80 -19.61
CB MSE C 118 -17.24 -14.42 -18.17
CG MSE C 118 -16.81 -12.96 -18.30
SE MSE C 118 -16.91 -12.26 -20.15
CE MSE C 118 -15.16 -13.01 -20.67
N HIS C 119 -19.39 -16.70 -17.43
CA HIS C 119 -19.69 -18.13 -17.34
C HIS C 119 -20.87 -18.50 -18.22
N LEU C 120 -21.96 -17.76 -18.11
CA LEU C 120 -23.15 -18.07 -18.89
C LEU C 120 -22.87 -17.88 -20.38
N LEU C 121 -22.18 -16.80 -20.72
CA LEU C 121 -21.87 -16.52 -22.11
C LEU C 121 -20.92 -17.56 -22.69
N SER C 122 -19.98 -18.06 -21.89
CA SER C 122 -19.04 -19.07 -22.36
C SER C 122 -19.75 -20.38 -22.70
N LEU C 123 -20.89 -20.61 -22.06
CA LEU C 123 -21.70 -21.79 -22.31
C LEU C 123 -22.62 -21.67 -23.54
N GLY C 124 -22.62 -20.51 -24.17
CA GLY C 124 -23.40 -20.31 -25.38
C GLY C 124 -24.74 -19.60 -25.15
N HIS C 125 -25.06 -19.26 -23.91
CA HIS C 125 -26.33 -18.55 -23.64
C HIS C 125 -26.18 -17.12 -24.11
N GLN C 126 -27.08 -16.68 -24.99
CA GLN C 126 -27.01 -15.33 -25.54
CA GLN C 126 -27.04 -15.35 -25.58
C GLN C 126 -28.24 -14.51 -25.15
N THR C 127 -29.33 -15.18 -24.81
CA THR C 127 -30.51 -14.52 -24.25
C THR C 127 -30.60 -14.93 -22.78
N ILE C 128 -30.35 -13.96 -21.91
CA ILE C 128 -30.18 -14.22 -20.50
C ILE C 128 -31.15 -13.37 -19.70
N ALA C 129 -31.73 -13.99 -18.67
CA ALA C 129 -32.58 -13.30 -17.74
C ALA C 129 -31.79 -12.86 -16.51
N LEU C 130 -32.05 -11.64 -16.08
CA LEU C 130 -31.52 -11.10 -14.84
C LEU C 130 -32.65 -11.06 -13.83
N VAL C 131 -32.50 -11.80 -12.74
CA VAL C 131 -33.50 -11.82 -11.67
C VAL C 131 -32.90 -11.10 -10.47
N TYR C 132 -33.45 -9.93 -10.17
CA TYR C 132 -32.81 -9.01 -9.26
C TYR C 132 -33.82 -8.26 -8.41
N PRO C 133 -33.39 -7.76 -7.25
CA PRO C 133 -34.31 -7.03 -6.38
C PRO C 133 -34.65 -5.67 -6.98
N GLU C 134 -35.94 -5.36 -7.01
CA GLU C 134 -36.39 -4.00 -7.33
C GLU C 134 -35.69 -2.97 -6.42
N ASN C 135 -35.29 -1.83 -6.99
CA ASN C 135 -34.51 -0.81 -6.26
C ASN C 135 -33.32 -1.43 -5.53
N PRO C 136 -32.37 -1.96 -6.31
CA PRO C 136 -31.28 -2.71 -5.69
C PRO C 136 -30.34 -1.83 -4.89
N PRO C 137 -29.79 -2.34 -3.79
CA PRO C 137 -28.78 -1.54 -3.11
C PRO C 137 -27.54 -1.42 -4.00
N GLU C 138 -26.63 -0.52 -3.67
CA GLU C 138 -25.53 -0.18 -4.57
C GLU C 138 -24.58 -1.36 -4.84
N ASN C 139 -24.33 -2.20 -3.85
CA ASN C 139 -23.47 -3.36 -4.04
C ASN C 139 -24.06 -4.36 -5.06
N VAL C 140 -25.38 -4.52 -5.03
CA VAL C 140 -26.08 -5.37 -5.96
C VAL C 140 -26.07 -4.75 -7.34
N HIS C 141 -26.25 -3.43 -7.39
CA HIS C 141 -26.18 -2.72 -8.66
C HIS C 141 -24.80 -2.91 -9.31
N ALA C 142 -23.74 -2.96 -8.51
CA ALA C 142 -22.38 -3.16 -9.06
C ALA C 142 -22.24 -4.55 -9.70
N ARG C 143 -22.92 -5.54 -9.15
CA ARG C 143 -22.92 -6.90 -9.70
C ARG C 143 -23.55 -6.87 -11.09
N ILE C 144 -24.63 -6.11 -11.22
CA ILE C 144 -25.34 -5.99 -12.48
C ILE C 144 -24.45 -5.28 -13.50
N GLU C 145 -23.74 -4.25 -13.05
CA GLU C 145 -22.81 -3.54 -13.93
C GLU C 145 -21.68 -4.46 -14.42
N GLY C 146 -21.15 -5.28 -13.53
CA GLY C 146 -20.12 -6.23 -13.93
C GLY C 146 -20.64 -7.23 -14.95
N PHE C 147 -21.86 -7.71 -14.72
CA PHE C 147 -22.53 -8.62 -15.62
C PHE C 147 -22.69 -7.99 -17.01
N LYS C 148 -23.08 -6.72 -17.04
CA LYS C 148 -23.24 -6.02 -18.32
C LYS C 148 -21.90 -5.80 -19.00
N SER C 149 -20.83 -5.71 -18.23
CA SER C 149 -19.49 -5.60 -18.79
C SER C 149 -19.15 -6.90 -19.54
N ALA C 150 -19.55 -8.04 -18.99
CA ALA C 150 -19.38 -9.34 -19.65
C ALA C 150 -20.18 -9.37 -20.95
N LEU C 151 -21.42 -8.88 -20.92
CA LEU C 151 -22.22 -8.79 -22.13
C LEU C 151 -21.50 -7.96 -23.20
N ASP C 152 -20.87 -6.86 -22.80
CA ASP C 152 -20.06 -6.02 -23.69
C ASP C 152 -18.96 -6.79 -24.40
N VAL C 153 -18.25 -7.63 -23.66
CA VAL C 153 -17.19 -8.46 -24.23
C VAL C 153 -17.73 -9.34 -25.35
N TYR C 154 -18.94 -9.87 -25.17
CA TYR C 154 -19.58 -10.70 -26.19
C TYR C 154 -20.44 -9.88 -27.15
N GLN C 155 -20.27 -8.56 -27.11
CA GLN C 155 -21.03 -7.62 -27.92
C GLN C 155 -22.50 -8.00 -27.96
N ILE C 156 -23.01 -8.36 -26.79
CA ILE C 156 -24.42 -8.60 -26.62
C ILE C 156 -24.96 -7.21 -26.30
N PRO C 157 -26.04 -6.79 -26.98
CA PRO C 157 -26.63 -5.50 -26.65
C PRO C 157 -27.33 -5.58 -25.29
N HIS C 158 -27.12 -4.58 -24.45
CA HIS C 158 -27.72 -4.59 -23.11
C HIS C 158 -29.22 -4.85 -23.16
N ASP C 159 -29.82 -4.83 -24.34
CA ASP C 159 -31.28 -4.93 -24.47
C ASP C 159 -31.80 -6.26 -25.02
N GLN C 160 -30.96 -7.29 -25.05
CA GLN C 160 -31.40 -8.68 -25.31
C GLN C 160 -31.49 -9.45 -23.98
N LEU C 161 -31.22 -8.71 -22.91
CA LEU C 161 -31.32 -9.08 -21.51
C LEU C 161 -32.79 -9.08 -21.14
N ILE C 162 -33.25 -10.15 -20.53
CA ILE C 162 -34.59 -10.21 -19.94
C ILE C 162 -34.49 -9.71 -18.50
N LEU C 163 -35.14 -8.58 -18.21
CA LEU C 163 -35.07 -7.95 -16.89
C LEU C 163 -36.28 -8.35 -16.06
N LEU C 164 -36.02 -9.03 -14.94
CA LEU C 164 -37.08 -9.54 -14.06
C LEU C 164 -36.87 -9.06 -12.62
N PRO C 165 -37.21 -7.78 -12.36
CA PRO C 165 -37.12 -7.26 -11.00
C PRO C 165 -38.21 -7.87 -10.13
N THR C 166 -37.92 -8.09 -8.86
CA THR C 166 -38.85 -8.75 -7.97
C THR C 166 -38.44 -8.49 -6.53
N GLN C 167 -39.15 -9.08 -5.56
CA GLN C 167 -38.79 -8.93 -4.16
C GLN C 167 -37.51 -9.74 -3.87
N PHE C 168 -36.69 -9.27 -2.94
CA PHE C 168 -35.36 -9.87 -2.72
C PHE C 168 -35.51 -11.07 -1.79
N SER C 169 -36.06 -12.16 -2.30
CA SER C 169 -36.44 -13.30 -1.46
C SER C 169 -36.70 -14.54 -2.29
N LYS C 170 -36.76 -15.69 -1.64
CA LYS C 170 -37.19 -16.92 -2.30
C LYS C 170 -38.53 -16.70 -2.96
N GLN C 171 -39.47 -16.12 -2.22
CA GLN C 171 -40.81 -15.84 -2.75
C GLN C 171 -40.74 -14.97 -4.01
N GLY C 172 -39.87 -13.97 -4.00
CA GLY C 172 -39.70 -13.07 -5.14
C GLY C 172 -39.23 -13.79 -6.39
N GLY C 173 -38.24 -14.66 -6.22
CA GLY C 173 -37.77 -15.49 -7.33
C GLY C 173 -38.84 -16.42 -7.86
N TYR C 174 -39.59 -17.02 -6.94
CA TYR C 174 -40.71 -17.87 -7.28
C TYR C 174 -41.73 -17.13 -8.14
N GLN C 175 -42.04 -15.90 -7.74
CA GLN C 175 -43.11 -15.14 -8.37
C GLN C 175 -42.79 -14.66 -9.79
N ILE C 176 -41.50 -14.51 -10.13
CA ILE C 176 -41.18 -14.12 -11.52
C ILE C 176 -40.99 -15.29 -12.48
N THR C 177 -41.17 -16.53 -12.01
CA THR C 177 -41.07 -17.70 -12.87
C THR C 177 -41.97 -17.63 -14.12
N ALA C 178 -43.23 -17.25 -13.96
CA ALA C 178 -44.13 -17.21 -15.13
C ALA C 178 -43.59 -16.23 -16.19
N GLU C 179 -43.05 -15.10 -15.74
CA GLU C 179 -42.44 -14.12 -16.66
C GLU C 179 -41.23 -14.71 -17.38
N LEU C 180 -40.42 -15.45 -16.65
CA LEU C 180 -39.27 -16.10 -17.26
C LEU C 180 -39.70 -17.07 -18.33
N LEU C 181 -40.69 -17.92 -18.04
CA LEU C 181 -41.15 -18.94 -18.99
C LEU C 181 -41.68 -18.37 -20.31
N ASP C 182 -42.19 -17.13 -20.27
CA ASP C 182 -42.67 -16.42 -21.47
C ASP C 182 -41.55 -15.92 -22.37
N SER C 183 -40.36 -15.78 -21.80
CA SER C 183 -39.23 -15.19 -22.51
C SER C 183 -38.48 -16.25 -23.30
N ALA C 184 -37.57 -15.79 -24.14
CA ALA C 184 -36.66 -16.68 -24.86
C ALA C 184 -35.35 -16.95 -24.09
N ALA C 185 -35.27 -16.53 -22.82
CA ALA C 185 -34.06 -16.75 -22.03
C ALA C 185 -33.75 -18.23 -21.88
N THR C 186 -32.47 -18.58 -22.00
CA THR C 186 -31.99 -19.93 -21.74
C THR C 186 -31.09 -20.02 -20.49
N GLY C 187 -30.57 -18.88 -20.05
CA GLY C 187 -29.74 -18.80 -18.84
C GLY C 187 -30.23 -17.67 -17.98
N VAL C 188 -29.93 -17.77 -16.68
CA VAL C 188 -30.43 -16.83 -15.68
C VAL C 188 -29.34 -16.51 -14.68
N PHE C 189 -29.14 -15.22 -14.41
CA PHE C 189 -28.32 -14.78 -13.31
C PHE C 189 -29.27 -14.24 -12.26
N ALA C 190 -29.37 -14.97 -11.16
CA ALA C 190 -30.13 -14.54 -10.00
C ALA C 190 -29.18 -13.82 -9.03
N LEU C 191 -29.55 -12.62 -8.58
CA LEU C 191 -28.60 -11.75 -7.86
C LEU C 191 -28.34 -12.16 -6.41
N ASN C 192 -29.08 -13.15 -5.93
CA ASN C 192 -28.64 -13.93 -4.80
C ASN C 192 -29.17 -15.35 -4.82
N ASP C 193 -28.63 -16.17 -3.94
CA ASP C 193 -28.99 -17.58 -3.91
C ASP C 193 -30.47 -17.78 -3.54
N GLU C 194 -30.98 -16.93 -2.67
CA GLU C 194 -32.40 -17.02 -2.28
C GLU C 194 -33.31 -16.82 -3.50
N LEU C 195 -33.01 -15.83 -4.34
CA LEU C 195 -33.74 -15.68 -5.60
C LEU C 195 -33.67 -16.94 -6.45
N ALA C 196 -32.48 -17.53 -6.56
CA ALA C 196 -32.33 -18.75 -7.32
C ALA C 196 -33.21 -19.90 -6.79
N PHE C 197 -33.28 -20.05 -5.47
CA PHE C 197 -34.10 -21.13 -4.92
C PHE C 197 -35.56 -20.94 -5.30
N GLY C 198 -36.02 -19.70 -5.31
CA GLY C 198 -37.37 -19.40 -5.79
C GLY C 198 -37.62 -19.84 -7.22
N LEU C 199 -36.66 -19.59 -8.11
CA LEU C 199 -36.71 -20.07 -9.48
C LEU C 199 -36.73 -21.58 -9.56
N TYR C 200 -35.92 -22.25 -8.72
CA TYR C 200 -35.97 -23.70 -8.68
C TYR C 200 -37.40 -24.17 -8.44
N ARG C 201 -38.03 -23.63 -7.41
CA ARG C 201 -39.38 -24.06 -7.06
C ARG C 201 -40.35 -23.82 -8.23
N GLY C 202 -40.32 -22.61 -8.79
CA GLY C 202 -41.21 -22.26 -9.91
C GLY C 202 -41.02 -23.13 -11.14
N LEU C 203 -39.76 -23.40 -11.48
CA LEU C 203 -39.44 -24.22 -12.63
C LEU C 203 -39.86 -25.67 -12.41
N GLU C 204 -39.58 -26.18 -11.21
CA GLU C 204 -40.03 -27.52 -10.83
C GLU C 204 -41.55 -27.69 -10.99
N GLU C 205 -42.31 -26.72 -10.49
CA GLU C 205 -43.76 -26.78 -10.56
C GLU C 205 -44.29 -26.64 -11.99
N ALA C 206 -43.52 -25.98 -12.85
CA ALA C 206 -43.87 -25.83 -14.26
C ALA C 206 -43.41 -27.03 -15.09
N GLY C 207 -42.84 -28.05 -14.45
CA GLY C 207 -42.38 -29.24 -15.15
C GLY C 207 -41.09 -29.04 -15.92
N LYS C 208 -40.33 -28.00 -15.58
CA LYS C 208 -39.05 -27.74 -16.24
C LYS C 208 -37.92 -28.35 -15.42
N SER C 209 -36.74 -28.45 -16.03
CA SER C 209 -35.58 -29.09 -15.40
C SER C 209 -34.40 -28.18 -15.51
N ILE C 210 -33.52 -28.27 -14.51
CA ILE C 210 -32.31 -27.49 -14.42
C ILE C 210 -31.16 -28.50 -14.42
N PRO C 211 -30.16 -28.38 -15.27
CA PRO C 211 -29.97 -27.26 -16.22
C PRO C 211 -30.55 -27.47 -17.63
N GLU C 212 -31.33 -28.53 -17.86
CA GLU C 212 -31.74 -28.89 -19.23
C GLU C 212 -32.56 -27.80 -19.92
N ASP C 213 -33.49 -27.19 -19.20
CA ASP C 213 -34.31 -26.11 -19.73
C ASP C 213 -33.74 -24.71 -19.42
N TYR C 214 -33.18 -24.55 -18.22
CA TYR C 214 -32.57 -23.27 -17.81
C TYR C 214 -31.26 -23.50 -17.08
N SER C 215 -30.22 -22.78 -17.50
CA SER C 215 -29.00 -22.68 -16.72
C SER C 215 -29.19 -21.55 -15.71
N ILE C 216 -28.83 -21.79 -14.45
CA ILE C 216 -29.00 -20.80 -13.40
C ILE C 216 -27.72 -20.63 -12.61
N ILE C 217 -27.28 -19.39 -12.47
CA ILE C 217 -26.20 -19.05 -11.54
C ILE C 217 -26.73 -18.04 -10.52
N GLY C 218 -26.43 -18.29 -9.24
CA GLY C 218 -26.83 -17.40 -8.15
C GLY C 218 -25.71 -16.52 -7.65
N TYR C 219 -25.82 -16.12 -6.39
CA TYR C 219 -24.82 -15.24 -5.78
C TYR C 219 -24.88 -15.36 -4.26
N ASP C 220 -23.71 -15.65 -3.66
CA ASP C 220 -23.41 -15.60 -2.21
C ASP C 220 -22.62 -16.84 -1.79
N ASN C 221 -23.08 -17.99 -2.26
CA ASN C 221 -22.65 -19.31 -1.78
C ASN C 221 -23.06 -19.58 -0.33
N ILE C 222 -24.32 -19.32 -0.01
CA ILE C 222 -24.85 -19.75 1.28
C ILE C 222 -24.89 -21.28 1.28
N ASP C 223 -24.90 -21.85 2.48
CA ASP C 223 -24.77 -23.29 2.66
C ASP C 223 -25.80 -24.10 1.91
N MSE C 224 -27.03 -23.58 1.81
CA MSE C 224 -28.14 -24.29 1.16
C MSE C 224 -27.85 -24.67 -0.28
O MSE C 224 -28.44 -25.63 -0.78
CB MSE C 224 -29.46 -23.49 1.30
CG MSE C 224 -30.71 -24.28 0.92
SE MSE C 224 -31.12 -25.62 2.31
CE MSE C 224 -32.20 -26.85 1.20
N CYS C 225 -26.92 -23.96 -0.95
CA CYS C 225 -26.55 -24.29 -2.33
C CYS C 225 -26.13 -25.75 -2.53
N GLU C 226 -25.57 -26.34 -1.48
CA GLU C 226 -25.12 -27.72 -1.54
C GLU C 226 -26.18 -28.73 -1.12
N TYR C 227 -27.35 -28.26 -0.70
CA TYR C 227 -28.41 -29.16 -0.24
C TYR C 227 -29.59 -29.25 -1.20
N ILE C 228 -29.59 -28.42 -2.25
CA ILE C 228 -30.60 -28.54 -3.29
C ILE C 228 -30.05 -29.33 -4.48
N LYS C 229 -30.96 -29.78 -5.33
CA LYS C 229 -30.61 -30.61 -6.48
C LYS C 229 -31.27 -30.05 -7.73
N PRO C 230 -30.48 -29.71 -8.75
CA PRO C 230 -29.02 -29.81 -8.74
C PRO C 230 -28.37 -28.78 -7.84
N LYS C 231 -27.19 -29.10 -7.33
CA LYS C 231 -26.45 -28.16 -6.50
C LYS C 231 -26.20 -26.87 -7.30
N LEU C 232 -26.32 -25.73 -6.62
CA LEU C 232 -26.39 -24.44 -7.30
C LEU C 232 -25.00 -23.89 -7.57
N THR C 233 -24.78 -23.56 -8.83
CA THR C 233 -23.60 -22.84 -9.27
C THR C 233 -23.81 -21.38 -8.91
N THR C 234 -22.77 -20.76 -8.35
CA THR C 234 -22.93 -19.44 -7.73
C THR C 234 -21.59 -18.74 -7.60
N ILE C 235 -21.66 -17.44 -7.33
CA ILE C 235 -20.51 -16.61 -7.00
C ILE C 235 -20.36 -16.57 -5.48
N ALA C 236 -19.29 -17.14 -4.94
CA ALA C 236 -19.07 -17.17 -3.50
C ALA C 236 -18.53 -15.86 -2.95
N GLN C 237 -19.24 -15.30 -1.97
CA GLN C 237 -18.68 -14.26 -1.11
C GLN C 237 -18.09 -14.99 0.10
N PRO C 238 -16.98 -14.47 0.66
CA PRO C 238 -16.41 -15.10 1.86
C PRO C 238 -17.16 -14.60 3.08
N ILE C 239 -18.35 -15.18 3.30
CA ILE C 239 -19.35 -14.57 4.18
C ILE C 239 -18.86 -14.54 5.61
N PHE C 240 -18.43 -15.70 6.11
CA PHE C 240 -17.96 -15.80 7.47
C PHE C 240 -16.77 -14.88 7.69
N GLU C 241 -15.83 -14.92 6.75
CA GLU C 241 -14.61 -14.09 6.82
C GLU C 241 -14.93 -12.61 6.74
N LEU C 242 -15.93 -12.26 5.96
CA LEU C 242 -16.40 -10.86 5.91
C LEU C 242 -16.84 -10.38 7.29
N GLY C 243 -17.62 -11.21 7.97
CA GLY C 243 -18.03 -10.92 9.35
C GLY C 243 -16.84 -10.79 10.29
N GLN C 244 -15.95 -11.76 10.23
CA GLN C 244 -14.73 -11.72 11.00
C GLN C 244 -13.90 -10.47 10.75
N THR C 245 -13.76 -10.08 9.49
CA THR C 245 -12.93 -8.94 9.14
C THR C 245 -13.54 -7.65 9.68
N SER C 246 -14.87 -7.54 9.59
CA SER C 246 -15.57 -6.37 10.11
C SER C 246 -15.34 -6.24 11.63
N ALA C 247 -15.41 -7.36 12.33
CA ALA C 247 -15.20 -7.36 13.77
C ALA C 247 -13.77 -6.99 14.14
N LYS C 248 -12.79 -7.57 13.45
CA LYS C 248 -11.39 -7.25 13.72
C LYS C 248 -11.08 -5.79 13.47
N LEU C 249 -11.59 -5.23 12.37
CA LEU C 249 -11.42 -3.80 12.14
C LEU C 249 -11.99 -2.96 13.27
N LEU C 250 -13.17 -3.34 13.78
CA LEU C 250 -13.80 -2.58 14.86
C LEU C 250 -12.97 -2.67 16.14
N LEU C 251 -12.54 -3.87 16.50
CA LEU C 251 -11.70 -4.04 17.68
C LEU C 251 -10.40 -3.23 17.53
N ASP C 252 -9.80 -3.26 16.35
CA ASP C 252 -8.59 -2.47 16.07
C ASP C 252 -8.81 -0.97 16.21
N ARG C 253 -9.96 -0.50 15.75
CA ARG C 253 -10.32 0.92 15.86
C ARG C 253 -10.54 1.32 17.32
N ILE C 254 -11.10 0.41 18.10
CA ILE C 254 -11.31 0.66 19.52
C ILE C 254 -9.97 0.76 20.26
N GLN C 255 -9.08 -0.18 19.99
CA GLN C 255 -7.79 -0.21 20.64
C GLN C 255 -6.88 0.91 20.13
N PHE C 256 -6.96 1.21 18.84
CA PHE C 256 -6.12 2.23 18.22
C PHE C 256 -6.96 3.29 17.51
N PRO C 257 -7.50 4.26 18.26
CA PRO C 257 -8.46 5.20 17.67
C PRO C 257 -7.94 5.98 16.48
N GLU C 258 -6.63 6.15 16.38
CA GLU C 258 -6.03 6.92 15.29
C GLU C 258 -5.31 6.07 14.24
N LYS C 259 -5.56 4.76 14.21
CA LYS C 259 -4.95 3.92 13.17
C LYS C 259 -5.48 4.35 11.81
N GLU C 260 -4.79 3.90 10.77
CA GLU C 260 -5.16 4.16 9.37
C GLU C 260 -6.63 3.79 9.11
N TRP C 261 -7.35 4.67 8.43
CA TRP C 261 -8.70 4.36 7.97
C TRP C 261 -8.62 3.38 6.80
N GLU C 262 -9.33 2.26 6.90
CA GLU C 262 -9.22 1.20 5.90
C GLU C 262 -10.53 0.93 5.17
N GLU C 263 -10.41 0.68 3.87
CA GLU C 263 -11.48 0.09 3.07
C GLU C 263 -10.93 -1.20 2.50
N LYS C 264 -11.15 -2.29 3.22
CA LYS C 264 -10.67 -3.60 2.79
C LYS C 264 -11.59 -4.13 1.71
N ARG C 265 -11.03 -4.79 0.71
CA ARG C 265 -11.86 -5.46 -0.30
C ARG C 265 -11.46 -6.91 -0.35
N LEU C 266 -12.43 -7.80 -0.20
CA LEU C 266 -12.20 -9.22 -0.20
C LEU C 266 -12.66 -9.76 -1.55
N PRO C 267 -11.95 -10.78 -2.07
CA PRO C 267 -12.34 -11.33 -3.38
C PRO C 267 -13.55 -12.24 -3.31
N VAL C 268 -14.22 -12.39 -4.45
CA VAL C 268 -15.24 -13.42 -4.61
C VAL C 268 -14.64 -14.51 -5.45
N ARG C 269 -15.36 -15.61 -5.57
CA ARG C 269 -14.90 -16.69 -6.43
C ARG C 269 -16.02 -17.51 -6.98
N PHE C 270 -15.78 -18.01 -8.18
CA PHE C 270 -16.78 -18.76 -8.88
C PHE C 270 -16.86 -20.18 -8.29
N GLU C 271 -18.07 -20.62 -7.95
CA GLU C 271 -18.27 -21.98 -7.45
C GLU C 271 -19.08 -22.79 -8.47
N LYS C 272 -18.39 -23.63 -9.23
CA LYS C 272 -19.03 -24.39 -10.32
C LYS C 272 -19.63 -25.66 -9.77
N ARG C 273 -20.94 -25.79 -9.90
CA ARG C 273 -21.64 -26.98 -9.46
C ARG C 273 -22.42 -27.53 -10.66
N PHE C 274 -23.74 -27.72 -10.56
CA PHE C 274 -24.46 -28.49 -11.58
C PHE C 274 -25.71 -27.83 -12.13
N SER C 275 -25.87 -26.52 -11.94
CA SER C 275 -27.10 -25.83 -12.34
C SER C 275 -26.93 -25.09 -13.67
N THR C 276 -25.76 -25.22 -14.31
CA THR C 276 -25.56 -24.66 -15.64
C THR C 276 -25.03 -25.74 -16.58
N ALA C 277 -25.24 -25.52 -17.88
CA ALA C 277 -24.75 -26.44 -18.90
C ALA C 277 -24.65 -25.70 -20.24
N PRO C 278 -23.84 -26.23 -21.17
CA PRO C 278 -23.73 -25.60 -22.48
C PRO C 278 -25.06 -25.61 -23.19
N LEU C 279 -25.35 -24.54 -23.93
CA LEU C 279 -26.59 -24.46 -24.68
C LEU C 279 -26.58 -25.45 -25.84
N LYS C 280 -27.64 -26.24 -25.94
CA LYS C 280 -27.84 -27.18 -27.04
C LYS C 280 -28.78 -26.58 -28.08
N LYS D 8 -37.17 1.47 25.64
CA LYS D 8 -37.79 1.16 24.32
C LYS D 8 -37.09 -0.01 23.57
N THR D 9 -36.28 -0.79 24.27
CA THR D 9 -35.55 -1.90 23.64
C THR D 9 -35.91 -3.22 24.31
N ILE D 10 -36.21 -4.22 23.48
CA ILE D 10 -36.51 -5.57 23.93
C ILE D 10 -35.46 -6.51 23.37
N GLY D 11 -34.93 -7.38 24.22
CA GLY D 11 -33.93 -8.37 23.84
C GLY D 11 -34.54 -9.73 23.56
N VAL D 12 -34.18 -10.31 22.42
CA VAL D 12 -34.59 -11.65 22.06
C VAL D 12 -33.38 -12.58 22.10
N LEU D 13 -33.46 -13.62 22.90
CA LEU D 13 -32.35 -14.57 23.04
C LEU D 13 -32.74 -15.89 22.41
N VAL D 14 -31.98 -16.31 21.41
CA VAL D 14 -32.26 -17.57 20.70
C VAL D 14 -31.08 -18.51 20.72
N PRO D 15 -31.33 -19.82 20.53
CA PRO D 15 -30.20 -20.75 20.50
C PRO D 15 -29.36 -20.68 19.22
N ASP D 16 -29.97 -20.29 18.10
CA ASP D 16 -29.35 -20.46 16.79
C ASP D 16 -29.99 -19.57 15.73
N ILE D 17 -29.42 -18.39 15.51
CA ILE D 17 -29.93 -17.44 14.52
C ILE D 17 -29.81 -17.94 13.06
N THR D 18 -28.97 -18.95 12.82
CA THR D 18 -28.83 -19.49 11.47
C THR D 18 -29.98 -20.42 11.07
N ASN D 19 -30.79 -20.84 12.04
CA ASN D 19 -31.95 -21.67 11.73
C ASN D 19 -33.11 -20.74 11.35
N PRO D 20 -33.71 -20.97 10.17
CA PRO D 20 -34.82 -20.10 9.74
C PRO D 20 -35.99 -20.05 10.73
N PHE D 21 -36.14 -21.10 11.54
CA PHE D 21 -37.16 -21.09 12.58
C PHE D 21 -36.99 -19.87 13.47
N PHE D 22 -35.77 -19.59 13.90
CA PHE D 22 -35.53 -18.48 14.83
C PHE D 22 -35.52 -17.12 14.18
N SER D 23 -35.10 -17.01 12.93
CA SER D 23 -35.21 -15.72 12.24
C SER D 23 -36.68 -15.40 11.91
N THR D 24 -37.46 -16.42 11.58
CA THR D 24 -38.90 -16.20 11.38
C THR D 24 -39.63 -15.86 12.69
N LEU D 25 -39.24 -16.51 13.79
CA LEU D 25 -39.69 -16.13 15.12
C LEU D 25 -39.42 -14.65 15.38
N MSE D 26 -38.19 -14.24 15.11
CA MSE D 26 -37.79 -12.85 15.26
C MSE D 26 -38.68 -11.93 14.49
O MSE D 26 -39.11 -10.90 15.01
CB MSE D 26 -36.36 -12.60 14.74
CG MSE D 26 -35.41 -12.21 15.83
SE MSE D 26 -35.93 -10.46 16.55
CE MSE D 26 -34.60 -9.42 15.52
N ARG D 27 -38.96 -12.27 13.24
CA ARG D 27 -39.83 -11.43 12.41
C ARG D 27 -41.24 -11.25 13.01
N GLY D 28 -41.78 -12.33 13.57
CA GLY D 28 -43.09 -12.25 14.23
C GLY D 28 -43.05 -11.32 15.45
N ILE D 29 -41.98 -11.43 16.24
CA ILE D 29 -41.78 -10.54 17.37
C ILE D 29 -41.70 -9.08 16.90
N GLU D 30 -40.85 -8.81 15.92
CA GLU D 30 -40.68 -7.45 15.39
C GLU D 30 -41.97 -6.87 14.85
N ASP D 31 -42.74 -7.70 14.17
CA ASP D 31 -44.03 -7.31 13.63
C ASP D 31 -44.90 -6.64 14.70
N ILE D 32 -44.89 -7.19 15.91
CA ILE D 32 -45.69 -6.64 16.99
C ILE D 32 -44.99 -5.45 17.64
N LEU D 33 -43.72 -5.62 17.99
CA LEU D 33 -43.00 -4.62 18.76
C LEU D 33 -42.77 -3.32 17.98
N TYR D 34 -42.62 -3.43 16.66
CA TYR D 34 -42.44 -2.28 15.77
C TYR D 34 -43.61 -1.29 15.91
N LYS D 35 -44.82 -1.82 16.00
CA LYS D 35 -46.03 -1.01 16.06
C LYS D 35 -46.12 -0.16 17.33
N GLN D 36 -45.39 -0.55 18.39
CA GLN D 36 -45.37 0.19 19.64
C GLN D 36 -44.06 0.95 19.85
N ASN D 37 -43.32 1.15 18.75
CA ASN D 37 -42.06 1.88 18.75
C ASN D 37 -40.97 1.27 19.63
N PHE D 38 -40.97 -0.05 19.76
CA PHE D 38 -39.88 -0.74 20.45
C PHE D 38 -38.82 -1.17 19.44
N VAL D 39 -37.57 -1.07 19.84
CA VAL D 39 -36.46 -1.62 19.08
C VAL D 39 -36.25 -3.07 19.53
N THR D 40 -36.19 -3.97 18.56
CA THR D 40 -35.92 -5.38 18.85
C THR D 40 -34.47 -5.73 18.54
N ILE D 41 -33.78 -6.29 19.53
CA ILE D 41 -32.43 -6.76 19.33
C ILE D 41 -32.36 -8.24 19.60
N LEU D 42 -31.46 -8.91 18.90
CA LEU D 42 -31.31 -10.36 19.00
C LEU D 42 -29.92 -10.74 19.40
N CYS D 43 -29.84 -11.73 20.27
CA CYS D 43 -28.61 -12.35 20.69
C CYS D 43 -28.70 -13.81 20.43
N ASN D 44 -27.64 -14.38 19.87
CA ASN D 44 -27.62 -15.83 19.75
CA ASN D 44 -27.52 -15.81 19.68
C ASN D 44 -26.73 -16.39 20.84
N ALA D 45 -27.39 -17.06 21.77
CA ALA D 45 -26.77 -17.56 22.98
C ALA D 45 -26.96 -19.07 23.03
N ASP D 46 -25.86 -19.78 22.84
CA ASP D 46 -25.81 -21.23 22.89
C ASP D 46 -24.95 -21.68 24.07
N SER D 47 -24.87 -22.99 24.32
CA SER D 47 -24.08 -23.53 25.43
C SER D 47 -22.61 -23.08 25.39
N GLU D 52 -19.54 -18.53 29.93
CA GLU D 52 -18.49 -17.83 29.22
C GLU D 52 -18.83 -16.35 29.00
N ILE D 53 -20.02 -16.10 28.43
CA ILE D 53 -20.49 -14.74 28.20
C ILE D 53 -21.78 -14.48 28.98
N GLU D 54 -21.83 -13.34 29.66
CA GLU D 54 -22.96 -12.96 30.49
C GLU D 54 -23.88 -12.03 29.69
N TYR D 55 -24.70 -12.64 28.84
CA TYR D 55 -25.60 -11.89 27.96
C TYR D 55 -26.55 -11.02 28.78
N LEU D 56 -27.29 -11.64 29.69
CA LEU D 56 -28.31 -10.94 30.47
C LEU D 56 -27.73 -9.80 31.29
N ALA D 57 -26.63 -10.08 32.00
CA ALA D 57 -26.00 -9.06 32.84
C ALA D 57 -25.62 -7.83 32.01
N GLU D 58 -24.96 -8.06 30.89
CA GLU D 58 -24.55 -6.96 30.04
C GLU D 58 -25.76 -6.22 29.48
N LEU D 59 -26.72 -6.96 28.95
CA LEU D 59 -27.90 -6.35 28.36
C LEU D 59 -28.76 -5.61 29.39
N THR D 60 -28.84 -6.17 30.58
CA THR D 60 -29.54 -5.51 31.69
C THR D 60 -28.85 -4.19 32.03
N ARG D 61 -27.52 -4.20 32.13
CA ARG D 61 -26.77 -2.96 32.36
C ARG D 61 -27.00 -1.93 31.26
N ARG D 62 -27.23 -2.39 30.03
CA ARG D 62 -27.48 -1.48 28.92
C ARG D 62 -28.92 -0.93 28.92
N GLY D 63 -29.73 -1.35 29.88
CA GLY D 63 -31.08 -0.80 30.02
C GLY D 63 -32.12 -1.45 29.13
N VAL D 64 -31.86 -2.67 28.67
CA VAL D 64 -32.83 -3.39 27.87
C VAL D 64 -34.07 -3.59 28.75
N ASP D 65 -35.22 -3.23 28.21
CA ASP D 65 -36.47 -3.08 28.97
CA ASP D 65 -36.43 -3.09 29.02
C ASP D 65 -37.14 -4.40 29.33
N GLY D 66 -37.04 -5.37 28.44
CA GLY D 66 -37.68 -6.69 28.62
C GLY D 66 -37.05 -7.71 27.70
N PHE D 67 -37.30 -8.98 27.97
CA PHE D 67 -36.66 -10.06 27.22
C PHE D 67 -37.62 -11.14 26.76
N ILE D 68 -37.29 -11.73 25.62
CA ILE D 68 -37.99 -12.90 25.13
C ILE D 68 -36.92 -13.97 24.99
N ILE D 69 -37.09 -15.04 25.75
CA ILE D 69 -36.01 -16.02 25.95
C ILE D 69 -36.42 -17.39 25.44
N ALA D 70 -35.78 -17.81 24.35
CA ALA D 70 -36.08 -19.09 23.68
C ALA D 70 -34.99 -20.14 23.88
N THR D 71 -33.93 -19.79 24.60
CA THR D 71 -32.77 -20.68 24.79
C THR D 71 -32.67 -21.16 26.25
N SER D 72 -32.25 -22.41 26.44
CA SER D 72 -31.96 -22.94 27.77
C SER D 72 -30.57 -22.53 28.28
N ALA D 73 -29.79 -21.83 27.47
CA ALA D 73 -28.45 -21.40 27.87
C ALA D 73 -28.49 -20.27 28.91
N VAL D 74 -29.68 -19.69 29.11
CA VAL D 74 -29.90 -18.66 30.12
C VAL D 74 -30.41 -19.33 31.39
N SER D 75 -29.61 -19.26 32.45
CA SER D 75 -29.94 -19.93 33.71
C SER D 75 -30.96 -19.17 34.55
N THR D 76 -31.65 -19.90 35.41
CA THR D 76 -32.49 -19.34 36.44
C THR D 76 -31.75 -18.30 37.29
N ASP D 77 -30.52 -18.63 37.69
CA ASP D 77 -29.69 -17.70 38.45
C ASP D 77 -29.46 -16.38 37.73
N ALA D 78 -29.13 -16.44 36.44
CA ALA D 78 -28.87 -15.23 35.67
C ALA D 78 -30.14 -14.39 35.55
N ILE D 79 -31.28 -15.08 35.40
CA ILE D 79 -32.56 -14.39 35.35
C ILE D 79 -32.87 -13.69 36.67
N ASN D 80 -32.69 -14.42 37.78
CA ASN D 80 -32.89 -13.86 39.10
C ASN D 80 -32.01 -12.66 39.38
N GLU D 81 -30.71 -12.84 39.16
CA GLU D 81 -29.72 -11.83 39.46
C GLU D 81 -29.91 -10.54 38.66
N ASN D 82 -30.35 -10.67 37.42
CA ASN D 82 -30.36 -9.53 36.51
C ASN D 82 -31.75 -9.02 36.21
N LEU D 83 -32.60 -9.91 35.70
CA LEU D 83 -33.95 -9.50 35.28
C LEU D 83 -34.88 -9.22 36.46
N LYS D 84 -34.95 -10.13 37.41
CA LYS D 84 -35.87 -9.96 38.53
C LYS D 84 -35.42 -8.83 39.46
N LYS D 85 -34.14 -8.80 39.84
CA LYS D 85 -33.62 -7.70 40.64
C LYS D 85 -33.84 -6.34 39.98
N GLN D 86 -33.69 -6.26 38.66
CA GLN D 86 -33.81 -4.98 37.99
C GLN D 86 -35.19 -4.74 37.39
N GLY D 87 -36.13 -5.61 37.72
CA GLY D 87 -37.52 -5.45 37.28
C GLY D 87 -37.69 -5.46 35.77
N ARG D 88 -37.02 -6.38 35.08
CA ARG D 88 -37.17 -6.50 33.64
C ARG D 88 -38.08 -7.71 33.35
N PRO D 89 -39.30 -7.47 32.86
CA PRO D 89 -40.18 -8.60 32.59
C PRO D 89 -39.66 -9.46 31.43
N PHE D 90 -40.08 -10.71 31.39
CA PHE D 90 -39.64 -11.61 30.33
C PHE D 90 -40.65 -12.67 29.99
N ILE D 91 -40.50 -13.19 28.77
CA ILE D 91 -41.28 -14.30 28.26
C ILE D 91 -40.35 -15.46 28.03
N VAL D 92 -40.82 -16.66 28.29
CA VAL D 92 -40.05 -17.86 27.98
C VAL D 92 -40.79 -18.66 26.93
N LEU D 93 -40.04 -19.33 26.07
CA LEU D 93 -40.63 -20.23 25.11
C LEU D 93 -39.64 -21.26 24.61
N ASP D 94 -40.14 -22.16 23.78
CA ASP D 94 -39.31 -23.02 22.97
C ASP D 94 -38.37 -23.87 23.84
N GLN D 95 -37.05 -23.68 23.76
CA GLN D 95 -36.12 -24.52 24.51
C GLN D 95 -35.97 -24.11 26.00
N LYS D 96 -36.47 -22.93 26.38
CA LYS D 96 -36.32 -22.41 27.74
C LYS D 96 -37.43 -22.91 28.68
N LYS D 97 -37.05 -23.45 29.84
CA LYS D 97 -38.05 -23.94 30.78
C LYS D 97 -38.74 -22.78 31.50
N SER D 98 -39.94 -23.06 32.00
CA SER D 98 -40.72 -22.09 32.75
C SER D 98 -39.99 -21.51 33.98
N GLU D 99 -40.34 -20.27 34.31
CA GLU D 99 -39.77 -19.57 35.45
C GLU D 99 -40.91 -18.87 36.17
N GLY D 100 -40.85 -18.82 37.49
CA GLY D 100 -41.80 -18.06 38.29
C GLY D 100 -41.86 -16.60 37.88
N PHE D 101 -43.07 -16.06 37.84
CA PHE D 101 -43.32 -14.67 37.49
C PHE D 101 -42.80 -14.33 36.09
N SER D 102 -43.17 -15.19 35.15
CA SER D 102 -43.00 -14.91 33.73
C SER D 102 -44.16 -15.53 33.01
N ASP D 103 -44.43 -15.01 31.81
CA ASP D 103 -45.38 -15.62 30.92
C ASP D 103 -44.61 -16.52 29.96
N ALA D 104 -45.31 -17.49 29.37
CA ALA D 104 -44.71 -18.44 28.45
C ALA D 104 -45.61 -18.64 27.27
N VAL D 105 -45.02 -18.99 26.13
CA VAL D 105 -45.80 -19.49 25.01
C VAL D 105 -45.10 -20.72 24.43
N ARG D 106 -45.90 -21.76 24.25
CA ARG D 106 -45.38 -23.04 23.81
C ARG D 106 -46.21 -23.54 22.65
N THR D 107 -45.67 -24.50 21.92
CA THR D 107 -46.45 -25.21 20.92
C THR D 107 -46.57 -26.66 21.35
N ASP D 108 -47.46 -27.41 20.72
CA ASP D 108 -47.80 -28.74 21.22
C ASP D 108 -46.85 -29.80 20.68
N ASP D 109 -45.67 -29.85 21.28
CA ASP D 109 -44.60 -30.75 20.85
C ASP D 109 -44.99 -32.21 20.90
N PHE D 110 -45.60 -32.64 22.01
CA PHE D 110 -46.01 -34.02 22.16
C PHE D 110 -46.95 -34.41 21.03
N ARG D 111 -47.94 -33.57 20.78
CA ARG D 111 -48.92 -33.84 19.73
C ARG D 111 -48.23 -33.91 18.37
N GLY D 112 -47.30 -32.99 18.12
CA GLY D 112 -46.58 -32.99 16.85
C GLY D 112 -45.85 -34.29 16.60
N GLY D 113 -45.13 -34.76 17.61
CA GLY D 113 -44.41 -36.04 17.47
C GLY D 113 -45.36 -37.21 17.25
N TYR D 114 -46.51 -37.16 17.91
CA TYR D 114 -47.53 -38.19 17.75
C TYR D 114 -48.07 -38.19 16.32
N LEU D 115 -48.35 -37.01 15.80
CA LEU D 115 -48.82 -36.92 14.42
C LEU D 115 -47.80 -37.48 13.44
N ALA D 116 -46.52 -37.16 13.63
CA ALA D 116 -45.48 -37.67 12.75
C ALA D 116 -45.43 -39.20 12.82
N GLY D 117 -45.45 -39.74 14.04
CA GLY D 117 -45.48 -41.17 14.27
C GLY D 117 -46.67 -41.84 13.62
N MSE D 118 -47.87 -41.30 13.85
CA MSE D 118 -49.10 -41.91 13.32
C MSE D 118 -49.11 -41.89 11.81
O MSE D 118 -49.62 -42.83 11.17
CB MSE D 118 -50.37 -41.24 13.85
CG MSE D 118 -50.54 -41.35 15.36
SE MSE D 118 -50.78 -43.23 15.96
CE MSE D 118 -52.69 -43.36 15.52
N HIS D 119 -48.55 -40.85 11.21
CA HIS D 119 -48.45 -40.77 9.74
C HIS D 119 -47.55 -41.87 9.16
N LEU D 120 -46.32 -41.98 9.65
CA LEU D 120 -45.39 -42.97 9.13
C LEU D 120 -45.94 -44.38 9.34
N LEU D 121 -46.51 -44.62 10.51
CA LEU D 121 -47.09 -45.90 10.84
C LEU D 121 -48.31 -46.25 9.99
N SER D 122 -49.13 -45.26 9.66
CA SER D 122 -50.30 -45.49 8.80
C SER D 122 -49.88 -45.89 7.39
N LEU D 123 -48.69 -45.46 6.97
CA LEU D 123 -48.16 -45.80 5.65
C LEU D 123 -47.51 -47.18 5.61
N GLY D 124 -47.43 -47.86 6.75
CA GLY D 124 -46.91 -49.21 6.80
C GLY D 124 -45.46 -49.30 7.26
N HIS D 125 -44.83 -48.16 7.57
CA HIS D 125 -43.45 -48.19 8.07
C HIS D 125 -43.40 -48.75 9.50
N GLN D 126 -42.52 -49.70 9.72
CA GLN D 126 -42.38 -50.33 11.04
C GLN D 126 -40.99 -50.23 11.63
N THR D 127 -39.98 -50.11 10.78
CA THR D 127 -38.63 -49.83 11.25
C THR D 127 -38.39 -48.40 10.85
N ILE D 128 -38.26 -47.55 11.85
CA ILE D 128 -38.22 -46.10 11.65
C ILE D 128 -36.99 -45.56 12.33
N ALA D 129 -36.31 -44.65 11.65
CA ALA D 129 -35.16 -43.97 12.20
C ALA D 129 -35.58 -42.62 12.78
N LEU D 130 -35.04 -42.31 13.95
CA LEU D 130 -35.21 -41.00 14.58
C LEU D 130 -33.93 -40.22 14.43
N VAL D 131 -33.98 -39.09 13.72
CA VAL D 131 -32.82 -38.23 13.55
C VAL D 131 -33.03 -36.98 14.42
N TYR D 132 -32.19 -36.82 15.44
CA TYR D 132 -32.45 -35.85 16.48
C TYR D 132 -31.16 -35.35 17.08
N PRO D 133 -31.21 -34.17 17.73
CA PRO D 133 -30.01 -33.61 18.33
C PRO D 133 -29.64 -34.37 19.58
N GLU D 134 -28.36 -34.72 19.69
CA GLU D 134 -27.85 -35.35 20.92
C GLU D 134 -28.09 -34.40 22.08
N ASN D 135 -28.49 -34.95 23.23
CA ASN D 135 -28.90 -34.15 24.38
C ASN D 135 -29.98 -33.15 23.96
N PRO D 136 -31.14 -33.66 23.52
CA PRO D 136 -32.16 -32.75 23.01
C PRO D 136 -32.70 -31.81 24.06
N PRO D 137 -33.11 -30.59 23.66
CA PRO D 137 -33.84 -29.75 24.61
C PRO D 137 -35.21 -30.37 24.93
N GLU D 138 -35.84 -29.89 26.01
CA GLU D 138 -37.05 -30.51 26.55
C GLU D 138 -38.23 -30.52 25.57
N ASN D 139 -38.37 -29.46 24.79
CA ASN D 139 -39.43 -29.41 23.79
C ASN D 139 -39.24 -30.48 22.72
N VAL D 140 -37.99 -30.68 22.30
CA VAL D 140 -37.68 -31.69 21.32
C VAL D 140 -37.86 -33.08 21.93
N HIS D 141 -37.46 -33.24 23.18
CA HIS D 141 -37.70 -34.48 23.92
C HIS D 141 -39.20 -34.85 23.94
N ALA D 142 -40.06 -33.86 24.14
CA ALA D 142 -41.50 -34.06 24.14
C ALA D 142 -42.02 -34.54 22.78
N ARG D 143 -41.41 -34.07 21.68
CA ARG D 143 -41.75 -34.56 20.35
C ARG D 143 -41.44 -36.05 20.23
N ILE D 144 -40.30 -36.43 20.78
CA ILE D 144 -39.88 -37.83 20.74
C ILE D 144 -40.85 -38.67 21.58
N GLU D 145 -41.25 -38.16 22.74
CA GLU D 145 -42.23 -38.87 23.57
C GLU D 145 -43.55 -39.08 22.86
N GLY D 146 -44.03 -38.06 22.16
CA GLY D 146 -45.25 -38.17 21.37
C GLY D 146 -45.12 -39.22 20.29
N PHE D 147 -43.98 -39.19 19.59
CA PHE D 147 -43.69 -40.19 18.58
C PHE D 147 -43.71 -41.60 19.18
N LYS D 148 -43.13 -41.76 20.36
CA LYS D 148 -43.12 -43.07 21.03
C LYS D 148 -44.52 -43.51 21.43
N SER D 149 -45.36 -42.55 21.79
CA SER D 149 -46.77 -42.81 22.07
C SER D 149 -47.49 -43.36 20.84
N ALA D 150 -47.17 -42.85 19.65
CA ALA D 150 -47.71 -43.42 18.42
C ALA D 150 -47.21 -44.86 18.20
N LEU D 151 -45.91 -45.09 18.41
CA LEU D 151 -45.41 -46.46 18.36
C LEU D 151 -46.20 -47.38 19.30
N ASP D 152 -46.55 -46.88 20.49
CA ASP D 152 -47.35 -47.65 21.46
C ASP D 152 -48.72 -48.03 20.92
N VAL D 153 -49.37 -47.12 20.22
CA VAL D 153 -50.66 -47.42 19.59
C VAL D 153 -50.55 -48.60 18.62
N TYR D 154 -49.44 -48.66 17.90
CA TYR D 154 -49.17 -49.73 16.96
C TYR D 154 -48.41 -50.91 17.60
N GLN D 155 -48.26 -50.90 18.91
CA GLN D 155 -47.53 -51.93 19.65
C GLN D 155 -46.23 -52.28 18.94
N ILE D 156 -45.41 -51.26 18.72
CA ILE D 156 -44.06 -51.45 18.21
C ILE D 156 -43.13 -51.23 19.38
N PRO D 157 -42.20 -52.18 19.61
CA PRO D 157 -41.31 -52.04 20.76
C PRO D 157 -40.30 -50.93 20.52
N HIS D 158 -40.13 -50.03 21.49
CA HIS D 158 -39.26 -48.85 21.33
C HIS D 158 -37.83 -49.17 20.89
N ASP D 159 -37.44 -50.44 20.94
CA ASP D 159 -36.12 -50.86 20.44
C ASP D 159 -36.13 -51.37 18.99
N GLN D 160 -37.18 -51.05 18.25
CA GLN D 160 -37.20 -51.16 16.78
C GLN D 160 -37.10 -49.75 16.15
N LEU D 161 -36.94 -48.74 17.01
CA LEU D 161 -36.57 -47.38 16.60
C LEU D 161 -35.08 -47.34 16.38
N ILE D 162 -34.66 -46.89 15.20
CA ILE D 162 -33.24 -46.67 14.95
C ILE D 162 -32.91 -45.27 15.43
N LEU D 163 -32.12 -45.18 16.50
CA LEU D 163 -31.73 -43.88 17.05
C LEU D 163 -30.51 -43.33 16.34
N LEU D 164 -30.66 -42.17 15.69
CA LEU D 164 -29.53 -41.50 15.03
C LEU D 164 -29.32 -40.09 15.58
N PRO D 165 -28.72 -40.00 16.79
CA PRO D 165 -28.38 -38.69 17.33
C PRO D 165 -27.30 -38.01 16.51
N THR D 166 -27.38 -36.69 16.39
CA THR D 166 -26.44 -35.95 15.58
C THR D 166 -26.44 -34.47 16.00
N GLN D 167 -25.72 -33.63 15.28
CA GLN D 167 -25.73 -32.20 15.53
C GLN D 167 -27.02 -31.61 14.96
N PHE D 168 -27.55 -30.57 15.61
CA PHE D 168 -28.87 -30.03 15.29
C PHE D 168 -28.75 -29.04 14.13
N SER D 169 -28.57 -29.57 12.93
CA SER D 169 -28.25 -28.74 11.76
C SER D 169 -28.37 -29.53 10.48
N LYS D 170 -28.38 -28.84 9.33
CA LYS D 170 -28.31 -29.52 8.03
C LYS D 170 -27.10 -30.44 7.94
N GLN D 171 -25.95 -29.97 8.42
CA GLN D 171 -24.72 -30.78 8.40
C GLN D 171 -24.89 -32.03 9.26
N GLY D 172 -25.54 -31.87 10.41
CA GLY D 172 -25.81 -33.00 11.30
C GLY D 172 -26.64 -34.06 10.61
N GLY D 173 -27.67 -33.66 9.88
CA GLY D 173 -28.48 -34.60 9.10
C GLY D 173 -27.71 -35.29 7.98
N TYR D 174 -26.92 -34.50 7.26
CA TYR D 174 -26.06 -34.99 6.20
C TYR D 174 -25.10 -36.06 6.74
N GLN D 175 -24.47 -35.75 7.86
CA GLN D 175 -23.45 -36.63 8.46
C GLN D 175 -23.93 -37.99 8.96
N ILE D 176 -25.21 -38.13 9.28
CA ILE D 176 -25.73 -39.44 9.73
C ILE D 176 -26.36 -40.28 8.60
N THR D 177 -26.26 -39.80 7.36
CA THR D 177 -26.81 -40.56 6.24
C THR D 177 -26.23 -41.96 6.11
N ALA D 178 -24.90 -42.09 6.22
CA ALA D 178 -24.26 -43.40 6.13
C ALA D 178 -24.86 -44.39 7.15
N GLU D 179 -25.03 -43.94 8.40
CA GLU D 179 -25.65 -44.77 9.42
C GLU D 179 -27.10 -45.13 9.06
N LEU D 180 -27.84 -44.16 8.53
CA LEU D 180 -29.19 -44.45 8.07
C LEU D 180 -29.20 -45.54 6.99
N LEU D 181 -28.28 -45.43 6.05
CA LEU D 181 -28.19 -46.36 4.94
C LEU D 181 -27.78 -47.78 5.38
N ASP D 182 -27.00 -47.86 6.44
CA ASP D 182 -26.61 -49.16 7.01
C ASP D 182 -27.64 -49.78 7.95
N SER D 183 -28.74 -49.07 8.20
CA SER D 183 -29.82 -49.58 9.03
C SER D 183 -30.92 -50.20 8.18
N ALA D 184 -31.89 -50.79 8.83
CA ALA D 184 -33.04 -51.37 8.16
C ALA D 184 -34.24 -50.40 8.05
N ALA D 185 -34.05 -49.14 8.44
CA ALA D 185 -35.17 -48.19 8.47
C ALA D 185 -35.72 -47.93 7.07
N THR D 186 -37.05 -47.86 6.96
CA THR D 186 -37.69 -47.43 5.72
C THR D 186 -38.30 -46.03 5.82
N GLY D 187 -38.50 -45.56 7.06
CA GLY D 187 -39.08 -44.24 7.30
C GLY D 187 -38.22 -43.49 8.29
N VAL D 188 -38.27 -42.18 8.22
CA VAL D 188 -37.44 -41.32 9.05
C VAL D 188 -38.25 -40.15 9.59
N PHE D 189 -38.15 -39.93 10.90
CA PHE D 189 -38.63 -38.72 11.54
C PHE D 189 -37.43 -37.87 11.93
N ALA D 190 -37.26 -36.77 11.22
CA ALA D 190 -36.19 -35.81 11.51
C ALA D 190 -36.78 -34.74 12.42
N LEU D 191 -36.11 -34.48 13.53
CA LEU D 191 -36.70 -33.63 14.57
C LEU D 191 -36.75 -32.12 14.26
N ASN D 192 -36.11 -31.70 13.18
CA ASN D 192 -36.47 -30.42 12.53
C ASN D 192 -36.25 -30.48 11.04
N ASP D 193 -36.70 -29.44 10.34
CA ASP D 193 -36.64 -29.45 8.89
C ASP D 193 -35.18 -29.37 8.41
N GLU D 194 -34.33 -28.67 9.14
CA GLU D 194 -32.92 -28.54 8.76
C GLU D 194 -32.24 -29.92 8.71
N LEU D 195 -32.48 -30.73 9.73
CA LEU D 195 -32.00 -32.11 9.75
C LEU D 195 -32.50 -32.86 8.52
N ALA D 196 -33.76 -32.70 8.16
CA ALA D 196 -34.30 -33.37 6.99
C ALA D 196 -33.56 -32.95 5.72
N PHE D 197 -33.23 -31.67 5.60
CA PHE D 197 -32.52 -31.18 4.39
C PHE D 197 -31.14 -31.83 4.27
N GLY D 198 -30.47 -32.00 5.40
CA GLY D 198 -29.21 -32.75 5.46
C GLY D 198 -29.36 -34.15 4.91
N LEU D 199 -30.44 -34.83 5.31
CA LEU D 199 -30.74 -36.16 4.82
C LEU D 199 -31.01 -36.18 3.32
N TYR D 200 -31.73 -35.17 2.82
CA TYR D 200 -31.95 -35.07 1.39
C TYR D 200 -30.61 -35.05 0.64
N ARG D 201 -29.70 -34.20 1.08
CA ARG D 201 -28.40 -34.08 0.44
C ARG D 201 -27.65 -35.43 0.48
N GLY D 202 -27.58 -36.04 1.65
CA GLY D 202 -26.93 -37.33 1.85
C GLY D 202 -27.48 -38.45 1.00
N LEU D 203 -28.81 -38.58 0.98
CA LEU D 203 -29.48 -39.59 0.15
C LEU D 203 -29.30 -39.35 -1.34
N GLU D 204 -29.41 -38.10 -1.75
CA GLU D 204 -29.16 -37.73 -3.16
C GLU D 204 -27.74 -38.16 -3.60
N GLU D 205 -26.76 -37.84 -2.78
CA GLU D 205 -25.36 -38.17 -3.10
C GLU D 205 -25.10 -39.67 -3.11
N ALA D 206 -25.90 -40.44 -2.37
CA ALA D 206 -25.79 -41.90 -2.36
C ALA D 206 -26.64 -42.55 -3.46
N GLY D 207 -27.22 -41.75 -4.34
CA GLY D 207 -28.05 -42.26 -5.43
C GLY D 207 -29.41 -42.77 -5.01
N LYS D 208 -29.85 -42.42 -3.80
CA LYS D 208 -31.18 -42.81 -3.32
C LYS D 208 -32.22 -41.75 -3.68
N SER D 209 -33.48 -42.13 -3.59
CA SER D 209 -34.63 -41.30 -3.95
C SER D 209 -35.62 -41.21 -2.80
N ILE D 210 -36.29 -40.06 -2.72
CA ILE D 210 -37.29 -39.81 -1.68
C ILE D 210 -38.57 -39.52 -2.44
N PRO D 211 -39.67 -40.20 -2.13
CA PRO D 211 -39.82 -41.16 -1.04
C PRO D 211 -39.59 -42.64 -1.39
N GLU D 212 -39.15 -42.95 -2.62
CA GLU D 212 -39.11 -44.34 -3.10
C GLU D 212 -38.26 -45.24 -2.20
N ASP D 213 -37.11 -44.73 -1.74
CA ASP D 213 -36.24 -45.49 -0.82
C ASP D 213 -36.43 -45.15 0.65
N TYR D 214 -36.73 -43.89 0.97
CA TYR D 214 -36.97 -43.47 2.35
C TYR D 214 -38.11 -42.47 2.42
N SER D 215 -39.07 -42.72 3.30
CA SER D 215 -40.09 -41.73 3.64
C SER D 215 -39.50 -40.83 4.72
N ILE D 216 -39.65 -39.52 4.57
CA ILE D 216 -39.09 -38.58 5.53
C ILE D 216 -40.13 -37.56 5.96
N ILE D 217 -40.28 -37.38 7.26
CA ILE D 217 -41.10 -36.31 7.81
C ILE D 217 -40.23 -35.45 8.73
N GLY D 218 -40.31 -34.13 8.55
CA GLY D 218 -39.52 -33.20 9.35
C GLY D 218 -40.35 -32.55 10.43
N TYR D 219 -39.92 -31.36 10.85
CA TYR D 219 -40.62 -30.61 11.88
C TYR D 219 -40.27 -29.12 11.79
N ASP D 220 -41.32 -28.31 11.73
CA ASP D 220 -41.32 -26.83 11.89
C ASP D 220 -42.22 -26.22 10.83
N ASN D 221 -42.09 -26.72 9.60
CA ASN D 221 -42.64 -26.09 8.40
C ASN D 221 -42.00 -24.73 8.09
N ILE D 222 -40.67 -24.66 8.16
CA ILE D 222 -39.97 -23.46 7.68
C ILE D 222 -40.22 -23.33 6.16
N ASP D 223 -40.14 -22.10 5.64
CA ASP D 223 -40.46 -21.84 4.23
C ASP D 223 -39.76 -22.76 3.22
N MSE D 224 -38.49 -23.07 3.46
CA MSE D 224 -37.69 -23.89 2.52
C MSE D 224 -38.33 -25.22 2.19
O MSE D 224 -38.03 -25.80 1.13
CB MSE D 224 -36.27 -24.04 3.09
CG MSE D 224 -35.24 -24.60 2.12
SE MSE D 224 -34.80 -23.27 0.73
CE MSE D 224 -34.27 -24.50 -0.72
N CYS D 225 -39.22 -25.73 3.04
CA CYS D 225 -39.89 -27.01 2.80
C CYS D 225 -40.58 -27.05 1.44
N GLU D 226 -41.01 -25.89 0.96
CA GLU D 226 -41.71 -25.79 -0.31
C GLU D 226 -40.81 -25.56 -1.51
N TYR D 227 -39.51 -25.39 -1.27
CA TYR D 227 -38.55 -25.04 -2.31
C TYR D 227 -37.61 -26.19 -2.66
N ILE D 228 -37.66 -27.27 -1.88
CA ILE D 228 -36.92 -28.48 -2.20
C ILE D 228 -37.83 -29.47 -2.88
N LYS D 229 -37.23 -30.53 -3.42
CA LYS D 229 -37.94 -31.48 -4.26
C LYS D 229 -37.47 -32.88 -3.90
N PRO D 230 -38.38 -33.76 -3.47
CA PRO D 230 -39.78 -33.44 -3.26
C PRO D 230 -40.00 -32.50 -2.09
N LYS D 231 -41.11 -31.76 -2.12
CA LYS D 231 -41.46 -30.88 -1.03
C LYS D 231 -41.64 -31.69 0.24
N LEU D 232 -41.15 -31.16 1.36
CA LEU D 232 -41.05 -31.92 2.59
C LEU D 232 -42.36 -31.93 3.38
N THR D 233 -42.81 -33.13 3.67
CA THR D 233 -43.89 -33.38 4.60
C THR D 233 -43.33 -33.12 6.01
N THR D 234 -44.08 -32.38 6.82
CA THR D 234 -43.56 -31.89 8.09
C THR D 234 -44.69 -31.54 9.06
N ILE D 235 -44.32 -31.33 10.32
CA ILE D 235 -45.24 -30.83 11.33
C ILE D 235 -45.05 -29.33 11.45
N ALA D 236 -46.11 -28.58 11.14
CA ALA D 236 -46.02 -27.13 11.15
C ALA D 236 -46.20 -26.56 12.55
N GLN D 237 -45.20 -25.83 13.01
CA GLN D 237 -45.36 -24.91 14.12
C GLN D 237 -45.84 -23.59 13.54
N PRO D 238 -46.72 -22.87 14.26
CA PRO D 238 -47.10 -21.53 13.79
C PRO D 238 -46.02 -20.51 14.17
N ILE D 239 -44.93 -20.51 13.41
CA ILE D 239 -43.69 -19.85 13.80
C ILE D 239 -43.84 -18.33 13.96
N PHE D 240 -44.30 -17.69 12.89
CA PHE D 240 -44.49 -16.25 12.90
C PHE D 240 -45.44 -15.86 14.03
N GLU D 241 -46.55 -16.60 14.17
CA GLU D 241 -47.55 -16.33 15.20
C GLU D 241 -47.03 -16.54 16.61
N LEU D 242 -46.15 -17.54 16.78
CA LEU D 242 -45.46 -17.78 18.03
C LEU D 242 -44.67 -16.55 18.46
N GLY D 243 -43.95 -15.94 17.52
CA GLY D 243 -43.21 -14.73 17.78
C GLY D 243 -44.11 -13.56 18.15
N GLN D 244 -45.17 -13.38 17.36
CA GLN D 244 -46.17 -12.35 17.63
C GLN D 244 -46.78 -12.49 19.01
N THR D 245 -47.12 -13.73 19.37
CA THR D 245 -47.77 -14.02 20.64
C THR D 245 -46.82 -13.70 21.79
N SER D 246 -45.55 -14.07 21.65
CA SER D 246 -44.54 -13.77 22.67
CA SER D 246 -44.53 -13.75 22.65
C SER D 246 -44.41 -12.25 22.85
N ALA D 247 -44.43 -11.50 21.76
CA ALA D 247 -44.31 -10.05 21.84
C ALA D 247 -45.55 -9.41 22.47
N LYS D 248 -46.73 -9.87 22.07
CA LYS D 248 -47.99 -9.35 22.62
C LYS D 248 -48.06 -9.61 24.12
N LEU D 249 -47.68 -10.81 24.55
CA LEU D 249 -47.62 -11.10 25.99
C LEU D 249 -46.69 -10.17 26.73
N LEU D 250 -45.54 -9.85 26.15
CA LEU D 250 -44.58 -8.99 26.83
C LEU D 250 -45.12 -7.56 26.93
N LEU D 251 -45.72 -7.08 25.84
CA LEU D 251 -46.28 -5.73 25.83
C LEU D 251 -47.38 -5.61 26.87
N ASP D 252 -48.23 -6.63 26.94
CA ASP D 252 -49.27 -6.71 27.95
C ASP D 252 -48.73 -6.71 29.37
N ARG D 253 -47.65 -7.46 29.60
CA ARG D 253 -47.01 -7.50 30.92
C ARG D 253 -46.44 -6.13 31.28
N ILE D 254 -45.89 -5.42 30.29
CA ILE D 254 -45.34 -4.09 30.52
C ILE D 254 -46.48 -3.11 30.86
N GLN D 255 -47.57 -3.19 30.12
CA GLN D 255 -48.71 -2.31 30.36
C GLN D 255 -49.47 -2.65 31.64
N PHE D 256 -49.62 -3.94 31.93
CA PHE D 256 -50.36 -4.44 33.09
C PHE D 256 -49.47 -5.38 33.89
N PRO D 257 -48.58 -4.83 34.73
CA PRO D 257 -47.58 -5.64 35.45
C PRO D 257 -48.16 -6.74 36.32
N GLU D 258 -49.42 -6.61 36.75
CA GLU D 258 -50.05 -7.61 37.60
C GLU D 258 -51.16 -8.41 36.92
N LYS D 259 -51.21 -8.37 35.59
CA LYS D 259 -52.15 -9.24 34.86
C LYS D 259 -51.85 -10.70 35.14
N GLU D 260 -52.80 -11.57 34.82
CA GLU D 260 -52.66 -13.02 34.99
C GLU D 260 -51.39 -13.56 34.34
N TRP D 261 -50.65 -14.40 35.05
CA TRP D 261 -49.50 -15.08 34.47
C TRP D 261 -50.00 -16.16 33.52
N GLU D 262 -49.56 -16.12 32.27
CA GLU D 262 -50.09 -17.01 31.24
C GLU D 262 -49.05 -17.98 30.71
N GLU D 263 -49.50 -19.19 30.42
CA GLU D 263 -48.73 -20.17 29.65
C GLU D 263 -49.61 -20.57 28.48
N LYS D 264 -49.47 -19.85 27.37
CA LYS D 264 -50.26 -20.12 26.18
C LYS D 264 -49.69 -21.32 25.46
N ARG D 265 -50.57 -22.11 24.86
CA ARG D 265 -50.12 -23.25 24.08
C ARG D 265 -50.80 -23.21 22.73
N LEU D 266 -49.98 -23.12 21.68
CA LEU D 266 -50.49 -23.00 20.32
C LEU D 266 -50.43 -24.38 19.67
N PRO D 267 -51.41 -24.68 18.79
CA PRO D 267 -51.45 -25.99 18.17
C PRO D 267 -50.47 -26.15 17.01
N VAL D 268 -50.14 -27.39 16.69
CA VAL D 268 -49.38 -27.68 15.50
C VAL D 268 -50.33 -28.27 14.48
N ARG D 269 -49.84 -28.49 13.27
CA ARG D 269 -50.62 -29.20 12.27
C ARG D 269 -49.76 -29.95 11.28
N PHE D 270 -50.34 -31.03 10.77
CA PHE D 270 -49.64 -31.87 9.84
C PHE D 270 -49.66 -31.22 8.48
N GLU D 271 -48.50 -31.10 7.84
CA GLU D 271 -48.43 -30.59 6.47
C GLU D 271 -48.00 -31.71 5.54
N LYS D 272 -48.98 -32.26 4.82
CA LYS D 272 -48.74 -33.42 3.96
C LYS D 272 -48.27 -32.97 2.60
N ARG D 273 -47.05 -33.37 2.25
CA ARG D 273 -46.49 -32.98 0.96
C ARG D 273 -46.06 -34.26 0.22
N PHE D 274 -44.80 -34.37 -0.20
CA PHE D 274 -44.47 -35.43 -1.13
C PHE D 274 -43.24 -36.26 -0.76
N SER D 275 -42.81 -36.16 0.50
CA SER D 275 -41.63 -36.86 0.94
C SER D 275 -41.91 -38.17 1.67
N THR D 276 -43.18 -38.57 1.75
CA THR D 276 -43.54 -39.87 2.32
C THR D 276 -44.39 -40.67 1.33
N ALA D 277 -44.41 -41.98 1.50
CA ALA D 277 -45.25 -42.86 0.68
C ALA D 277 -45.50 -44.20 1.38
N PRO D 278 -46.60 -44.90 1.03
CA PRO D 278 -46.86 -46.22 1.62
C PRO D 278 -45.69 -47.14 1.37
N LEU D 279 -45.33 -47.95 2.36
CA LEU D 279 -44.24 -48.91 2.19
C LEU D 279 -44.65 -49.97 1.17
N LYS D 280 -43.74 -50.29 0.25
CA LYS D 280 -43.95 -51.35 -0.76
C LYS D 280 -43.12 -52.57 -0.42
N LYS E 8 27.92 35.60 1.72
CA LYS E 8 28.74 34.93 2.77
C LYS E 8 27.90 34.27 3.87
N THR E 9 28.46 33.27 4.53
CA THR E 9 27.74 32.48 5.52
C THR E 9 28.51 32.53 6.83
N ILE E 10 27.76 32.74 7.92
CA ILE E 10 28.31 32.78 9.26
C ILE E 10 27.68 31.66 10.07
N GLY E 11 28.53 30.88 10.73
CA GLY E 11 28.05 29.79 11.57
C GLY E 11 27.97 30.14 13.05
N VAL E 12 26.83 29.82 13.66
CA VAL E 12 26.61 30.07 15.07
C VAL E 12 26.54 28.73 15.78
N LEU E 13 27.40 28.54 16.78
CA LEU E 13 27.44 27.28 17.50
C LEU E 13 26.96 27.47 18.93
N VAL E 14 25.84 26.85 19.26
CA VAL E 14 25.25 26.97 20.57
C VAL E 14 25.19 25.62 21.28
N PRO E 15 25.13 25.64 22.63
CA PRO E 15 25.06 24.38 23.35
C PRO E 15 23.69 23.71 23.26
N ASP E 16 22.63 24.49 23.11
CA ASP E 16 21.26 23.97 23.23
C ASP E 16 20.22 24.83 22.50
N ILE E 17 19.82 24.44 21.30
CA ILE E 17 18.84 25.22 20.53
C ILE E 17 17.41 25.15 21.11
N THR E 18 17.14 24.20 22.00
CA THR E 18 15.83 24.10 22.63
C THR E 18 15.62 25.11 23.75
N ASN E 19 16.69 25.73 24.23
CA ASN E 19 16.56 26.79 25.22
C ASN E 19 16.25 28.12 24.53
N PRO E 20 15.13 28.76 24.90
CA PRO E 20 14.78 30.06 24.28
C PRO E 20 15.89 31.12 24.35
N PHE E 21 16.75 31.06 25.35
CA PHE E 21 17.92 31.95 25.39
C PHE E 21 18.72 31.86 24.09
N PHE E 22 19.02 30.66 23.62
CA PHE E 22 19.86 30.53 22.43
C PHE E 22 19.14 30.85 21.11
N SER E 23 17.83 30.62 21.04
CA SER E 23 17.10 31.02 19.83
C SER E 23 16.89 32.53 19.77
N THR E 24 16.74 33.18 20.92
CA THR E 24 16.65 34.64 20.94
C THR E 24 18.01 35.25 20.61
N LEU E 25 19.07 34.64 21.13
CA LEU E 25 20.44 35.02 20.72
C LEU E 25 20.60 34.97 19.20
N MSE E 26 20.18 33.86 18.59
CA MSE E 26 20.22 33.67 17.15
CA MSE E 26 20.23 33.67 17.15
C MSE E 26 19.49 34.77 16.44
O MSE E 26 19.98 35.34 15.46
CB MSE E 26 19.60 32.29 16.81
CB MSE E 26 19.66 32.32 16.71
CG MSE E 26 19.46 32.06 15.32
CG MSE E 26 20.20 31.91 15.34
SE MSE E 26 21.25 32.10 14.49
SE MSE E 26 19.16 30.42 14.58
CE MSE E 26 20.73 31.16 12.83
CE MSE E 26 19.82 30.50 12.72
N ARG E 27 18.29 35.10 16.91
CA ARG E 27 17.51 36.20 16.31
C ARG E 27 18.27 37.53 16.34
N GLY E 28 18.97 37.81 17.43
CA GLY E 28 19.78 39.02 17.53
C GLY E 28 20.92 39.03 16.55
N ILE E 29 21.61 37.89 16.42
CA ILE E 29 22.68 37.72 15.44
C ILE E 29 22.16 37.97 14.01
N GLU E 30 21.08 37.27 13.67
CA GLU E 30 20.41 37.40 12.35
C GLU E 30 19.97 38.81 12.01
N ASP E 31 19.43 39.51 13.01
CA ASP E 31 19.01 40.91 12.86
C ASP E 31 20.11 41.78 12.25
N ILE E 32 21.35 41.57 12.70
CA ILE E 32 22.49 42.33 12.22
C ILE E 32 23.03 41.76 10.92
N LEU E 33 23.24 40.45 10.87
CA LEU E 33 23.87 39.83 9.70
C LEU E 33 23.01 39.94 8.44
N TYR E 34 21.69 39.86 8.60
CA TYR E 34 20.76 39.92 7.45
C TYR E 34 20.91 41.22 6.67
N LYS E 35 21.16 42.31 7.38
CA LYS E 35 21.31 43.63 6.78
C LYS E 35 22.54 43.75 5.88
N GLN E 36 23.57 42.94 6.16
CA GLN E 36 24.77 42.88 5.30
C GLN E 36 24.74 41.71 4.31
N ASN E 37 23.55 41.13 4.11
CA ASN E 37 23.36 40.00 3.20
C ASN E 37 24.21 38.77 3.54
N PHE E 38 24.39 38.50 4.83
CA PHE E 38 24.96 37.23 5.25
C PHE E 38 23.83 36.26 5.58
N VAL E 39 24.10 34.98 5.34
CA VAL E 39 23.23 33.92 5.75
C VAL E 39 23.73 33.44 7.10
N THR E 40 22.82 33.31 8.06
CA THR E 40 23.17 32.80 9.37
C THR E 40 22.72 31.36 9.47
N ILE E 41 23.65 30.47 9.80
CA ILE E 41 23.31 29.07 10.06
C ILE E 41 23.61 28.74 11.50
N LEU E 42 22.82 27.84 12.07
CA LEU E 42 22.99 27.46 13.46
C LEU E 42 23.27 25.98 13.62
N CYS E 43 24.17 25.69 14.54
CA CYS E 43 24.56 24.35 14.90
C CYS E 43 24.42 24.13 16.38
N ASN E 44 23.82 23.01 16.75
CA ASN E 44 23.67 22.58 18.13
C ASN E 44 24.83 21.65 18.42
N ALA E 45 25.79 22.13 19.19
CA ALA E 45 27.01 21.39 19.45
C ALA E 45 27.20 21.16 20.94
N ASP E 46 27.07 19.90 21.34
CA ASP E 46 27.31 19.47 22.73
C ASP E 46 28.17 18.20 22.73
N SER E 47 28.43 17.66 23.92
CA SER E 47 29.17 16.39 24.05
C SER E 47 28.68 15.60 25.25
N ILE E 53 35.58 18.44 17.33
CA ILE E 53 36.32 18.94 16.16
C ILE E 53 35.46 18.88 14.90
N GLU E 54 34.74 17.76 14.73
CA GLU E 54 33.85 17.50 13.56
C GLU E 54 33.07 18.71 13.01
N TYR E 55 32.25 19.35 13.85
CA TYR E 55 31.46 20.52 13.43
C TYR E 55 32.31 21.53 12.67
N LEU E 56 33.34 22.04 13.32
CA LEU E 56 34.17 23.10 12.74
C LEU E 56 34.87 22.67 11.47
N ALA E 57 35.45 21.48 11.45
CA ALA E 57 36.16 20.99 10.27
C ALA E 57 35.24 20.92 9.04
N GLU E 58 34.07 20.34 9.23
CA GLU E 58 33.12 20.20 8.12
C GLU E 58 32.64 21.56 7.65
N LEU E 59 32.23 22.41 8.60
CA LEU E 59 31.73 23.74 8.25
C LEU E 59 32.82 24.61 7.62
N THR E 60 34.05 24.44 8.08
CA THR E 60 35.19 25.13 7.48
C THR E 60 35.41 24.66 6.03
N ARG E 61 35.34 23.35 5.80
CA ARG E 61 35.41 22.83 4.43
C ARG E 61 34.30 23.38 3.54
N ARG E 62 33.10 23.55 4.09
CA ARG E 62 31.98 24.12 3.34
C ARG E 62 32.13 25.64 3.08
N GLY E 63 33.22 26.25 3.52
CA GLY E 63 33.50 27.66 3.23
C GLY E 63 32.76 28.66 4.10
N VAL E 64 32.33 28.24 5.28
CA VAL E 64 31.72 29.16 6.23
C VAL E 64 32.78 30.22 6.55
N ASP E 65 32.36 31.48 6.51
CA ASP E 65 33.31 32.57 6.47
CA ASP E 65 33.26 32.63 6.46
C ASP E 65 33.76 33.03 7.85
N GLY E 66 32.89 32.91 8.83
CA GLY E 66 33.20 33.30 10.20
C GLY E 66 32.27 32.61 11.16
N PHE E 67 32.64 32.59 12.44
CA PHE E 67 31.89 31.83 13.45
C PHE E 67 31.61 32.63 14.70
N ILE E 68 30.46 32.34 15.31
CA ILE E 68 30.11 32.87 16.61
C ILE E 68 29.88 31.67 17.51
N ILE E 69 30.68 31.57 18.56
CA ILE E 69 30.83 30.34 19.31
C ILE E 69 30.42 30.55 20.76
N ALA E 70 29.30 29.94 21.14
CA ALA E 70 28.73 30.09 22.48
C ALA E 70 28.87 28.84 23.35
N THR E 71 29.49 27.80 22.81
CA THR E 71 29.56 26.51 23.48
C THR E 71 31.03 26.17 23.78
N SER E 72 31.25 25.57 24.94
CA SER E 72 32.57 25.07 25.34
C SER E 72 32.95 23.75 24.64
N ALA E 73 32.00 23.13 23.94
CA ALA E 73 32.27 21.87 23.23
C ALA E 73 33.19 22.03 22.02
N VAL E 74 33.42 23.28 21.59
CA VAL E 74 34.37 23.56 20.52
C VAL E 74 35.72 23.83 21.17
N SER E 75 36.66 22.93 20.93
CA SER E 75 37.95 22.98 21.61
C SER E 75 38.89 23.99 20.98
N THR E 76 39.90 24.38 21.75
CA THR E 76 40.98 25.23 21.25
C THR E 76 41.69 24.60 20.04
N ASP E 77 41.97 23.30 20.12
CA ASP E 77 42.61 22.58 19.00
C ASP E 77 41.77 22.63 17.73
N ALA E 78 40.46 22.42 17.86
CA ALA E 78 39.58 22.51 16.70
C ALA E 78 39.60 23.92 16.12
N ILE E 79 39.66 24.93 16.99
CA ILE E 79 39.68 26.32 16.51
C ILE E 79 40.99 26.59 15.79
N ASN E 80 42.10 26.17 16.41
CA ASN E 80 43.42 26.37 15.80
C ASN E 80 43.51 25.69 14.46
N GLU E 81 43.13 24.41 14.42
CA GLU E 81 43.29 23.59 13.23
C GLU E 81 42.45 24.09 12.07
N ASN E 82 41.25 24.55 12.36
CA ASN E 82 40.28 24.85 11.32
C ASN E 82 40.10 26.34 11.05
N LEU E 83 39.83 27.12 12.09
CA LEU E 83 39.55 28.54 11.90
C LEU E 83 40.82 29.36 11.69
N LYS E 84 41.78 29.20 12.59
CA LYS E 84 42.98 30.01 12.52
C LYS E 84 43.80 29.68 11.28
N LYS E 85 44.05 28.39 11.04
CA LYS E 85 44.76 27.99 9.83
C LYS E 85 44.09 28.46 8.53
N GLN E 86 42.76 28.52 8.50
CA GLN E 86 42.03 28.93 7.29
C GLN E 86 41.57 30.38 7.31
N GLY E 87 42.07 31.15 8.28
CA GLY E 87 41.76 32.58 8.37
C GLY E 87 40.28 32.90 8.54
N ARG E 88 39.57 32.11 9.33
CA ARG E 88 38.14 32.38 9.55
C ARG E 88 37.99 33.09 10.89
N PRO E 89 37.58 34.38 10.87
CA PRO E 89 37.45 35.06 12.16
C PRO E 89 36.30 34.51 13.01
N PHE E 90 36.40 34.69 14.32
CA PHE E 90 35.37 34.21 15.23
C PHE E 90 35.20 35.03 16.49
N ILE E 91 34.00 34.91 17.07
CA ILE E 91 33.62 35.58 18.30
C ILE E 91 33.32 34.49 19.31
N VAL E 92 33.76 34.69 20.55
CA VAL E 92 33.40 33.79 21.65
C VAL E 92 32.46 34.50 22.61
N LEU E 93 31.56 33.74 23.21
CA LEU E 93 30.67 34.27 24.22
C LEU E 93 30.11 33.14 25.09
N ASP E 94 29.39 33.56 26.12
CA ASP E 94 28.54 32.66 26.91
C ASP E 94 29.35 31.53 27.58
N GLN E 95 29.17 30.28 27.16
CA GLN E 95 29.85 29.16 27.83
C GLN E 95 31.26 28.93 27.32
N LYS E 96 31.62 29.58 26.22
CA LYS E 96 32.93 29.42 25.57
C LYS E 96 34.00 30.35 26.16
N LYS E 97 35.14 29.76 26.52
CA LYS E 97 36.24 30.53 27.08
C LYS E 97 36.93 31.36 26.01
N SER E 98 37.59 32.42 26.46
CA SER E 98 38.34 33.30 25.58
C SER E 98 39.49 32.57 24.85
N GLU E 99 39.79 33.06 23.66
CA GLU E 99 40.81 32.48 22.80
C GLU E 99 41.63 33.65 22.25
N GLY E 100 42.93 33.44 22.09
CA GLY E 100 43.79 34.45 21.51
C GLY E 100 43.33 34.81 20.10
N PHE E 101 43.44 36.08 19.76
CA PHE E 101 43.03 36.61 18.46
C PHE E 101 41.58 36.25 18.12
N SER E 102 40.72 36.46 19.10
CA SER E 102 39.29 36.50 18.89
C SER E 102 38.75 37.65 19.69
N ASP E 103 37.57 38.12 19.32
CA ASP E 103 36.83 39.07 20.13
C ASP E 103 35.79 38.29 20.95
N ALA E 104 35.36 38.88 22.06
CA ALA E 104 34.38 38.26 22.95
C ALA E 104 33.32 39.24 23.35
N VAL E 105 32.13 38.71 23.68
CA VAL E 105 31.14 39.50 24.36
C VAL E 105 30.50 38.68 25.46
N ARG E 106 30.47 39.26 26.66
CA ARG E 106 30.00 38.58 27.84
C ARG E 106 28.98 39.43 28.57
N THR E 107 28.20 38.81 29.45
CA THR E 107 27.33 39.54 30.34
C THR E 107 27.88 39.38 31.75
N ASP E 108 27.46 40.24 32.67
CA ASP E 108 28.06 40.27 34.00
C ASP E 108 27.44 39.22 34.92
N ASP E 109 27.88 37.98 34.75
CA ASP E 109 27.37 36.85 35.50
C ASP E 109 27.55 37.00 37.02
N PHE E 110 28.74 37.43 37.45
CA PHE E 110 29.00 37.59 38.88
C PHE E 110 27.99 38.55 39.48
N ARG E 111 27.82 39.69 38.83
CA ARG E 111 26.89 40.70 39.28
C ARG E 111 25.48 40.15 39.35
N GLY E 112 25.07 39.37 38.35
CA GLY E 112 23.70 38.86 38.33
C GLY E 112 23.41 37.93 39.51
N GLY E 113 24.35 37.04 39.79
CA GLY E 113 24.18 36.13 40.91
C GLY E 113 24.15 36.87 42.23
N TYR E 114 24.99 37.89 42.34
CA TYR E 114 25.00 38.78 43.49
C TYR E 114 23.66 39.48 43.66
N LEU E 115 23.13 40.07 42.58
CA LEU E 115 21.81 40.69 42.65
C LEU E 115 20.75 39.71 43.11
N ALA E 116 20.81 38.46 42.63
CA ALA E 116 19.82 37.46 43.00
C ALA E 116 19.90 37.10 44.48
N GLY E 117 21.12 36.89 44.97
CA GLY E 117 21.37 36.65 46.38
C GLY E 117 20.90 37.81 47.25
N MSE E 118 21.29 39.04 46.90
CA MSE E 118 20.95 40.20 47.71
C MSE E 118 19.45 40.35 47.79
O MSE E 118 18.92 40.72 48.84
CB MSE E 118 21.57 41.50 47.22
CG MSE E 118 23.10 41.52 47.27
SE MSE E 118 23.84 41.36 49.11
CE MSE E 118 23.54 43.26 49.57
N HIS E 119 18.75 40.05 46.70
CA HIS E 119 17.29 40.17 46.68
C HIS E 119 16.64 39.19 47.65
N LEU E 120 17.03 37.92 47.59
CA LEU E 120 16.45 36.89 48.46
C LEU E 120 16.80 37.16 49.91
N LEU E 121 18.05 37.54 50.15
CA LEU E 121 18.51 37.85 51.50
C LEU E 121 17.79 39.08 52.07
N SER E 122 17.49 40.07 51.25
CA SER E 122 16.82 41.29 51.74
C SER E 122 15.40 40.99 52.16
N LEU E 123 14.81 39.97 51.56
CA LEU E 123 13.46 39.52 51.88
C LEU E 123 13.41 38.63 53.13
N GLY E 124 14.57 38.35 53.73
CA GLY E 124 14.64 37.61 54.98
C GLY E 124 14.88 36.12 54.82
N HIS E 125 15.06 35.65 53.59
CA HIS E 125 15.39 34.24 53.38
C HIS E 125 16.83 34.01 53.76
N GLN E 126 17.05 33.07 54.67
CA GLN E 126 18.41 32.74 55.12
C GLN E 126 18.81 31.31 54.79
N THR E 127 17.82 30.45 54.60
CA THR E 127 18.07 29.08 54.14
C THR E 127 17.60 29.03 52.69
N ILE E 128 18.56 28.97 51.78
CA ILE E 128 18.28 29.14 50.36
C ILE E 128 18.77 27.93 49.60
N ALA E 129 17.94 27.49 48.64
CA ALA E 129 18.33 26.42 47.74
C ALA E 129 18.89 26.99 46.43
N LEU E 130 19.93 26.34 45.93
CA LEU E 130 20.56 26.67 44.66
C LEU E 130 20.29 25.54 43.67
N VAL E 131 19.55 25.83 42.62
CA VAL E 131 19.24 24.85 41.57
C VAL E 131 20.04 25.18 40.32
N TYR E 132 20.96 24.29 39.98
CA TYR E 132 22.01 24.58 39.03
C TYR E 132 22.42 23.33 38.30
N PRO E 133 23.01 23.49 37.11
CA PRO E 133 23.46 22.32 36.35
C PRO E 133 24.69 21.69 36.98
N GLU E 134 24.67 20.37 37.14
CA GLU E 134 25.84 19.61 37.57
C GLU E 134 26.98 19.96 36.61
N ASN E 135 28.17 20.17 37.14
CA ASN E 135 29.29 20.60 36.32
C ASN E 135 28.94 21.85 35.49
N PRO E 136 28.73 22.98 36.17
CA PRO E 136 28.25 24.17 35.47
C PRO E 136 29.28 24.75 34.50
N PRO E 137 28.82 25.34 33.39
CA PRO E 137 29.81 26.04 32.57
C PRO E 137 30.36 27.24 33.35
N GLU E 138 31.49 27.78 32.91
CA GLU E 138 32.20 28.81 33.66
C GLU E 138 31.36 30.08 33.91
N ASN E 139 30.53 30.49 32.95
CA ASN E 139 29.69 31.66 33.13
C ASN E 139 28.64 31.44 34.24
N VAL E 140 28.11 30.23 34.31
CA VAL E 140 27.12 29.88 35.31
C VAL E 140 27.80 29.77 36.68
N HIS E 141 29.01 29.21 36.70
CA HIS E 141 29.82 29.19 37.93
C HIS E 141 30.01 30.61 38.48
N ALA E 142 30.23 31.58 37.60
CA ALA E 142 30.44 32.96 38.02
C ALA E 142 29.21 33.53 38.71
N ARG E 143 28.02 33.11 38.24
CA ARG E 143 26.75 33.50 38.87
C ARG E 143 26.69 32.96 40.29
N ILE E 144 27.13 31.72 40.44
CA ILE E 144 27.13 31.07 41.73
C ILE E 144 28.10 31.80 42.69
N GLU E 145 29.27 32.16 42.19
CA GLU E 145 30.24 32.93 42.96
C GLU E 145 29.68 34.28 43.39
N GLY E 146 28.99 34.97 42.49
CA GLY E 146 28.36 36.24 42.86
C GLY E 146 27.33 36.06 43.97
N PHE E 147 26.52 35.01 43.84
CA PHE E 147 25.52 34.69 44.85
C PHE E 147 26.19 34.42 46.21
N LYS E 148 27.29 33.70 46.21
CA LYS E 148 28.02 33.42 47.45
C LYS E 148 28.60 34.68 48.07
N SER E 149 28.91 35.67 47.23
CA SER E 149 29.39 36.95 47.69
C SER E 149 28.28 37.70 48.44
N ALA E 150 27.05 37.58 47.93
CA ALA E 150 25.90 38.13 48.63
C ALA E 150 25.72 37.44 50.00
N LEU E 151 25.88 36.12 50.06
CA LEU E 151 25.86 35.41 51.34
C LEU E 151 26.90 35.96 52.32
N ASP E 152 28.09 36.26 51.80
CA ASP E 152 29.18 36.81 52.60
C ASP E 152 28.78 38.13 53.25
N VAL E 153 28.11 38.99 52.50
CA VAL E 153 27.61 40.26 53.02
C VAL E 153 26.70 40.04 54.22
N TYR E 154 25.88 38.99 54.15
CA TYR E 154 24.96 38.66 55.26
C TYR E 154 25.55 37.68 56.26
N GLN E 155 26.82 37.34 56.09
CA GLN E 155 27.54 36.39 56.94
C GLN E 155 26.77 35.08 57.09
N ILE E 156 26.16 34.63 56.00
CA ILE E 156 25.55 33.31 55.94
C ILE E 156 26.67 32.36 55.55
N PRO E 157 26.93 31.34 56.38
CA PRO E 157 28.00 30.42 56.01
C PRO E 157 27.60 29.60 54.77
N HIS E 158 28.52 29.41 53.83
CA HIS E 158 28.19 28.79 52.54
C HIS E 158 27.62 27.38 52.69
N ASP E 159 27.98 26.69 53.77
CA ASP E 159 27.45 25.34 54.02
C ASP E 159 25.97 25.31 54.48
N GLN E 160 25.36 26.48 54.63
CA GLN E 160 23.93 26.60 54.96
C GLN E 160 23.08 26.64 53.68
N LEU E 161 23.73 26.74 52.53
CA LEU E 161 23.07 26.58 51.23
C LEU E 161 22.61 25.16 51.00
N ILE E 162 21.40 25.02 50.47
CA ILE E 162 20.90 23.73 50.02
C ILE E 162 21.24 23.60 48.53
N LEU E 163 22.20 22.72 48.22
CA LEU E 163 22.65 22.52 46.85
C LEU E 163 21.79 21.48 46.14
N LEU E 164 21.24 21.85 45.00
CA LEU E 164 20.39 20.95 44.21
C LEU E 164 20.89 20.88 42.76
N PRO E 165 22.02 20.18 42.55
CA PRO E 165 22.53 19.99 41.20
C PRO E 165 21.60 19.09 40.38
N THR E 166 21.42 19.40 39.11
CA THR E 166 20.47 18.67 38.26
C THR E 166 20.82 18.90 36.79
N GLN E 167 19.96 18.44 35.88
CA GLN E 167 20.16 18.66 34.45
C GLN E 167 19.72 20.08 34.10
N PHE E 168 20.38 20.69 33.12
CA PHE E 168 20.12 22.11 32.79
C PHE E 168 18.89 22.22 31.91
N SER E 169 17.72 22.06 32.49
CA SER E 169 16.49 22.00 31.69
C SER E 169 15.28 22.08 32.58
N LYS E 170 14.12 22.32 31.97
CA LYS E 170 12.85 22.28 32.69
C LYS E 170 12.69 20.95 33.43
N GLN E 171 13.02 19.85 32.75
CA GLN E 171 12.93 18.53 33.34
C GLN E 171 13.82 18.42 34.57
N GLY E 172 15.04 18.96 34.48
CA GLY E 172 15.97 18.96 35.60
C GLY E 172 15.47 19.73 36.81
N GLY E 173 14.82 20.86 36.57
CA GLY E 173 14.18 21.62 37.63
C GLY E 173 13.02 20.85 38.27
N TYR E 174 12.19 20.26 37.42
CA TYR E 174 11.09 19.40 37.88
C TYR E 174 11.58 18.27 38.80
N GLN E 175 12.66 17.62 38.38
CA GLN E 175 13.17 16.42 39.04
C GLN E 175 13.74 16.65 40.43
N ILE E 176 14.21 17.86 40.74
CA ILE E 176 14.77 18.12 42.09
C ILE E 176 13.75 18.68 43.06
N THR E 177 12.49 18.75 42.65
CA THR E 177 11.43 19.29 43.50
C THR E 177 11.30 18.54 44.82
N ALA E 178 11.31 17.21 44.77
CA ALA E 178 11.16 16.40 45.97
C ALA E 178 12.27 16.72 46.97
N GLU E 179 13.51 16.83 46.47
CA GLU E 179 14.64 17.23 47.31
C GLU E 179 14.46 18.62 47.90
N LEU E 180 13.93 19.55 47.10
CA LEU E 180 13.64 20.87 47.63
C LEU E 180 12.66 20.79 48.79
N LEU E 181 11.56 20.06 48.56
CA LEU E 181 10.50 19.90 49.57
C LEU E 181 10.99 19.23 50.85
N ASP E 182 11.95 18.33 50.73
CA ASP E 182 12.55 17.67 51.91
C ASP E 182 13.52 18.56 52.70
N SER E 183 13.87 19.74 52.18
CA SER E 183 14.83 20.64 52.82
C SER E 183 14.12 21.74 53.60
N ALA E 184 14.91 22.51 54.33
CA ALA E 184 14.40 23.66 55.07
C ALA E 184 14.41 24.98 54.26
N ALA E 185 14.70 24.93 52.97
CA ALA E 185 14.80 26.16 52.17
C ALA E 185 13.46 26.87 52.08
N THR E 186 13.50 28.19 52.12
CA THR E 186 12.32 29.04 51.91
C THR E 186 12.39 29.85 50.61
N GLY E 187 13.60 30.01 50.08
CA GLY E 187 13.85 30.73 48.85
C GLY E 187 14.76 29.92 47.96
N VAL E 188 14.69 30.18 46.65
CA VAL E 188 15.39 29.37 45.65
C VAL E 188 15.97 30.28 44.56
N PHE E 189 17.25 30.09 44.28
CA PHE E 189 17.88 30.67 43.10
C PHE E 189 18.06 29.57 42.07
N ALA E 190 17.32 29.69 40.96
CA ALA E 190 17.46 28.77 39.83
C ALA E 190 18.36 29.45 38.82
N LEU E 191 19.39 28.73 38.38
CA LEU E 191 20.46 29.33 37.56
C LEU E 191 20.07 29.61 36.11
N ASN E 192 18.89 29.15 35.70
CA ASN E 192 18.20 29.74 34.55
C ASN E 192 16.69 29.63 34.67
N ASP E 193 15.99 30.32 33.78
CA ASP E 193 14.53 30.38 33.87
C ASP E 193 13.92 29.01 33.59
N GLU E 194 14.54 28.24 32.70
CA GLU E 194 14.02 26.89 32.39
C GLU E 194 14.00 26.03 33.65
N LEU E 195 15.06 26.08 34.45
CA LEU E 195 15.07 25.36 35.75
C LEU E 195 13.91 25.84 36.61
N ALA E 196 13.69 27.16 36.66
CA ALA E 196 12.61 27.71 37.47
C ALA E 196 11.25 27.17 37.05
N PHE E 197 11.03 27.07 35.74
CA PHE E 197 9.76 26.54 35.22
C PHE E 197 9.53 25.09 35.68
N GLY E 198 10.59 24.31 35.72
CA GLY E 198 10.56 22.95 36.23
C GLY E 198 10.12 22.89 37.68
N LEU E 199 10.68 23.77 38.50
CA LEU E 199 10.27 23.90 39.89
C LEU E 199 8.81 24.32 40.01
N TYR E 200 8.35 25.26 39.18
CA TYR E 200 6.95 25.66 39.21
C TYR E 200 6.07 24.40 39.03
N ARG E 201 6.35 23.61 38.00
CA ARG E 201 5.56 22.41 37.75
C ARG E 201 5.57 21.47 38.97
N GLY E 202 6.76 21.21 39.49
CA GLY E 202 6.92 20.35 40.66
C GLY E 202 6.17 20.84 41.89
N LEU E 203 6.27 22.13 42.18
CA LEU E 203 5.62 22.69 43.35
C LEU E 203 4.10 22.68 43.19
N GLU E 204 3.64 23.03 41.99
CA GLU E 204 2.21 22.97 41.67
C GLU E 204 1.61 21.59 41.88
N GLU E 205 2.33 20.57 41.41
CA GLU E 205 1.88 19.18 41.54
C GLU E 205 1.95 18.69 42.99
N ALA E 206 2.80 19.30 43.81
CA ALA E 206 2.86 18.95 45.23
C ALA E 206 1.88 19.75 46.07
N GLY E 207 1.10 20.63 45.43
CA GLY E 207 0.11 21.44 46.12
C GLY E 207 0.66 22.68 46.80
N LYS E 208 1.86 23.10 46.42
CA LYS E 208 2.48 24.29 47.01
C LYS E 208 2.19 25.52 46.15
N SER E 209 2.37 26.69 46.75
CA SER E 209 2.11 27.96 46.07
C SER E 209 3.38 28.77 46.03
N ILE E 210 3.51 29.58 44.99
CA ILE E 210 4.62 30.53 44.84
C ILE E 210 3.98 31.91 44.82
N PRO E 211 4.41 32.84 45.66
CA PRO E 211 5.57 32.75 46.55
C PRO E 211 5.28 32.31 48.01
N GLU E 212 4.04 31.97 48.32
CA GLU E 212 3.64 31.70 49.71
C GLU E 212 4.50 30.64 50.37
N ASP E 213 4.76 29.55 49.65
CA ASP E 213 5.61 28.47 50.17
C ASP E 213 7.09 28.62 49.79
N TYR E 214 7.35 29.12 48.59
CA TYR E 214 8.74 29.29 48.11
C TYR E 214 8.89 30.56 47.30
N SER E 215 9.88 31.37 47.66
CA SER E 215 10.31 32.48 46.82
C SER E 215 11.28 31.93 45.78
N ILE E 216 11.09 32.29 44.52
CA ILE E 216 11.93 31.79 43.43
C ILE E 216 12.41 32.93 42.53
N ILE E 217 13.72 32.94 42.29
CA ILE E 217 14.31 33.84 41.30
C ILE E 217 15.08 33.00 40.29
N GLY E 218 14.85 33.30 39.02
CA GLY E 218 15.50 32.60 37.93
C GLY E 218 16.64 33.42 37.34
N TYR E 219 16.94 33.15 36.07
CA TYR E 219 18.02 33.85 35.37
C TYR E 219 17.82 33.75 33.86
N ASP E 220 17.81 34.92 33.21
CA ASP E 220 17.88 35.12 31.74
C ASP E 220 16.90 36.22 31.33
N ASN E 221 15.69 36.13 31.88
CA ASN E 221 14.53 36.90 31.40
C ASN E 221 14.09 36.52 29.98
N ILE E 222 14.00 35.22 29.71
CA ILE E 222 13.36 34.76 28.47
C ILE E 222 11.88 35.15 28.52
N ASP E 223 11.28 35.28 27.35
CA ASP E 223 9.91 35.77 27.21
C ASP E 223 8.90 35.05 28.10
N MSE E 224 9.07 33.73 28.25
CA MSE E 224 8.09 32.91 28.97
C MSE E 224 7.92 33.33 30.41
O MSE E 224 6.89 33.03 31.03
CB MSE E 224 8.47 31.42 28.83
CG MSE E 224 7.41 30.44 29.30
SE MSE E 224 5.92 30.36 28.00
CE MSE E 224 4.48 29.69 29.18
N CYS E 225 8.88 34.07 30.97
CA CYS E 225 8.76 34.57 32.35
C CYS E 225 7.48 35.38 32.56
N GLU E 226 7.00 36.02 31.50
CA GLU E 226 5.80 36.85 31.58
C GLU E 226 4.50 36.12 31.31
N TYR E 227 4.57 34.85 30.91
CA TYR E 227 3.38 34.09 30.55
C TYR E 227 3.00 33.05 31.59
N ILE E 228 3.86 32.82 32.57
CA ILE E 228 3.53 31.93 33.69
C ILE E 228 2.98 32.73 34.87
N LYS E 229 2.40 32.02 35.82
CA LYS E 229 1.73 32.65 36.95
C LYS E 229 2.15 31.95 38.24
N PRO E 230 2.71 32.69 39.20
CA PRO E 230 3.02 34.10 39.08
C PRO E 230 4.17 34.36 38.11
N LYS E 231 4.20 35.54 37.52
CA LYS E 231 5.29 35.93 36.63
C LYS E 231 6.63 35.84 37.39
N LEU E 232 7.67 35.36 36.69
CA LEU E 232 8.92 35.00 37.33
C LEU E 232 9.85 36.19 37.50
N THR E 233 10.28 36.39 38.73
CA THR E 233 11.31 37.33 39.07
C THR E 233 12.62 36.71 38.63
N THR E 234 13.48 37.50 38.00
CA THR E 234 14.65 36.94 37.34
C THR E 234 15.72 38.00 37.10
N ILE E 235 16.93 37.54 36.83
CA ILE E 235 18.02 38.39 36.38
C ILE E 235 18.00 38.43 34.84
N ALA E 236 17.73 39.61 34.28
CA ALA E 236 17.66 39.74 32.83
C ALA E 236 19.05 39.87 32.22
N GLN E 237 19.39 38.96 31.31
CA GLN E 237 20.49 39.19 30.37
C GLN E 237 19.89 39.94 29.17
N PRO E 238 20.69 40.83 28.54
CA PRO E 238 20.20 41.48 27.30
C PRO E 238 20.43 40.56 26.10
N ILE E 239 19.57 39.56 25.97
CA ILE E 239 19.82 38.40 25.10
C ILE E 239 19.92 38.82 23.64
N PHE E 240 18.91 39.53 23.17
CA PHE E 240 18.85 39.96 21.78
C PHE E 240 20.07 40.83 21.45
N GLU E 241 20.33 41.82 22.30
CA GLU E 241 21.46 42.74 22.17
C GLU E 241 22.79 41.98 22.22
N LEU E 242 22.86 40.96 23.06
CA LEU E 242 24.05 40.10 23.09
C LEU E 242 24.33 39.46 21.72
N GLY E 243 23.28 38.99 21.06
CA GLY E 243 23.40 38.43 19.73
C GLY E 243 23.83 39.47 18.72
N GLN E 244 23.14 40.60 18.74
CA GLN E 244 23.48 41.74 17.88
C GLN E 244 24.95 42.16 18.03
N THR E 245 25.40 42.29 19.27
CA THR E 245 26.75 42.73 19.55
C THR E 245 27.78 41.72 19.05
N SER E 246 27.49 40.44 19.21
CA SER E 246 28.37 39.41 18.68
C SER E 246 28.47 39.52 17.15
N ALA E 247 27.32 39.70 16.49
CA ALA E 247 27.32 39.86 15.05
C ALA E 247 28.10 41.10 14.60
N LYS E 248 27.90 42.24 15.28
CA LYS E 248 28.58 43.48 14.91
C LYS E 248 30.08 43.34 15.09
N LEU E 249 30.51 42.73 16.19
CA LEU E 249 31.95 42.49 16.40
C LEU E 249 32.55 41.68 15.26
N LEU E 250 31.83 40.67 14.79
CA LEU E 250 32.34 39.81 13.73
C LEU E 250 32.45 40.56 12.42
N LEU E 251 31.40 41.31 12.07
CA LEU E 251 31.42 42.14 10.86
C LEU E 251 32.56 43.15 10.90
N ASP E 252 32.77 43.79 12.05
CA ASP E 252 33.89 44.70 12.23
C ASP E 252 35.24 44.00 12.08
N ARG E 253 35.34 42.78 12.59
CA ARG E 253 36.58 42.00 12.47
C ARG E 253 36.85 41.67 11.03
N ILE E 254 35.80 41.34 10.29
CA ILE E 254 35.92 41.01 8.88
C ILE E 254 36.35 42.26 8.10
N GLN E 255 35.71 43.39 8.36
CA GLN E 255 36.03 44.62 7.65
C GLN E 255 37.39 45.18 8.04
N PHE E 256 37.74 45.06 9.31
CA PHE E 256 38.97 45.62 9.86
C PHE E 256 39.76 44.51 10.58
N PRO E 257 40.49 43.67 9.82
CA PRO E 257 41.14 42.50 10.41
C PRO E 257 42.12 42.80 11.54
N GLU E 258 42.67 44.01 11.58
CA GLU E 258 43.64 44.39 12.62
C GLU E 258 43.08 45.41 13.62
N LYS E 259 41.76 45.57 13.67
CA LYS E 259 41.17 46.42 14.72
C LYS E 259 41.49 45.84 16.11
N GLU E 260 41.34 46.69 17.12
CA GLU E 260 41.56 46.30 18.53
C GLU E 260 40.78 45.03 18.88
N TRP E 261 41.42 44.10 19.58
CA TRP E 261 40.75 42.92 20.10
C TRP E 261 39.93 43.30 21.31
N GLU E 262 38.63 43.00 21.28
CA GLU E 262 37.73 43.48 22.31
C GLU E 262 37.13 42.35 23.11
N GLU E 263 36.99 42.59 24.42
CA GLU E 263 36.16 41.77 25.28
C GLU E 263 35.09 42.70 25.87
N LYS E 264 33.94 42.74 25.22
CA LYS E 264 32.84 43.57 25.67
C LYS E 264 32.14 42.88 26.82
N ARG E 265 31.62 43.66 27.75
CA ARG E 265 30.82 43.11 28.83
C ARG E 265 29.55 43.93 28.90
N LEU E 266 28.42 43.25 28.83
CA LEU E 266 27.11 43.88 28.89
C LEU E 266 26.52 43.67 30.27
N PRO E 267 25.81 44.69 30.79
CA PRO E 267 25.23 44.58 32.11
C PRO E 267 24.00 43.68 32.12
N VAL E 268 23.71 43.15 33.29
CA VAL E 268 22.43 42.50 33.55
C VAL E 268 21.55 43.44 34.34
N ARG E 269 20.30 43.05 34.58
CA ARG E 269 19.47 43.80 35.51
C ARG E 269 18.37 42.98 36.13
N PHE E 270 18.01 43.40 37.33
CA PHE E 270 17.05 42.69 38.13
C PHE E 270 15.66 42.98 37.59
N GLU E 271 14.88 41.93 37.35
CA GLU E 271 13.49 42.08 36.90
C GLU E 271 12.57 41.57 38.00
N LYS E 272 11.99 42.50 38.74
CA LYS E 272 11.15 42.17 39.89
C LYS E 272 9.75 41.90 39.40
N ARG E 273 9.26 40.69 39.66
CA ARG E 273 7.91 40.34 39.29
C ARG E 273 7.24 39.79 40.55
N PHE E 274 6.64 38.61 40.49
CA PHE E 274 5.73 38.19 41.56
C PHE E 274 6.00 36.83 42.17
N SER E 275 7.20 36.28 41.91
CA SER E 275 7.57 34.96 42.41
C SER E 275 8.39 35.00 43.71
N THR E 276 8.56 36.18 44.29
CA THR E 276 9.25 36.28 45.58
C THR E 276 8.46 37.13 46.55
N ALA E 277 8.65 36.88 47.83
CA ALA E 277 7.98 37.65 48.87
C ALA E 277 8.79 37.60 50.16
N PRO E 278 8.55 38.59 51.06
CA PRO E 278 9.24 38.57 52.35
C PRO E 278 8.91 37.31 53.13
N LEU E 279 9.91 36.75 53.82
CA LEU E 279 9.70 35.56 54.62
C LEU E 279 8.90 35.93 55.87
N LYS E 280 7.89 35.11 56.20
CA LYS E 280 7.08 35.32 57.40
C LYS E 280 7.73 34.68 58.62
N LYS F 8 29.16 16.18 3.97
CA LYS F 8 28.39 15.48 5.04
C LYS F 8 27.51 16.46 5.84
N THR F 9 26.96 17.47 5.18
CA THR F 9 26.18 18.51 5.85
C THR F 9 24.76 18.55 5.30
N ILE F 10 23.78 18.54 6.20
CA ILE F 10 22.36 18.64 5.85
C ILE F 10 21.81 19.95 6.37
N GLY F 11 21.12 20.69 5.52
CA GLY F 11 20.48 21.95 5.91
C GLY F 11 19.01 21.81 6.25
N VAL F 12 18.61 22.32 7.41
CA VAL F 12 17.21 22.31 7.84
C VAL F 12 16.69 23.73 7.82
N LEU F 13 15.63 23.96 7.06
CA LEU F 13 15.07 25.31 6.96
C LEU F 13 13.72 25.36 7.65
N VAL F 14 13.57 26.22 8.66
CA VAL F 14 12.32 26.31 9.43
C VAL F 14 11.74 27.73 9.39
N PRO F 15 10.43 27.87 9.64
CA PRO F 15 9.84 29.20 9.62
C PRO F 15 10.20 30.04 10.84
N ASP F 16 10.50 29.39 11.97
CA ASP F 16 10.59 30.09 13.24
C ASP F 16 11.32 29.26 14.31
N ILE F 17 12.61 29.47 14.46
CA ILE F 17 13.40 28.71 15.43
C ILE F 17 13.07 29.02 16.91
N THR F 18 12.40 30.14 17.17
CA THR F 18 11.98 30.48 18.53
C THR F 18 10.79 29.63 19.02
N ASN F 19 10.08 28.98 18.11
CA ASN F 19 8.98 28.10 18.50
C ASN F 19 9.52 26.74 18.91
N PRO F 20 9.20 26.28 20.14
CA PRO F 20 9.72 24.97 20.60
C PRO F 20 9.38 23.81 19.65
N PHE F 21 8.30 23.94 18.90
CA PHE F 21 7.97 22.92 17.90
C PHE F 21 9.14 22.69 16.95
N PHE F 22 9.69 23.77 16.41
CA PHE F 22 10.77 23.67 15.45
C PHE F 22 12.13 23.26 16.03
N SER F 23 12.43 23.66 17.26
CA SER F 23 13.67 23.19 17.89
C SER F 23 13.59 21.72 18.28
N THR F 24 12.41 21.28 18.69
CA THR F 24 12.19 19.85 18.97
C THR F 24 12.24 19.05 17.67
N LEU F 25 11.64 19.58 16.60
CA LEU F 25 11.82 18.99 15.27
C LEU F 25 13.29 18.80 14.93
N MSE F 26 14.08 19.86 15.15
CA MSE F 26 15.51 19.84 14.88
CA MSE F 26 15.51 19.84 14.88
C MSE F 26 16.19 18.76 15.65
O MSE F 26 17.07 18.09 15.14
CB MSE F 26 16.13 21.21 15.20
CB MSE F 26 16.16 21.18 15.19
CG MSE F 26 17.66 21.19 15.16
CG MSE F 26 17.28 21.46 14.19
SE MSE F 26 18.25 20.93 13.30
SE MSE F 26 18.62 22.66 14.98
CE MSE F 26 20.06 21.66 13.56
CE MSE F 26 20.18 21.86 14.07
N ARG F 27 15.81 18.59 16.92
CA ARG F 27 16.43 17.56 17.74
C ARG F 27 16.15 16.15 17.19
N GLY F 28 14.92 15.91 16.73
CA GLY F 28 14.59 14.66 16.05
C GLY F 28 15.44 14.40 14.81
N ILE F 29 15.59 15.41 13.97
CA ILE F 29 16.45 15.34 12.80
C ILE F 29 17.89 14.96 13.19
N GLU F 30 18.47 15.72 14.12
CA GLU F 30 19.85 15.48 14.58
C GLU F 30 20.06 14.08 15.16
N ASP F 31 19.07 13.58 15.89
CA ASP F 31 19.13 12.26 16.50
C ASP F 31 19.46 11.20 15.46
N ILE F 32 18.83 11.31 14.30
CA ILE F 32 19.07 10.40 13.21
C ILE F 32 20.36 10.75 12.46
N LEU F 33 20.51 12.01 12.08
CA LEU F 33 21.63 12.40 11.23
C LEU F 33 22.99 12.21 11.90
N TYR F 34 23.04 12.44 13.22
CA TYR F 34 24.28 12.31 13.99
C TYR F 34 24.83 10.88 13.93
N LYS F 35 23.93 9.91 13.95
CA LYS F 35 24.33 8.50 13.89
C LYS F 35 25.07 8.13 12.61
N GLN F 36 24.81 8.86 11.52
CA GLN F 36 25.51 8.62 10.24
C GLN F 36 26.64 9.62 9.98
N ASN F 37 27.08 10.33 11.02
CA ASN F 37 28.13 11.34 10.93
C ASN F 37 27.83 12.51 9.99
N PHE F 38 26.56 12.87 9.87
CA PHE F 38 26.19 14.09 9.17
C PHE F 38 26.17 15.25 10.15
N VAL F 39 26.58 16.43 9.68
CA VAL F 39 26.43 17.66 10.43
C VAL F 39 25.09 18.27 10.05
N THR F 40 24.30 18.65 11.06
CA THR F 40 23.01 19.28 10.83
C THR F 40 23.08 20.77 11.10
N ILE F 41 22.71 21.59 10.12
CA ILE F 41 22.69 23.02 10.29
C ILE F 41 21.28 23.52 10.10
N LEU F 42 20.95 24.62 10.77
CA LEU F 42 19.61 25.15 10.74
C LEU F 42 19.57 26.61 10.33
N CYS F 43 18.61 26.91 9.48
CA CYS F 43 18.34 28.25 9.02
C CYS F 43 16.93 28.66 9.38
N ASN F 44 16.81 29.85 9.94
CA ASN F 44 15.53 30.43 10.26
C ASN F 44 15.12 31.22 9.04
N ALA F 45 14.26 30.62 8.22
CA ALA F 45 13.86 31.24 6.96
C ALA F 45 12.39 31.60 7.01
N ASP F 46 12.12 32.82 7.45
CA ASP F 46 10.78 33.41 7.40
C ASP F 46 10.67 34.28 6.14
N SER F 47 9.46 34.75 5.84
CA SER F 47 9.18 35.49 4.60
C SER F 47 10.29 36.47 4.19
N ILE F 53 15.11 32.33 -0.82
CA ILE F 53 15.78 32.15 -2.11
C ILE F 53 17.30 32.26 -1.96
N GLU F 54 17.73 33.31 -1.27
CA GLU F 54 19.16 33.56 -1.00
C GLU F 54 19.74 32.41 -0.18
N TYR F 55 18.98 31.96 0.82
CA TYR F 55 19.36 30.82 1.65
C TYR F 55 19.86 29.66 0.81
N LEU F 56 18.97 29.09 -0.01
CA LEU F 56 19.28 27.90 -0.78
C LEU F 56 20.49 28.09 -1.70
N ALA F 57 20.53 29.21 -2.40
CA ALA F 57 21.61 29.45 -3.35
C ALA F 57 22.97 29.47 -2.64
N GLU F 58 23.06 30.25 -1.57
CA GLU F 58 24.30 30.32 -0.79
C GLU F 58 24.65 28.97 -0.18
N LEU F 59 23.66 28.30 0.40
CA LEU F 59 23.92 27.02 1.05
C LEU F 59 24.27 25.93 0.03
N THR F 60 23.65 26.00 -1.15
CA THR F 60 24.00 25.10 -2.26
C THR F 60 25.45 25.36 -2.70
N ARG F 61 25.84 26.64 -2.85
CA ARG F 61 27.25 26.99 -3.14
C ARG F 61 28.22 26.49 -2.08
N ARG F 62 27.79 26.49 -0.82
CA ARG F 62 28.63 25.99 0.27
C ARG F 62 28.73 24.44 0.27
N GLY F 63 28.03 23.77 -0.65
CA GLY F 63 28.14 22.32 -0.78
C GLY F 63 27.29 21.52 0.21
N VAL F 64 26.23 22.14 0.72
CA VAL F 64 25.28 21.42 1.58
C VAL F 64 24.67 20.29 0.74
N ASP F 65 24.67 19.10 1.31
CA ASP F 65 24.41 17.90 0.54
CA ASP F 65 24.40 17.85 0.59
C ASP F 65 22.92 17.61 0.33
N GLY F 66 22.09 17.97 1.30
CA GLY F 66 20.66 17.73 1.21
C GLY F 66 19.92 18.67 2.12
N PHE F 67 18.62 18.78 1.95
CA PHE F 67 17.82 19.75 2.69
C PHE F 67 16.53 19.16 3.23
N ILE F 68 16.15 19.64 4.40
CA ILE F 68 14.86 19.37 4.98
C ILE F 68 14.15 20.72 5.12
N ILE F 69 13.05 20.86 4.41
CA ILE F 69 12.39 22.15 4.23
C ILE F 69 11.01 22.16 4.84
N ALA F 70 10.85 22.96 5.89
CA ALA F 70 9.60 23.03 6.65
C ALA F 70 8.89 24.38 6.49
N THR F 71 9.45 25.27 5.66
CA THR F 71 8.91 26.62 5.50
C THR F 71 8.45 26.84 4.06
N SER F 72 7.31 27.53 3.90
CA SER F 72 6.83 27.93 2.58
C SER F 72 7.64 29.07 1.97
N ALA F 73 8.53 29.69 2.74
CA ALA F 73 9.33 30.81 2.25
C ALA F 73 10.33 30.41 1.18
N VAL F 74 10.62 29.11 1.08
CA VAL F 74 11.47 28.58 0.02
C VAL F 74 10.59 28.27 -1.19
N SER F 75 10.84 28.98 -2.28
CA SER F 75 9.98 28.89 -3.46
C SER F 75 10.35 27.68 -4.33
N THR F 76 9.40 27.27 -5.16
CA THR F 76 9.63 26.23 -6.16
C THR F 76 10.79 26.61 -7.08
N ASP F 77 10.84 27.87 -7.50
CA ASP F 77 11.91 28.36 -8.37
C ASP F 77 13.30 28.25 -7.74
N ALA F 78 13.40 28.59 -6.46
CA ALA F 78 14.67 28.48 -5.75
C ALA F 78 15.09 27.02 -5.63
N ILE F 79 14.11 26.15 -5.40
CA ILE F 79 14.37 24.71 -5.34
C ILE F 79 14.84 24.18 -6.69
N ASN F 80 14.14 24.53 -7.76
CA ASN F 80 14.52 24.14 -9.10
C ASN F 80 15.91 24.61 -9.44
N GLU F 81 16.13 25.91 -9.26
CA GLU F 81 17.37 26.56 -9.67
C GLU F 81 18.59 26.05 -8.93
N ASN F 82 18.41 25.69 -7.65
CA ASN F 82 19.53 25.36 -6.80
C ASN F 82 19.66 23.89 -6.47
N LEU F 83 18.60 23.30 -5.92
CA LEU F 83 18.67 21.92 -5.48
C LEU F 83 18.56 20.94 -6.64
N LYS F 84 17.59 21.17 -7.53
CA LYS F 84 17.39 20.23 -8.64
C LYS F 84 18.56 20.28 -9.63
N LYS F 85 18.96 21.48 -10.03
CA LYS F 85 20.11 21.63 -10.94
C LYS F 85 21.39 21.06 -10.39
N GLN F 86 21.60 21.16 -9.08
CA GLN F 86 22.82 20.67 -8.46
C GLN F 86 22.69 19.28 -7.85
N GLY F 87 21.57 18.61 -8.08
CA GLY F 87 21.35 17.25 -7.55
C GLY F 87 21.39 17.12 -6.03
N ARG F 88 20.79 18.08 -5.33
CA ARG F 88 20.72 18.00 -3.87
C ARG F 88 19.33 17.51 -3.46
N PRO F 89 19.24 16.29 -2.90
CA PRO F 89 17.91 15.82 -2.50
C PRO F 89 17.31 16.62 -1.36
N PHE F 90 15.99 16.56 -1.25
CA PHE F 90 15.31 17.27 -0.19
C PHE F 90 14.00 16.64 0.23
N ILE F 91 13.63 16.92 1.47
CA ILE F 91 12.38 16.51 2.08
C ILE F 91 11.56 17.75 2.36
N VAL F 92 10.26 17.65 2.14
CA VAL F 92 9.36 18.75 2.48
C VAL F 92 8.45 18.31 3.61
N LEU F 93 8.10 19.24 4.47
CA LEU F 93 7.14 18.98 5.55
C LEU F 93 6.48 20.25 6.04
N ASP F 94 5.50 20.05 6.91
CA ASP F 94 4.94 21.11 7.73
C ASP F 94 4.33 22.23 6.85
N GLN F 95 4.91 23.42 6.83
CA GLN F 95 4.31 24.54 6.09
C GLN F 95 4.66 24.55 4.59
N LYS F 96 5.62 23.70 4.18
CA LYS F 96 6.09 23.67 2.79
C LYS F 96 5.24 22.71 1.94
N LYS F 97 4.77 23.19 0.80
CA LYS F 97 3.96 22.38 -0.10
C LYS F 97 4.80 21.34 -0.82
N SER F 98 4.12 20.30 -1.28
CA SER F 98 4.79 19.24 -2.02
C SER F 98 5.48 19.72 -3.29
N GLU F 99 6.54 19.03 -3.67
CA GLU F 99 7.32 19.35 -4.87
C GLU F 99 7.61 18.06 -5.60
N GLY F 100 7.61 18.14 -6.93
CA GLY F 100 7.98 16.99 -7.74
C GLY F 100 9.37 16.49 -7.39
N PHE F 101 9.51 15.17 -7.38
CA PHE F 101 10.77 14.51 -7.07
C PHE F 101 11.33 14.93 -5.71
N SER F 102 10.45 14.92 -4.72
CA SER F 102 10.85 15.08 -3.33
C SER F 102 10.03 14.10 -2.52
N ASP F 103 10.52 13.76 -1.34
CA ASP F 103 9.73 13.01 -0.37
C ASP F 103 9.14 14.00 0.63
N ALA F 104 8.02 13.62 1.25
CA ALA F 104 7.34 14.47 2.22
C ALA F 104 6.97 13.68 3.46
N VAL F 105 6.94 14.37 4.60
CA VAL F 105 6.32 13.79 5.79
C VAL F 105 5.40 14.83 6.42
N ARG F 106 4.18 14.40 6.70
CA ARG F 106 3.16 15.27 7.21
C ARG F 106 2.46 14.65 8.40
N THR F 107 1.73 15.46 9.15
CA THR F 107 0.88 14.96 10.23
C THR F 107 -0.56 15.26 9.86
N ASP F 108 -1.50 14.60 10.53
CA ASP F 108 -2.90 14.64 10.09
C ASP F 108 -3.61 15.86 10.68
N ASP F 109 -3.37 16.99 10.04
CA ASP F 109 -3.89 18.27 10.46
C ASP F 109 -5.41 18.33 10.47
N PHE F 110 -6.05 17.82 9.41
CA PHE F 110 -7.50 17.85 9.33
C PHE F 110 -8.10 17.11 10.50
N ARG F 111 -7.58 15.92 10.75
CA ARG F 111 -8.04 15.09 11.85
C ARG F 111 -7.83 15.81 13.18
N GLY F 112 -6.70 16.47 13.34
CA GLY F 112 -6.39 17.14 14.61
C GLY F 112 -7.38 18.25 14.91
N GLY F 113 -7.69 19.06 13.90
CA GLY F 113 -8.66 20.12 14.05
C GLY F 113 -10.05 19.59 14.34
N TYR F 114 -10.37 18.46 13.71
CA TYR F 114 -11.63 17.77 13.95
C TYR F 114 -11.69 17.28 15.38
N LEU F 115 -10.63 16.62 15.86
CA LEU F 115 -10.61 16.19 17.26
C LEU F 115 -10.79 17.37 18.23
N ALA F 116 -10.18 18.52 17.93
CA ALA F 116 -10.27 19.68 18.80
C ALA F 116 -11.70 20.23 18.85
N GLY F 117 -12.33 20.33 17.68
CA GLY F 117 -13.73 20.74 17.58
C GLY F 117 -14.68 19.79 18.29
N MSE F 118 -14.52 18.50 18.05
CA MSE F 118 -15.41 17.50 18.64
C MSE F 118 -15.29 17.51 20.15
O MSE F 118 -16.28 17.32 20.85
CB MSE F 118 -15.10 16.09 18.10
CG MSE F 118 -15.42 15.90 16.60
SE MSE F 118 -17.32 16.18 16.14
CE MSE F 118 -17.99 14.44 16.78
N HIS F 119 -14.08 17.74 20.68
CA HIS F 119 -13.88 17.86 22.13
C HIS F 119 -14.65 19.04 22.70
N LEU F 120 -14.45 20.23 22.14
CA LEU F 120 -15.12 21.42 22.67
C LEU F 120 -16.64 21.29 22.55
N LEU F 121 -17.10 20.77 21.42
CA LEU F 121 -18.52 20.59 21.18
C LEU F 121 -19.13 19.56 22.11
N SER F 122 -18.40 18.50 22.45
CA SER F 122 -18.92 17.47 23.35
C SER F 122 -19.09 18.01 24.76
N LEU F 123 -18.30 19.02 25.13
CA LEU F 123 -18.40 19.66 26.43
C LEU F 123 -19.52 20.69 26.53
N GLY F 124 -20.22 20.93 25.42
CA GLY F 124 -21.37 21.82 25.38
C GLY F 124 -21.08 23.22 24.88
N HIS F 125 -19.83 23.50 24.50
CA HIS F 125 -19.48 24.81 23.97
C HIS F 125 -20.05 24.94 22.57
N GLN F 126 -20.83 25.99 22.33
CA GLN F 126 -21.40 26.21 21.00
CA GLN F 126 -21.45 26.25 21.04
C GLN F 126 -21.00 27.55 20.39
N THR F 127 -20.52 28.48 21.21
CA THR F 127 -19.95 29.72 20.70
C THR F 127 -18.46 29.62 20.96
N ILE F 128 -17.70 29.45 19.89
CA ILE F 128 -16.30 29.10 20.01
C ILE F 128 -15.46 30.09 19.26
N ALA F 129 -14.37 30.50 19.89
CA ALA F 129 -13.40 31.36 19.26
C ALA F 129 -12.25 30.55 18.66
N LEU F 130 -11.85 30.96 17.46
CA LEU F 130 -10.71 30.40 16.75
C LEU F 130 -9.57 31.43 16.77
N VAL F 131 -8.49 31.09 17.47
CA VAL F 131 -7.30 31.94 17.53
C VAL F 131 -6.25 31.37 16.59
N TYR F 132 -5.98 32.07 15.49
CA TYR F 132 -5.18 31.52 14.40
C TYR F 132 -4.34 32.60 13.74
N PRO F 133 -3.23 32.19 13.09
CA PRO F 133 -2.42 33.17 12.38
C PRO F 133 -3.13 33.72 11.17
N GLU F 134 -3.11 35.05 11.06
CA GLU F 134 -3.55 35.72 9.84
C GLU F 134 -2.79 35.10 8.67
N ASN F 135 -3.48 34.82 7.58
CA ASN F 135 -2.85 34.16 6.43
C ASN F 135 -2.16 32.84 6.84
N PRO F 136 -2.95 31.87 7.31
CA PRO F 136 -2.34 30.65 7.84
C PRO F 136 -1.62 29.84 6.78
N PRO F 137 -0.54 29.15 7.16
CA PRO F 137 0.04 28.20 6.20
C PRO F 137 -0.95 27.06 5.91
N GLU F 138 -0.72 26.32 4.83
CA GLU F 138 -1.70 25.32 4.37
C GLU F 138 -2.00 24.24 5.40
N ASN F 139 -1.00 23.80 6.14
CA ASN F 139 -1.21 22.79 7.20
C ASN F 139 -2.13 23.30 8.32
N VAL F 140 -1.96 24.56 8.69
CA VAL F 140 -2.81 25.18 9.71
C VAL F 140 -4.24 25.37 9.18
N HIS F 141 -4.37 25.79 7.92
CA HIS F 141 -5.67 25.84 7.25
C HIS F 141 -6.42 24.51 7.29
N ALA F 142 -5.68 23.42 7.06
CA ALA F 142 -6.26 22.08 7.13
C ALA F 142 -6.82 21.80 8.53
N ARG F 143 -6.15 22.28 9.58
CA ARG F 143 -6.67 22.12 10.95
C ARG F 143 -8.00 22.85 11.10
N ILE F 144 -8.08 24.04 10.54
CA ILE F 144 -9.29 24.85 10.62
C ILE F 144 -10.43 24.16 9.84
N GLU F 145 -10.10 23.57 8.70
CA GLU F 145 -11.09 22.83 7.92
C GLU F 145 -11.62 21.65 8.71
N GLY F 146 -10.74 20.92 9.40
CA GLY F 146 -11.17 19.81 10.25
C GLY F 146 -12.06 20.26 11.37
N PHE F 147 -11.69 21.38 11.98
CA PHE F 147 -12.49 21.98 13.03
C PHE F 147 -13.89 22.34 12.51
N LYS F 148 -13.95 22.94 11.33
CA LYS F 148 -15.23 23.27 10.71
C LYS F 148 -16.06 22.03 10.38
N SER F 149 -15.39 20.93 10.06
CA SER F 149 -16.08 19.66 9.83
C SER F 149 -16.79 19.22 11.10
N ALA F 150 -16.16 19.43 12.26
CA ALA F 150 -16.80 19.09 13.52
C ALA F 150 -18.00 20.00 13.78
N LEU F 151 -17.88 21.28 13.47
CA LEU F 151 -19.05 22.17 13.53
C LEU F 151 -20.21 21.63 12.68
N ASP F 152 -19.89 21.10 11.50
CA ASP F 152 -20.90 20.51 10.61
C ASP F 152 -21.65 19.35 11.24
N VAL F 153 -20.93 18.49 11.94
CA VAL F 153 -21.55 17.38 12.65
C VAL F 153 -22.58 17.87 13.67
N TYR F 154 -22.26 18.97 14.36
CA TYR F 154 -23.15 19.58 15.35
C TYR F 154 -24.10 20.62 14.75
N GLN F 155 -24.11 20.72 13.42
CA GLN F 155 -24.95 21.67 12.69
C GLN F 155 -24.86 23.09 13.24
N ILE F 156 -23.63 23.50 13.57
CA ILE F 156 -23.36 24.86 13.99
C ILE F 156 -22.94 25.63 12.74
N PRO F 157 -23.67 26.72 12.43
CA PRO F 157 -23.33 27.43 11.19
C PRO F 157 -21.98 28.13 11.33
N HIS F 158 -21.11 27.97 10.34
CA HIS F 158 -19.72 28.45 10.42
C HIS F 158 -19.59 29.92 10.80
N ASP F 159 -20.62 30.71 10.51
CA ASP F 159 -20.63 32.13 10.91
C ASP F 159 -20.86 32.40 12.41
N GLN F 160 -21.10 31.36 13.20
CA GLN F 160 -21.24 31.49 14.66
C GLN F 160 -19.89 31.34 15.39
N LEU F 161 -18.85 30.96 14.65
CA LEU F 161 -17.47 31.04 15.10
C LEU F 161 -17.03 32.47 15.34
N ILE F 162 -16.31 32.68 16.42
CA ILE F 162 -15.66 33.96 16.65
C ILE F 162 -14.24 33.87 16.12
N LEU F 163 -13.96 34.60 15.04
CA LEU F 163 -12.65 34.57 14.40
C LEU F 163 -11.71 35.60 14.99
N LEU F 164 -10.58 35.14 15.51
CA LEU F 164 -9.56 36.01 16.10
C LEU F 164 -8.19 35.79 15.43
N PRO F 165 -8.04 36.28 14.19
CA PRO F 165 -6.75 36.20 13.55
C PRO F 165 -5.73 37.08 14.25
N THR F 166 -4.47 36.66 14.29
CA THR F 166 -3.44 37.38 15.03
C THR F 166 -2.06 36.94 14.55
N GLN F 167 -1.00 37.35 15.23
CA GLN F 167 0.35 36.91 14.88
C GLN F 167 0.60 35.51 15.46
N PHE F 168 1.41 34.70 14.77
CA PHE F 168 1.61 33.29 15.16
C PHE F 168 2.66 33.19 16.27
N SER F 169 2.26 33.58 17.48
CA SER F 169 3.20 33.73 18.60
C SER F 169 2.45 33.86 19.91
N LYS F 170 3.18 33.73 21.02
CA LYS F 170 2.63 34.00 22.34
C LYS F 170 2.10 35.43 22.40
N GLN F 171 2.88 36.38 21.90
CA GLN F 171 2.44 37.78 21.85
C GLN F 171 1.13 37.92 21.06
N GLY F 172 1.02 37.17 19.96
CA GLY F 172 -0.19 37.19 19.14
C GLY F 172 -1.42 36.72 19.90
N GLY F 173 -1.28 35.66 20.68
CA GLY F 173 -2.35 35.17 21.53
C GLY F 173 -2.74 36.18 22.61
N TYR F 174 -1.73 36.75 23.26
CA TYR F 174 -1.93 37.76 24.30
C TYR F 174 -2.75 38.93 23.78
N GLN F 175 -2.37 39.41 22.59
CA GLN F 175 -2.95 40.60 22.00
C GLN F 175 -4.40 40.47 21.58
N ILE F 176 -4.92 39.26 21.35
CA ILE F 176 -6.35 39.11 21.02
C ILE F 176 -7.27 38.88 22.22
N THR F 177 -6.71 38.93 23.43
CA THR F 177 -7.50 38.63 24.62
C THR F 177 -8.70 39.57 24.79
N ALA F 178 -8.46 40.87 24.60
CA ALA F 178 -9.51 41.87 24.76
C ALA F 178 -10.67 41.56 23.81
N GLU F 179 -10.35 41.21 22.57
CA GLU F 179 -11.38 40.79 21.61
C GLU F 179 -12.11 39.53 22.08
N LEU F 180 -11.39 38.56 22.61
CA LEU F 180 -12.03 37.37 23.18
C LEU F 180 -13.05 37.72 24.28
N LEU F 181 -12.65 38.60 25.20
CA LEU F 181 -13.48 38.96 26.35
C LEU F 181 -14.72 39.75 25.93
N ASP F 182 -14.62 40.46 24.81
CA ASP F 182 -15.74 41.24 24.28
CA ASP F 182 -15.74 41.24 24.28
C ASP F 182 -16.75 40.35 23.54
N SER F 183 -16.35 39.12 23.24
CA SER F 183 -17.22 38.19 22.49
C SER F 183 -18.05 37.33 23.42
N ALA F 184 -18.92 36.53 22.84
CA ALA F 184 -19.75 35.58 23.58
C ALA F 184 -19.10 34.17 23.70
N ALA F 185 -17.85 34.02 23.26
CA ALA F 185 -17.24 32.70 23.24
C ALA F 185 -17.06 32.15 24.64
N THR F 186 -17.29 30.85 24.80
CA THR F 186 -16.99 30.14 26.03
C THR F 186 -15.85 29.13 25.88
N GLY F 187 -15.57 28.74 24.62
CA GLY F 187 -14.49 27.82 24.30
C GLY F 187 -13.58 28.42 23.25
N VAL F 188 -12.31 27.98 23.27
CA VAL F 188 -11.29 28.52 22.36
C VAL F 188 -10.42 27.40 21.80
N PHE F 189 -10.30 27.39 20.48
CA PHE F 189 -9.31 26.57 19.79
C PHE F 189 -8.18 27.49 19.33
N ALA F 190 -7.03 27.35 19.98
CA ALA F 190 -5.82 28.08 19.59
C ALA F 190 -5.02 27.18 18.65
N LEU F 191 -4.65 27.71 17.48
CA LEU F 191 -4.07 26.88 16.42
C LEU F 191 -2.62 26.42 16.68
N ASN F 192 -2.00 26.91 17.75
CA ASN F 192 -0.86 26.25 18.34
C ASN F 192 -0.73 26.57 19.83
N ASP F 193 0.17 25.87 20.51
CA ASP F 193 0.29 25.98 21.96
C ASP F 193 0.81 27.36 22.35
N GLU F 194 1.71 27.94 21.55
CA GLU F 194 2.23 29.27 21.85
C GLU F 194 1.09 30.30 21.89
N LEU F 195 0.18 30.23 20.93
CA LEU F 195 -1.01 31.10 20.95
C LEU F 195 -1.80 30.91 22.24
N ALA F 196 -1.94 29.67 22.67
CA ALA F 196 -2.66 29.38 23.89
C ALA F 196 -1.99 30.02 25.11
N PHE F 197 -0.65 29.99 25.16
CA PHE F 197 0.07 30.57 26.30
C PHE F 197 -0.16 32.09 26.37
N GLY F 198 -0.23 32.74 25.22
CA GLY F 198 -0.53 34.16 25.15
C GLY F 198 -1.89 34.45 25.73
N LEU F 199 -2.85 33.60 25.40
CA LEU F 199 -4.19 33.68 25.95
C LEU F 199 -4.22 33.46 27.47
N TYR F 200 -3.46 32.48 27.96
CA TYR F 200 -3.35 32.29 29.40
C TYR F 200 -2.94 33.60 30.08
N ARG F 201 -1.89 34.24 29.56
CA ARG F 201 -1.38 35.46 30.15
C ARG F 201 -2.43 36.57 30.16
N GLY F 202 -3.09 36.75 29.02
CA GLY F 202 -4.12 37.76 28.87
C GLY F 202 -5.30 37.54 29.82
N LEU F 203 -5.74 36.29 29.93
CA LEU F 203 -6.88 35.99 30.79
C LEU F 203 -6.52 36.12 32.27
N GLU F 204 -5.33 35.68 32.65
CA GLU F 204 -4.83 35.85 34.03
C GLU F 204 -4.81 37.33 34.42
N GLU F 205 -4.27 38.17 33.54
CA GLU F 205 -4.20 39.61 33.78
C GLU F 205 -5.57 40.27 33.85
N ALA F 206 -6.57 39.68 33.19
CA ALA F 206 -7.94 40.21 33.26
C ALA F 206 -8.73 39.59 34.40
N GLY F 207 -8.06 38.82 35.27
CA GLY F 207 -8.71 38.20 36.42
C GLY F 207 -9.65 37.06 36.07
N LYS F 208 -9.46 36.47 34.89
CA LYS F 208 -10.29 35.33 34.49
C LYS F 208 -9.58 34.04 34.82
N SER F 209 -10.34 32.95 34.86
CA SER F 209 -9.81 31.62 35.18
C SER F 209 -10.07 30.64 34.04
N ILE F 210 -9.17 29.66 33.94
CA ILE F 210 -9.23 28.58 32.96
C ILE F 210 -9.27 27.33 33.83
N PRO F 211 -10.26 26.44 33.63
CA PRO F 211 -11.26 26.51 32.57
C PRO F 211 -12.58 27.22 32.95
N GLU F 212 -12.66 27.79 34.15
CA GLU F 212 -13.95 28.25 34.70
C GLU F 212 -14.62 29.29 33.80
N ASP F 213 -13.85 30.22 33.25
CA ASP F 213 -14.36 31.23 32.32
C ASP F 213 -14.20 30.84 30.85
N TYR F 214 -13.10 30.16 30.52
CA TYR F 214 -12.81 29.77 29.15
C TYR F 214 -12.20 28.40 29.10
N SER F 215 -12.77 27.53 28.28
CA SER F 215 -12.13 26.27 27.92
C SER F 215 -11.19 26.55 26.75
N ILE F 216 -9.96 26.05 26.85
CA ILE F 216 -8.95 26.29 25.82
C ILE F 216 -8.30 24.99 25.41
N ILE F 217 -8.28 24.75 24.09
CA ILE F 217 -7.49 23.68 23.52
C ILE F 217 -6.47 24.25 22.53
N GLY F 218 -5.23 23.78 22.65
CA GLY F 218 -4.12 24.21 21.81
C GLY F 218 -3.79 23.20 20.73
N TYR F 219 -2.56 23.28 20.24
CA TYR F 219 -2.10 22.40 19.17
C TYR F 219 -0.58 22.32 19.18
N ASP F 220 -0.09 21.07 19.26
CA ASP F 220 1.31 20.63 19.05
C ASP F 220 1.69 19.62 20.12
N ASN F 221 1.36 19.94 21.36
CA ASN F 221 1.87 19.27 22.56
C ASN F 221 3.37 19.51 22.79
N ILE F 222 3.80 20.77 22.71
CA ILE F 222 5.19 21.10 23.06
C ILE F 222 5.34 20.86 24.56
N ASP F 223 6.57 20.62 25.02
CA ASP F 223 6.80 20.31 26.45
C ASP F 223 6.15 21.28 27.45
N MSE F 224 6.14 22.56 27.12
CA MSE F 224 5.67 23.59 28.07
C MSE F 224 4.22 23.40 28.48
O MSE F 224 3.80 23.86 29.54
CB MSE F 224 5.94 24.98 27.47
CG MSE F 224 5.74 26.15 28.43
SE MSE F 224 7.25 26.20 29.71
CE MSE F 224 6.41 27.21 31.17
N CYS F 225 3.43 22.68 27.69
CA CYS F 225 2.03 22.38 28.04
C CYS F 225 1.88 21.79 29.43
N GLU F 226 2.90 21.06 29.86
CA GLU F 226 2.89 20.38 31.16
C GLU F 226 3.45 21.23 32.31
N TYR F 227 4.01 22.39 32.00
CA TYR F 227 4.65 23.27 32.99
C TYR F 227 3.82 24.52 33.34
N ILE F 228 2.73 24.75 32.62
CA ILE F 228 1.79 25.81 32.95
C ILE F 228 0.61 25.26 33.76
N LYS F 229 -0.20 26.16 34.31
CA LYS F 229 -1.29 25.77 35.18
C LYS F 229 -2.53 26.59 34.82
N PRO F 230 -3.64 25.94 34.50
CA PRO F 230 -3.74 24.49 34.37
C PRO F 230 -3.00 23.95 33.17
N LYS F 231 -2.58 22.69 33.25
CA LYS F 231 -1.88 22.04 32.15
C LYS F 231 -2.78 22.07 30.91
N LEU F 232 -2.17 22.32 29.77
CA LEU F 232 -2.90 22.62 28.54
C LEU F 232 -3.34 21.35 27.80
N THR F 233 -4.64 21.26 27.59
CA THR F 233 -5.26 20.28 26.72
C THR F 233 -4.94 20.70 25.29
N THR F 234 -4.50 19.73 24.49
CA THR F 234 -3.95 20.02 23.17
C THR F 234 -3.99 18.81 22.25
N ILE F 235 -3.80 19.06 20.96
CA ILE F 235 -3.63 18.01 19.95
C ILE F 235 -2.14 17.79 19.78
N ALA F 236 -1.68 16.58 20.10
CA ALA F 236 -0.27 16.25 20.02
C ALA F 236 0.14 15.89 18.61
N GLN F 237 1.09 16.62 18.04
CA GLN F 237 1.86 16.13 16.91
C GLN F 237 3.02 15.29 17.45
N PRO F 238 3.42 14.24 16.71
CA PRO F 238 4.60 13.50 17.14
C PRO F 238 5.87 14.24 16.66
N ILE F 239 6.26 15.28 17.39
CA ILE F 239 7.23 16.28 16.90
C ILE F 239 8.62 15.69 16.69
N PHE F 240 9.13 15.02 17.72
CA PHE F 240 10.46 14.47 17.67
C PHE F 240 10.52 13.40 16.57
N GLU F 241 9.50 12.54 16.52
CA GLU F 241 9.39 11.48 15.52
C GLU F 241 9.24 12.02 14.11
N LEU F 242 8.54 13.16 13.98
CA LEU F 242 8.44 13.86 12.71
C LEU F 242 9.83 14.23 12.18
N GLY F 243 10.67 14.77 13.06
CA GLY F 243 12.03 15.14 12.71
C GLY F 243 12.85 13.93 12.31
N GLN F 244 12.77 12.89 13.14
CA GLN F 244 13.43 11.63 12.85
C GLN F 244 13.03 11.06 11.50
N THR F 245 11.74 11.09 11.20
CA THR F 245 11.22 10.50 9.97
C THR F 245 11.72 11.28 8.76
N SER F 246 11.73 12.61 8.86
CA SER F 246 12.25 13.45 7.78
C SER F 246 13.73 13.14 7.54
N ALA F 247 14.50 12.93 8.60
CA ALA F 247 15.90 12.60 8.46
C ALA F 247 16.10 11.22 7.81
N LYS F 248 15.35 10.21 8.26
CA LYS F 248 15.47 8.86 7.70
C LYS F 248 15.10 8.84 6.23
N LEU F 249 14.03 9.58 5.87
CA LEU F 249 13.63 9.68 4.45
C LEU F 249 14.75 10.27 3.62
N LEU F 250 15.42 11.28 4.16
CA LEU F 250 16.49 11.93 3.41
C LEU F 250 17.69 10.98 3.27
N LEU F 251 18.06 10.31 4.35
CA LEU F 251 19.16 9.35 4.30
C LEU F 251 18.88 8.22 3.31
N ASP F 252 17.66 7.71 3.31
CA ASP F 252 17.25 6.68 2.35
C ASP F 252 17.30 7.14 0.90
N ARG F 253 16.92 8.39 0.66
CA ARG F 253 16.96 8.98 -0.67
C ARG F 253 18.40 9.12 -1.16
N ILE F 254 19.30 9.50 -0.26
CA ILE F 254 20.71 9.63 -0.58
C ILE F 254 21.31 8.25 -0.89
N GLN F 255 20.92 7.24 -0.13
CA GLN F 255 21.43 5.89 -0.32
C GLN F 255 20.79 5.22 -1.54
N PHE F 256 19.51 5.50 -1.77
CA PHE F 256 18.74 4.89 -2.85
C PHE F 256 18.06 5.98 -3.67
N PRO F 257 18.81 6.62 -4.57
CA PRO F 257 18.30 7.80 -5.28
C PRO F 257 17.02 7.56 -6.08
N GLU F 258 16.76 6.32 -6.49
CA GLU F 258 15.57 6.01 -7.26
C GLU F 258 14.54 5.17 -6.49
N LYS F 259 14.63 5.15 -5.16
CA LYS F 259 13.58 4.54 -4.35
C LYS F 259 12.24 5.26 -4.56
N GLU F 260 11.16 4.59 -4.17
CA GLU F 260 9.82 5.14 -4.25
C GLU F 260 9.74 6.53 -3.60
N TRP F 261 9.09 7.47 -4.30
CA TRP F 261 8.78 8.77 -3.71
C TRP F 261 7.65 8.59 -2.71
N GLU F 262 7.86 9.06 -1.48
CA GLU F 262 6.91 8.85 -0.41
C GLU F 262 6.34 10.15 0.11
N GLU F 263 5.06 10.11 0.47
CA GLU F 263 4.43 11.12 1.29
C GLU F 263 3.90 10.41 2.53
N LYS F 264 4.71 10.41 3.57
CA LYS F 264 4.32 9.77 4.83
C LYS F 264 3.35 10.66 5.58
N ARG F 265 2.44 10.03 6.31
CA ARG F 265 1.48 10.76 7.11
C ARG F 265 1.43 10.16 8.49
N LEU F 266 1.84 10.94 9.49
CA LEU F 266 1.85 10.50 10.88
C LEU F 266 0.57 10.95 11.57
N PRO F 267 0.03 10.11 12.46
CA PRO F 267 -1.19 10.49 13.15
C PRO F 267 -0.95 11.50 14.26
N VAL F 268 -2.02 12.12 14.72
CA VAL F 268 -1.97 12.99 15.87
C VAL F 268 -2.79 12.30 16.95
N ARG F 269 -2.76 12.86 18.16
CA ARG F 269 -3.62 12.38 19.21
C ARG F 269 -4.02 13.45 20.21
N PHE F 270 -5.21 13.26 20.76
CA PHE F 270 -5.77 14.17 21.71
C PHE F 270 -5.06 13.98 23.06
N GLU F 271 -4.58 15.07 23.65
CA GLU F 271 -3.97 15.02 24.98
C GLU F 271 -4.88 15.79 25.91
N LYS F 272 -5.67 15.05 26.69
CA LYS F 272 -6.61 15.61 27.63
C LYS F 272 -5.90 15.95 28.95
N ARG F 273 -5.91 17.24 29.28
CA ARG F 273 -5.34 17.72 30.53
C ARG F 273 -6.41 18.52 31.25
N PHE F 274 -6.15 19.77 31.63
CA PHE F 274 -7.03 20.44 32.60
C PHE F 274 -7.48 21.83 32.20
N SER F 275 -7.36 22.18 30.93
CA SER F 275 -7.71 23.51 30.45
C SER F 275 -9.09 23.59 29.80
N THR F 276 -9.85 22.49 29.81
CA THR F 276 -11.23 22.50 29.34
C THR F 276 -12.17 21.89 30.39
N ALA F 277 -13.45 22.23 30.28
CA ALA F 277 -14.48 21.68 31.18
C ALA F 277 -15.86 21.83 30.55
N PRO F 278 -16.85 21.02 31.02
CA PRO F 278 -18.20 21.15 30.49
C PRO F 278 -18.74 22.55 30.71
N LEU F 279 -19.48 23.07 29.75
CA LEU F 279 -20.07 24.38 29.88
C LEU F 279 -21.18 24.35 30.93
N LYS F 280 -21.14 25.32 31.84
CA LYS F 280 -22.14 25.46 32.91
C LYS F 280 -23.05 26.64 32.62
O5 RIB G . 26.55 -16.58 -33.99
C5 RIB G . 25.84 -17.68 -33.44
C4 RIB G . 26.46 -18.86 -34.03
O4 RIB G . 25.86 -20.05 -33.52
C3 RIB G . 26.21 -18.65 -35.53
O3 RIB G . 27.51 -18.60 -36.11
C2 RIB G . 25.33 -19.82 -35.90
O2 RIB G . 25.69 -20.46 -37.11
C1 RIB G . 25.19 -20.68 -34.63
O1 RIB G . 25.58 -22.03 -34.83
CL CL H . 33.16 0.73 -31.05
CL CL I . 3.79 -34.56 -53.05
CL CL J . 36.38 1.19 -39.52
O5 RIB K . 14.81 -0.39 -26.96
C5 RIB K . 13.51 -0.70 -27.46
C4 RIB K . 12.58 0.22 -26.80
O4 RIB K . 11.22 -0.03 -27.21
C3 RIB K . 12.84 -0.09 -25.33
O3 RIB K . 13.29 1.13 -24.77
C2 RIB K . 11.51 -0.63 -24.84
O2 RIB K . 11.10 -0.03 -23.63
C1 RIB K . 10.55 -0.53 -26.04
O1 RIB K . 9.39 0.21 -25.74
CL CL L . 20.77 -6.65 -22.92
CL CL M . 23.38 -6.29 -26.34
CL CL N . 17.40 -6.27 -14.52
CL CL O . 19.07 -6.37 -17.40
CL CL P . -7.66 -16.52 -5.94
O5 RIB Q . -27.97 -12.35 -0.20
C5 RIB Q . -28.32 -11.09 0.36
C4 RIB Q . -27.61 -10.11 -0.44
O4 RIB Q . -27.91 -8.82 0.07
C3 RIB Q . -26.17 -10.57 -0.25
O3 RIB Q . -25.75 -10.91 -1.56
C2 RIB Q . -25.51 -9.38 0.42
O2 RIB Q . -24.27 -8.99 -0.17
C1 RIB Q . -26.64 -8.32 0.56
O1 RIB Q . -26.30 -7.06 0.02
CL CL R . -31.24 4.55 12.75
CL CL S . -31.64 6.43 10.19
CL CL T . -34.03 -29.87 -4.15
CL CL U . -26.09 -31.89 -8.09
CL CL V . -4.13 5.00 17.95
O5 RIB W . -35.87 -25.89 14.16
C5 RIB W . -35.28 -25.42 15.37
C4 RIB W . -35.88 -26.23 16.43
O4 RIB W . -35.24 -25.90 17.67
C3 RIB W . -37.33 -25.80 16.31
O3 RIB W . -38.02 -26.99 16.02
C2 RIB W . -37.56 -25.08 17.63
O2 RIB W . -38.79 -25.40 18.31
C1 RIB W . -36.27 -25.24 18.43
O1 RIB W . -36.48 -25.82 19.69
CL CL X . -39.59 -19.92 7.76
CL CL Y . -36.55 -21.13 5.02
CL CL Z . -26.94 -14.91 30.26
CL CL AA . -42.88 -32.13 -4.70
O5 RIB BA . 19.53 29.69 29.89
C5 RIB BA . 20.68 29.11 29.29
C4 RIB BA . 21.83 29.47 30.10
O4 RIB BA . 22.98 28.77 29.59
C3 RIB BA . 21.84 30.97 29.85
O3 RIB BA . 21.74 31.52 31.15
C2 RIB BA . 23.12 31.16 29.05
O2 RIB BA . 23.90 32.24 29.54
C1 RIB BA . 23.80 29.79 28.98
O1 RIB BA . 25.12 29.82 29.43
CL CL CA . 1.38 29.04 34.79
O5 RIB DA . 3.61 25.47 16.61
C5 RIB DA . 4.22 25.78 15.40
C4 RIB DA . 3.25 25.53 14.32
O4 RIB DA . 3.57 26.00 13.03
C3 RIB DA . 3.25 24.02 14.37
O3 RIB DA . 1.98 23.70 14.83
C2 RIB DA . 3.71 23.59 13.02
O2 RIB DA . 2.97 22.53 12.44
C1 RIB DA . 3.83 24.89 12.21
O1 RIB DA . 3.23 24.84 10.96
CL CL EA . 18.03 3.48 -5.92
CL CL FA . 8.63 20.42 22.72
CL CL GA . 8.58 23.63 25.46
#